data_9KUF
#
_entry.id   9KUF
#
loop_
_entity.id
_entity.type
_entity.pdbx_description
1 polymer 'ATP-dependent Clp protease proteolytic subunit, mitochondrial'
2 non-polymer 3-[[(7~{R})-2-[(4-bromophenyl)methylamino]-7-methyl-4-oxidanylidene-3,5,7,8-tetrahydropyrido[4,3-d]pyrimidin-6-yl]methyl]benzenecarbonitrile
#
_entity_poly.entity_id   1
_entity_poly.type   'polypeptide(L)'
_entity_poly.pdbx_seq_one_letter_code
;IPIVVEQTGRGERAYDIYSRLLRERIVCVMGPIDDSVASLVIAQLLFLQSESNKKPIHMYINSPGGVVTAGLAIYDTMQY
ILNPICTWCVGQAASMGSLLLAAGTPGMRHSLPNSRIMIHQPSGGARGQATDIAIQAEEIMKLKKQLYNIYAKHTKQSLQ
VIESAMERDRYMSPMEAQEFGILDKVLVHPPQDGEDEPTLVQKEPVEAAPAAEPVPAST
;
_entity_poly.pdbx_strand_id   A,B,C,D,E,F,G,H,I,J,K,L,M,N
#
# COMPACT_ATOMS: atom_id res chain seq x y z
N ILE A 1 11.87 27.31 6.38
CA ILE A 1 13.13 28.00 5.97
C ILE A 1 12.80 29.38 5.42
N PRO A 2 12.51 30.33 6.30
CA PRO A 2 12.18 31.69 5.86
C PRO A 2 13.40 32.42 5.33
N ILE A 3 13.13 33.57 4.71
CA ILE A 3 14.18 34.41 4.13
C ILE A 3 14.69 35.35 5.21
N VAL A 4 16.00 35.41 5.37
CA VAL A 4 16.64 36.27 6.35
C VAL A 4 17.41 37.37 5.61
N VAL A 5 17.94 38.31 6.39
CA VAL A 5 18.71 39.41 5.84
C VAL A 5 20.10 39.45 6.47
N ARG A 13 21.12 39.98 1.31
CA ARG A 13 20.48 40.23 0.01
C ARG A 13 19.58 39.06 -0.38
N ALA A 14 18.43 38.97 0.28
CA ALA A 14 17.44 37.93 0.00
C ALA A 14 18.06 36.54 0.13
N TYR A 15 18.55 36.26 1.33
CA TYR A 15 19.15 34.98 1.67
C TYR A 15 18.26 34.24 2.67
N ASP A 16 18.24 32.92 2.55
CA ASP A 16 17.50 32.07 3.47
C ASP A 16 18.43 31.65 4.61
N ILE A 17 17.95 30.74 5.47
CA ILE A 17 18.74 30.31 6.63
C ILE A 17 19.97 29.55 6.19
N TYR A 18 19.79 28.51 5.36
CA TYR A 18 20.89 27.65 4.97
C TYR A 18 21.88 28.33 4.04
N SER A 19 21.53 29.48 3.46
CA SER A 19 22.47 30.22 2.62
C SER A 19 23.37 31.12 3.47
N ARG A 20 22.78 31.91 4.36
CA ARG A 20 23.59 32.71 5.28
C ARG A 20 24.41 31.83 6.20
N LEU A 21 23.90 30.64 6.52
CA LEU A 21 24.68 29.70 7.33
C LEU A 21 26.01 29.38 6.68
N LEU A 22 26.00 29.11 5.36
CA LEU A 22 27.23 28.83 4.65
C LEU A 22 28.03 30.11 4.42
N ARG A 23 27.39 31.24 4.49
CA ARG A 23 28.12 32.50 4.35
C ARG A 23 28.79 32.88 5.65
N GLU A 24 28.57 32.09 6.69
CA GLU A 24 29.24 32.35 7.95
C GLU A 24 30.32 31.30 8.13
N ARG A 25 30.73 30.62 7.06
CA ARG A 25 31.77 29.59 7.08
C ARG A 25 31.34 28.50 7.93
N ILE A 26 30.06 28.25 7.86
CA ILE A 26 29.50 27.23 8.74
C ILE A 26 28.79 26.19 7.89
N VAL A 27 28.99 24.92 8.20
CA VAL A 27 28.34 23.81 7.53
C VAL A 27 27.67 22.94 8.58
N CYS A 28 26.43 22.53 8.32
CA CYS A 28 25.64 21.76 9.26
C CYS A 28 25.29 20.42 8.64
N VAL A 29 25.81 19.34 9.21
CA VAL A 29 25.48 17.98 8.77
C VAL A 29 24.28 17.55 9.60
N MET A 30 23.09 17.94 9.12
CA MET A 30 21.83 17.69 9.83
C MET A 30 21.15 16.47 9.25
N GLY A 31 20.66 15.60 10.13
CA GLY A 31 19.98 14.39 9.72
C GLY A 31 20.95 13.30 9.32
N PRO A 32 20.42 12.16 8.88
CA PRO A 32 21.30 11.07 8.45
C PRO A 32 22.20 11.51 7.30
N ILE A 33 23.40 10.96 7.28
CA ILE A 33 24.41 11.28 6.26
C ILE A 33 24.22 10.31 5.10
N ASP A 34 23.90 10.86 3.93
CA ASP A 34 23.68 10.07 2.72
C ASP A 34 24.57 10.61 1.60
N ASP A 35 24.42 10.03 0.42
CA ASP A 35 25.23 10.45 -0.72
C ASP A 35 25.01 11.92 -1.04
N SER A 36 23.74 12.35 -1.10
CA SER A 36 23.45 13.74 -1.43
C SER A 36 23.97 14.68 -0.34
N VAL A 37 23.70 14.36 0.92
CA VAL A 37 24.17 15.20 2.02
C VAL A 37 25.69 15.23 2.04
N ALA A 38 26.32 14.08 1.78
CA ALA A 38 27.78 14.03 1.77
C ALA A 38 28.35 14.92 0.67
N SER A 39 27.78 14.82 -0.54
CA SER A 39 28.24 15.66 -1.64
C SER A 39 28.04 17.14 -1.32
N LEU A 40 26.91 17.48 -0.70
CA LEU A 40 26.64 18.87 -0.35
C LEU A 40 27.67 19.37 0.66
N VAL A 41 27.96 18.57 1.68
CA VAL A 41 28.93 18.98 2.70
C VAL A 41 30.31 19.14 2.08
N ILE A 42 30.68 18.21 1.19
CA ILE A 42 31.98 18.30 0.53
C ILE A 42 32.07 19.57 -0.30
N ALA A 43 31.01 19.87 -1.06
CA ALA A 43 31.01 21.06 -1.89
C ALA A 43 31.09 22.32 -1.04
N GLN A 44 30.37 22.35 0.08
CA GLN A 44 30.40 23.51 0.96
C GLN A 44 31.79 23.70 1.57
N LEU A 45 32.41 22.60 2.02
CA LEU A 45 33.75 22.69 2.58
C LEU A 45 34.75 23.21 1.55
N LEU A 46 34.69 22.67 0.34
CA LEU A 46 35.62 23.10 -0.71
C LEU A 46 35.36 24.56 -1.12
N PHE A 47 34.10 24.98 -1.11
CA PHE A 47 33.79 26.38 -1.43
C PHE A 47 34.33 27.31 -0.36
N LEU A 48 34.17 26.93 0.91
CA LEU A 48 34.72 27.75 1.99
C LEU A 48 36.25 27.79 1.91
N GLN A 49 36.87 26.68 1.52
CA GLN A 49 38.30 26.69 1.28
C GLN A 49 38.66 27.70 0.19
N SER A 50 37.96 27.62 -0.94
CA SER A 50 38.22 28.54 -2.04
C SER A 50 38.11 29.99 -1.58
N GLU A 51 37.07 30.30 -0.80
CA GLU A 51 36.89 31.67 -0.31
C GLU A 51 38.12 32.11 0.50
N SER A 52 38.56 31.28 1.44
CA SER A 52 39.74 31.60 2.23
C SER A 52 40.26 30.30 2.85
N ASN A 53 41.49 29.93 2.50
CA ASN A 53 42.09 28.71 3.03
C ASN A 53 42.63 28.89 4.45
N LYS A 54 42.66 30.12 4.96
CA LYS A 54 43.19 30.40 6.28
C LYS A 54 42.11 30.49 7.35
N LYS A 55 40.96 31.09 7.04
CA LYS A 55 39.91 31.25 8.02
C LYS A 55 39.36 29.87 8.43
N PRO A 56 38.89 29.72 9.66
CA PRO A 56 38.36 28.43 10.09
C PRO A 56 37.01 28.14 9.46
N ILE A 57 36.59 26.88 9.57
CA ILE A 57 35.30 26.41 9.08
C ILE A 57 34.60 25.70 10.23
N HIS A 58 33.40 26.17 10.57
CA HIS A 58 32.62 25.57 11.65
C HIS A 58 31.74 24.46 11.08
N MET A 59 31.68 23.34 11.79
CA MET A 59 30.89 22.19 11.38
C MET A 59 29.99 21.79 12.55
N TYR A 60 28.69 22.07 12.42
CA TYR A 60 27.72 21.65 13.41
C TYR A 60 27.31 20.21 13.13
N ILE A 61 27.52 19.34 14.12
CA ILE A 61 27.31 17.90 13.96
C ILE A 61 26.07 17.50 14.73
N ASN A 62 24.99 17.18 14.00
CA ASN A 62 23.76 16.65 14.59
C ASN A 62 23.21 15.63 13.60
N SER A 63 23.56 14.36 13.82
CA SER A 63 23.15 13.28 12.93
C SER A 63 22.91 12.01 13.73
N PRO A 64 21.84 11.26 13.46
CA PRO A 64 21.64 9.97 14.14
C PRO A 64 22.38 8.80 13.52
N GLY A 65 23.32 9.04 12.63
CA GLY A 65 24.06 7.98 11.96
C GLY A 65 24.50 8.39 10.57
N GLY A 66 24.20 7.54 9.57
CA GLY A 66 24.51 7.82 8.19
C GLY A 66 25.20 6.64 7.55
N VAL A 67 25.79 6.90 6.39
CA VAL A 67 26.50 5.87 5.62
C VAL A 67 27.97 5.93 5.97
N VAL A 68 28.65 4.78 5.94
CA VAL A 68 30.06 4.74 6.28
C VAL A 68 30.89 5.44 5.22
N THR A 69 30.65 5.12 3.94
CA THR A 69 31.39 5.74 2.86
C THR A 69 31.17 7.24 2.82
N ALA A 70 29.94 7.69 3.09
CA ALA A 70 29.65 9.12 3.12
C ALA A 70 30.47 9.83 4.19
N GLY A 71 30.49 9.28 5.40
CA GLY A 71 31.27 9.88 6.46
C GLY A 71 32.76 9.86 6.17
N LEU A 72 33.24 8.78 5.57
CA LEU A 72 34.66 8.71 5.23
C LEU A 72 35.01 9.75 4.16
N ALA A 73 34.10 9.97 3.20
CA ALA A 73 34.34 11.00 2.20
C ALA A 73 34.37 12.39 2.84
N ILE A 74 33.44 12.64 3.75
CA ILE A 74 33.42 13.93 4.45
C ILE A 74 34.72 14.12 5.23
N TYR A 75 35.20 13.05 5.87
CA TYR A 75 36.43 13.13 6.64
C TYR A 75 37.62 13.39 5.73
N ASP A 76 37.68 12.71 4.58
CA ASP A 76 38.77 12.93 3.64
C ASP A 76 38.76 14.36 3.12
N THR A 77 37.58 14.91 2.84
CA THR A 77 37.50 16.29 2.40
C THR A 77 37.94 17.25 3.50
N MET A 78 37.52 16.99 4.73
CA MET A 78 37.95 17.83 5.85
C MET A 78 39.47 17.83 5.98
N GLN A 79 40.08 16.65 5.92
CA GLN A 79 41.53 16.56 6.08
C GLN A 79 42.26 17.13 4.87
N TYR A 80 41.66 17.07 3.69
CA TYR A 80 42.32 17.59 2.49
C TYR A 80 42.46 19.10 2.54
N ILE A 81 41.36 19.80 2.82
CA ILE A 81 41.40 21.26 2.86
C ILE A 81 42.31 21.72 4.00
N LEU A 82 43.01 22.83 3.78
CA LEU A 82 43.95 23.37 4.75
C LEU A 82 43.29 24.31 5.76
N ASN A 83 41.95 24.26 5.88
CA ASN A 83 41.25 25.12 6.81
C ASN A 83 41.06 24.41 8.15
N PRO A 84 41.31 25.05 9.28
CA PRO A 84 41.06 24.40 10.57
C PRO A 84 39.57 24.22 10.79
N ILE A 85 39.17 22.99 11.12
CA ILE A 85 37.76 22.63 11.25
C ILE A 85 37.39 22.68 12.72
N CYS A 86 36.45 23.55 13.08
CA CYS A 86 35.91 23.63 14.43
C CYS A 86 34.63 22.81 14.47
N THR A 87 34.70 21.62 15.04
CA THR A 87 33.56 20.71 15.10
C THR A 87 32.76 20.99 16.37
N TRP A 88 31.55 21.51 16.20
CA TRP A 88 30.66 21.82 17.32
C TRP A 88 29.56 20.76 17.36
N CYS A 89 29.50 20.02 18.47
CA CYS A 89 28.49 18.99 18.66
C CYS A 89 27.23 19.65 19.21
N VAL A 90 26.36 20.06 18.30
CA VAL A 90 25.11 20.72 18.65
C VAL A 90 24.01 19.66 18.57
N GLY A 91 23.75 19.02 19.70
CA GLY A 91 22.74 17.97 19.77
C GLY A 91 23.35 16.61 20.04
N GLN A 92 23.05 15.63 19.18
CA GLN A 92 23.57 14.29 19.30
C GLN A 92 24.60 14.04 18.21
N ALA A 93 25.59 13.20 18.55
CA ALA A 93 26.67 12.84 17.63
C ALA A 93 26.73 11.32 17.55
N ALA A 94 26.11 10.76 16.52
CA ALA A 94 26.12 9.32 16.32
C ALA A 94 27.52 8.87 15.91
N SER A 95 27.66 7.57 15.66
CA SER A 95 28.94 6.99 15.29
C SER A 95 29.58 7.76 14.14
N MET A 96 28.88 7.85 13.01
CA MET A 96 29.44 8.54 11.85
C MET A 96 29.65 10.02 12.13
N GLY A 97 28.75 10.65 12.88
CA GLY A 97 28.90 12.04 13.25
C GLY A 97 29.97 12.22 14.32
N SER A 98 30.09 11.23 15.20
CA SER A 98 31.11 11.30 16.24
C SER A 98 32.51 11.22 15.63
N LEU A 99 32.66 10.44 14.56
CA LEU A 99 33.94 10.41 13.86
C LEU A 99 34.32 11.81 13.38
N LEU A 100 33.41 12.47 12.65
CA LEU A 100 33.68 13.82 12.19
C LEU A 100 33.94 14.77 13.35
N LEU A 101 33.23 14.59 14.46
CA LEU A 101 33.47 15.40 15.64
C LEU A 101 34.88 15.21 16.17
N ALA A 102 35.40 13.98 16.10
CA ALA A 102 36.77 13.71 16.54
C ALA A 102 37.79 14.09 15.48
N ALA A 103 37.38 14.15 14.21
CA ALA A 103 38.27 14.50 13.11
C ALA A 103 38.53 15.99 13.00
N GLY A 104 38.12 16.79 13.99
CA GLY A 104 38.36 18.21 13.95
C GLY A 104 39.79 18.58 14.32
N THR A 105 40.08 19.87 14.21
CA THR A 105 41.41 20.35 14.52
C THR A 105 41.70 20.16 16.01
N PRO A 106 42.88 19.69 16.38
CA PRO A 106 43.20 19.56 17.82
C PRO A 106 43.06 20.91 18.52
N GLY A 107 42.12 20.96 19.46
CA GLY A 107 41.85 22.18 20.21
C GLY A 107 40.67 22.98 19.73
N MET A 108 39.86 22.45 18.80
CA MET A 108 38.69 23.14 18.28
C MET A 108 37.48 22.22 18.19
N ARG A 109 37.46 21.15 18.97
CA ARG A 109 36.35 20.20 19.00
C ARG A 109 35.52 20.50 20.24
N HIS A 110 34.45 21.29 20.05
CA HIS A 110 33.62 21.74 21.16
C HIS A 110 32.28 21.02 21.15
N SER A 111 31.58 21.08 22.28
CA SER A 111 30.27 20.46 22.41
C SER A 111 29.45 21.29 23.39
N LEU A 112 28.20 20.86 23.60
CA LEU A 112 27.28 21.54 24.49
C LEU A 112 27.01 20.70 25.73
N PRO A 113 26.48 21.31 26.79
CA PRO A 113 26.30 20.54 28.04
C PRO A 113 25.45 19.29 27.88
N ASN A 114 24.34 19.38 27.17
CA ASN A 114 23.41 18.27 27.02
C ASN A 114 23.63 17.47 25.74
N SER A 115 24.82 17.58 25.14
CA SER A 115 25.10 16.83 23.92
C SER A 115 25.37 15.36 24.24
N ARG A 116 25.06 14.49 23.28
CA ARG A 116 25.25 13.05 23.41
C ARG A 116 26.12 12.57 22.26
N ILE A 117 27.22 11.89 22.60
CA ILE A 117 28.17 11.38 21.62
C ILE A 117 28.18 9.87 21.70
N MET A 118 28.12 9.21 20.54
CA MET A 118 28.16 7.76 20.46
C MET A 118 29.14 7.34 19.37
N ILE A 119 29.89 6.27 19.63
CA ILE A 119 30.88 5.74 18.71
C ILE A 119 30.72 4.24 18.50
N HIS A 120 29.58 3.68 18.91
CA HIS A 120 29.40 2.23 18.82
C HIS A 120 29.49 1.75 17.37
N GLN A 121 28.94 2.53 16.44
CA GLN A 121 28.94 2.16 15.03
C GLN A 121 28.17 0.84 14.85
N PRO A 122 26.84 0.85 15.02
CA PRO A 122 26.09 -0.40 14.95
C PRO A 122 26.01 -0.95 13.53
N SER A 123 27.10 -1.54 13.06
CA SER A 123 27.16 -2.12 11.72
C SER A 123 27.78 -3.51 11.77
N ILE A 135 25.41 -6.55 0.45
CA ILE A 135 26.07 -6.70 1.75
C ILE A 135 27.45 -7.30 1.55
N GLN A 136 28.44 -6.74 2.24
CA GLN A 136 29.83 -7.21 2.15
C GLN A 136 30.45 -7.10 3.54
N ALA A 137 30.61 -8.24 4.21
CA ALA A 137 31.16 -8.25 5.56
C ALA A 137 32.60 -7.74 5.59
N GLU A 138 33.43 -8.24 4.66
CA GLU A 138 34.82 -7.83 4.64
C GLU A 138 34.97 -6.34 4.36
N GLU A 139 34.14 -5.78 3.50
CA GLU A 139 34.21 -4.35 3.21
C GLU A 139 33.92 -3.53 4.46
N ILE A 140 32.80 -3.84 5.14
CA ILE A 140 32.46 -3.09 6.35
C ILE A 140 33.49 -3.31 7.44
N MET A 141 34.14 -4.48 7.46
CA MET A 141 35.19 -4.72 8.45
C MET A 141 36.40 -3.84 8.17
N LYS A 142 36.83 -3.76 6.91
CA LYS A 142 37.94 -2.87 6.57
C LYS A 142 37.57 -1.42 6.85
N LEU A 143 36.31 -1.04 6.63
CA LEU A 143 35.88 0.31 6.96
C LEU A 143 35.95 0.55 8.47
N LYS A 144 35.54 -0.43 9.26
CA LYS A 144 35.66 -0.32 10.71
C LYS A 144 37.13 -0.18 11.13
N LYS A 145 38.02 -0.90 10.46
CA LYS A 145 39.45 -0.79 10.77
C LYS A 145 39.96 0.61 10.43
N GLN A 146 39.54 1.15 9.29
CA GLN A 146 39.92 2.50 8.93
C GLN A 146 39.40 3.51 9.96
N LEU A 147 38.17 3.30 10.44
CA LEU A 147 37.63 4.18 11.47
C LEU A 147 38.42 4.07 12.77
N TYR A 148 38.80 2.85 13.15
CA TYR A 148 39.65 2.67 14.32
C TYR A 148 40.96 3.44 14.17
N ASN A 149 41.58 3.35 12.99
CA ASN A 149 42.83 4.06 12.75
C ASN A 149 42.63 5.56 12.84
N ILE A 150 41.54 6.07 12.26
CA ILE A 150 41.28 7.51 12.30
C ILE A 150 41.09 7.97 13.74
N TYR A 151 40.34 7.19 14.52
CA TYR A 151 40.14 7.53 15.93
C TYR A 151 41.46 7.53 16.69
N ALA A 152 42.27 6.49 16.51
CA ALA A 152 43.56 6.44 17.19
C ALA A 152 44.44 7.60 16.79
N LYS A 153 44.31 8.08 15.55
CA LYS A 153 45.10 9.22 15.11
C LYS A 153 44.63 10.51 15.76
N HIS A 154 43.34 10.81 15.65
CA HIS A 154 42.84 12.11 16.11
C HIS A 154 42.69 12.15 17.63
N THR A 155 42.16 11.07 18.22
CA THR A 155 41.94 11.05 19.66
C THR A 155 43.21 10.80 20.46
N LYS A 156 44.34 10.53 19.79
CA LYS A 156 45.60 10.24 20.47
C LYS A 156 45.45 9.06 21.42
N GLN A 157 44.77 8.01 20.96
CA GLN A 157 44.54 6.80 21.75
C GLN A 157 45.09 5.60 20.97
N SER A 158 44.94 4.42 21.56
CA SER A 158 45.40 3.17 20.96
C SER A 158 44.24 2.48 20.24
N LEU A 159 44.59 1.44 19.50
CA LEU A 159 43.57 0.70 18.75
C LEU A 159 42.73 -0.16 19.68
N GLN A 160 43.35 -0.75 20.71
CA GLN A 160 42.61 -1.63 21.60
C GLN A 160 41.52 -0.87 22.35
N VAL A 161 41.87 0.29 22.91
CA VAL A 161 40.89 1.07 23.66
C VAL A 161 39.77 1.56 22.74
N ILE A 162 40.13 1.95 21.51
CA ILE A 162 39.11 2.42 20.57
C ILE A 162 38.15 1.30 20.22
N GLU A 163 38.69 0.09 19.99
CA GLU A 163 37.82 -1.04 19.69
C GLU A 163 36.92 -1.37 20.89
N SER A 164 37.49 -1.38 22.09
CA SER A 164 36.69 -1.67 23.28
C SER A 164 35.58 -0.63 23.46
N ALA A 165 35.87 0.64 23.17
CA ALA A 165 34.85 1.67 23.32
C ALA A 165 33.77 1.56 22.26
N MET A 166 34.16 1.35 21.00
CA MET A 166 33.19 1.23 19.92
C MET A 166 32.43 -0.09 19.96
N GLU A 167 32.86 -1.05 20.76
CA GLU A 167 32.12 -2.30 20.92
C GLU A 167 30.95 -2.16 21.88
N ARG A 168 30.92 -1.11 22.69
CA ARG A 168 29.84 -0.87 23.64
C ARG A 168 28.82 0.07 23.03
N ASP A 169 27.54 -0.26 23.18
CA ASP A 169 26.44 0.57 22.68
C ASP A 169 26.01 1.51 23.80
N ARG A 170 26.52 2.74 23.74
CA ARG A 170 26.22 3.73 24.75
C ARG A 170 26.62 5.11 24.24
N TYR A 171 26.13 6.14 24.92
CA TYR A 171 26.41 7.53 24.58
C TYR A 171 27.32 8.13 25.64
N MET A 172 28.39 8.78 25.19
CA MET A 172 29.31 9.44 26.10
C MET A 172 28.85 10.87 26.39
N SER A 173 29.19 11.35 27.59
CA SER A 173 28.86 12.72 27.96
C SER A 173 29.93 13.67 27.46
N PRO A 174 29.63 14.98 27.41
CA PRO A 174 30.64 15.94 26.94
C PRO A 174 31.97 15.83 27.67
N MET A 175 31.95 15.71 29.00
CA MET A 175 33.20 15.57 29.74
C MET A 175 33.87 14.23 29.47
N GLU A 176 33.06 13.16 29.35
CA GLU A 176 33.62 11.86 29.04
C GLU A 176 34.28 11.87 27.65
N ALA A 177 33.60 12.45 26.67
CA ALA A 177 34.17 12.55 25.33
C ALA A 177 35.37 13.49 25.28
N GLN A 178 35.43 14.49 26.16
CA GLN A 178 36.57 15.38 26.20
C GLN A 178 37.80 14.69 26.80
N GLU A 179 37.59 13.91 27.87
CA GLU A 179 38.70 13.21 28.49
C GLU A 179 39.12 11.98 27.68
N PHE A 180 38.22 11.45 26.85
CA PHE A 180 38.57 10.29 26.04
C PHE A 180 39.37 10.69 24.80
N GLY A 181 39.22 11.92 24.33
CA GLY A 181 39.92 12.41 23.16
C GLY A 181 39.04 12.84 22.02
N ILE A 182 37.72 12.63 22.13
CA ILE A 182 36.81 13.03 21.06
C ILE A 182 36.62 14.53 21.04
N LEU A 183 36.51 15.14 22.22
CA LEU A 183 36.29 16.58 22.36
C LEU A 183 37.49 17.23 23.02
N ASP A 184 37.56 18.55 22.92
CA ASP A 184 38.61 19.36 23.52
C ASP A 184 38.08 20.30 24.60
N LYS A 185 36.96 20.97 24.33
CA LYS A 185 36.35 21.90 25.28
C LYS A 185 34.86 21.62 25.39
N VAL A 186 34.31 21.95 26.55
CA VAL A 186 32.88 21.80 26.82
C VAL A 186 32.40 23.16 27.32
N LEU A 187 31.90 23.99 26.41
CA LEU A 187 31.48 25.34 26.74
C LEU A 187 29.98 25.39 27.03
N VAL A 188 29.62 26.24 27.97
CA VAL A 188 28.22 26.51 28.30
C VAL A 188 27.77 27.86 27.74
N HIS A 189 28.65 28.86 27.79
CA HIS A 189 28.36 30.18 27.26
C HIS A 189 29.62 30.67 26.56
N PRO A 190 29.48 31.62 25.64
CA PRO A 190 30.68 32.16 24.96
C PRO A 190 31.65 32.75 25.97
N PRO A 191 32.92 32.89 25.59
CA PRO A 191 33.91 33.39 26.55
C PRO A 191 33.57 34.79 27.04
N GLN A 192 33.31 34.90 28.34
CA GLN A 192 32.95 36.18 28.94
C GLN A 192 34.18 36.87 29.51
N ILE B 1 0.11 30.25 3.76
CA ILE B 1 1.33 31.09 3.98
C ILE B 1 1.47 32.13 2.87
N PRO B 2 0.54 33.09 2.82
CA PRO B 2 0.58 34.12 1.79
C PRO B 2 1.69 35.13 2.06
N ILE B 3 1.94 35.96 1.05
CA ILE B 3 2.96 37.00 1.14
C ILE B 3 2.34 38.25 1.75
N VAL B 4 2.98 38.78 2.79
CA VAL B 4 2.51 39.97 3.49
C VAL B 4 3.50 41.10 3.24
N VAL B 5 2.98 42.32 3.15
CA VAL B 5 3.80 43.49 2.93
C VAL B 5 3.52 44.55 3.99
N ARG B 13 8.70 44.35 2.19
CA ARG B 13 9.29 44.10 0.88
C ARG B 13 9.07 42.65 0.46
N ALA B 14 7.81 42.29 0.25
CA ALA B 14 7.44 40.94 -0.20
C ALA B 14 7.96 39.88 0.78
N TYR B 15 7.53 40.00 2.03
CA TYR B 15 7.91 39.06 3.07
C TYR B 15 6.82 38.01 3.27
N ASP B 16 7.24 36.79 3.55
CA ASP B 16 6.30 35.71 3.85
C ASP B 16 5.83 35.83 5.30
N ILE B 17 4.70 35.18 5.59
CA ILE B 17 4.13 35.24 6.93
C ILE B 17 5.15 34.75 7.96
N TYR B 18 5.98 33.77 7.59
CA TYR B 18 7.01 33.26 8.48
C TYR B 18 8.34 33.98 8.33
N SER B 19 8.51 34.78 7.28
CA SER B 19 9.74 35.55 7.10
C SER B 19 9.73 36.84 7.91
N ARG B 20 8.66 37.64 7.78
CA ARG B 20 8.53 38.83 8.59
C ARG B 20 8.40 38.49 10.06
N LEU B 21 7.88 37.30 10.37
CA LEU B 21 7.77 36.86 11.76
C LEU B 21 9.14 36.87 12.43
N LEU B 22 10.14 36.27 11.78
CA LEU B 22 11.49 36.25 12.35
C LEU B 22 12.10 37.64 12.41
N ARG B 23 11.59 38.55 11.62
CA ARG B 23 12.09 39.91 11.65
C ARG B 23 11.52 40.64 12.84
N GLU B 24 10.73 39.94 13.64
CA GLU B 24 10.22 40.54 14.85
C GLU B 24 10.89 39.91 16.03
N ARG B 25 12.03 39.24 15.86
CA ARG B 25 12.80 38.61 16.93
C ARG B 25 12.00 37.56 17.54
N ILE B 26 11.33 36.83 16.71
CA ILE B 26 10.39 35.81 17.19
C ILE B 26 10.71 34.51 16.47
N VAL B 27 10.91 33.44 17.23
CA VAL B 27 11.19 32.12 16.69
C VAL B 27 10.15 31.16 17.24
N CYS B 28 9.20 30.77 16.39
CA CYS B 28 8.08 29.92 16.79
C CYS B 28 8.39 28.47 16.48
N VAL B 29 8.16 27.60 17.45
CA VAL B 29 8.34 26.16 17.26
C VAL B 29 6.97 25.51 17.14
N MET B 30 6.49 25.35 15.92
CA MET B 30 5.17 24.80 15.64
C MET B 30 5.30 23.35 15.22
N GLY B 31 4.46 22.49 15.81
CA GLY B 31 4.44 21.10 15.47
C GLY B 31 5.50 20.31 16.20
N PRO B 32 5.60 19.01 15.92
CA PRO B 32 6.63 18.19 16.57
C PRO B 32 8.02 18.72 16.29
N ILE B 33 8.89 18.59 17.30
CA ILE B 33 10.26 19.06 17.21
C ILE B 33 11.11 17.93 16.65
N ASP B 34 11.63 18.13 15.43
CA ASP B 34 12.47 17.15 14.76
C ASP B 34 13.85 17.76 14.51
N ASP B 35 14.70 16.99 13.81
CA ASP B 35 16.05 17.46 13.53
C ASP B 35 16.03 18.72 12.69
N SER B 36 15.23 18.74 11.63
CA SER B 36 15.17 19.91 10.76
C SER B 36 14.60 21.12 11.52
N VAL B 37 13.52 20.92 12.27
CA VAL B 37 12.93 22.02 13.02
C VAL B 37 13.91 22.54 14.06
N ALA B 38 14.62 21.62 14.73
CA ALA B 38 15.60 22.04 15.73
C ALA B 38 16.72 22.85 15.09
N SER B 39 17.23 22.39 13.95
CA SER B 39 18.29 23.12 13.26
C SER B 39 17.80 24.50 12.84
N LEU B 40 16.57 24.58 12.34
CA LEU B 40 16.03 25.87 11.92
C LEU B 40 15.88 26.82 13.11
N VAL B 41 15.38 26.31 14.23
CA VAL B 41 15.23 27.15 15.42
C VAL B 41 16.59 27.63 15.92
N ILE B 42 17.59 26.74 15.90
CA ILE B 42 18.92 27.12 16.35
C ILE B 42 19.50 28.20 15.44
N ALA B 43 19.33 28.03 14.12
CA ALA B 43 19.83 29.03 13.19
C ALA B 43 19.14 30.37 13.38
N GLN B 44 17.83 30.35 13.60
CA GLN B 44 17.10 31.59 13.81
C GLN B 44 17.54 32.27 15.11
N LEU B 45 17.74 31.50 16.16
CA LEU B 45 18.21 32.08 17.43
C LEU B 45 19.58 32.71 17.26
N LEU B 46 20.49 32.00 16.56
CA LEU B 46 21.83 32.56 16.35
C LEU B 46 21.78 33.80 15.47
N PHE B 47 20.89 33.82 14.46
CA PHE B 47 20.76 35.00 13.63
C PHE B 47 20.24 36.19 14.44
N LEU B 48 19.25 35.95 15.31
CA LEU B 48 18.74 37.03 16.15
C LEU B 48 19.80 37.52 17.12
N GLN B 49 20.61 36.60 17.64
CA GLN B 49 21.75 37.01 18.47
C GLN B 49 22.70 37.91 17.69
N SER B 50 23.05 37.51 16.47
CA SER B 50 23.94 38.32 15.65
C SER B 50 23.35 39.70 15.39
N GLU B 51 22.06 39.76 15.08
CA GLU B 51 21.41 41.06 14.87
C GLU B 51 21.50 41.93 16.11
N SER B 52 21.32 41.33 17.29
CA SER B 52 21.43 42.06 18.55
C SER B 52 21.55 41.04 19.67
N ASN B 53 22.59 41.18 20.50
CA ASN B 53 22.85 40.25 21.59
C ASN B 53 22.19 40.68 22.90
N LYS B 54 21.49 41.81 22.92
CA LYS B 54 20.86 42.31 24.14
C LYS B 54 19.35 42.47 24.01
N LYS B 55 18.81 42.58 22.80
CA LYS B 55 17.37 42.67 22.64
C LYS B 55 16.73 41.33 22.94
N PRO B 56 15.49 41.31 23.41
CA PRO B 56 14.84 40.04 23.74
C PRO B 56 14.44 39.26 22.50
N ILE B 57 14.28 37.96 22.68
CA ILE B 57 13.85 37.05 21.62
C ILE B 57 12.62 36.31 22.12
N HIS B 58 11.52 36.41 21.37
CA HIS B 58 10.28 35.74 21.72
C HIS B 58 10.24 34.35 21.10
N MET B 59 9.66 33.40 21.81
CA MET B 59 9.56 32.01 21.34
C MET B 59 8.14 31.51 21.62
N TYR B 60 7.35 31.34 20.57
CA TYR B 60 6.01 30.77 20.69
C TYR B 60 6.12 29.25 20.68
N ILE B 61 5.63 28.61 21.73
CA ILE B 61 5.78 27.17 21.92
C ILE B 61 4.42 26.52 21.73
N ASN B 62 4.25 25.79 20.62
CA ASN B 62 3.05 25.01 20.35
C ASN B 62 3.52 23.72 19.68
N SER B 63 3.74 22.67 20.49
CA SER B 63 4.26 21.40 19.99
C SER B 63 3.65 20.26 20.79
N PRO B 64 3.20 19.18 20.13
CA PRO B 64 2.70 18.02 20.86
C PRO B 64 3.78 17.05 21.33
N GLY B 65 5.05 17.45 21.27
CA GLY B 65 6.14 16.58 21.68
C GLY B 65 7.42 16.89 20.94
N GLY B 66 8.04 15.86 20.35
CA GLY B 66 9.25 16.01 19.58
C GLY B 66 10.31 15.04 20.05
N VAL B 67 11.54 15.30 19.62
CA VAL B 67 12.68 14.46 19.97
C VAL B 67 13.37 15.06 21.20
N VAL B 68 13.86 14.18 22.08
CA VAL B 68 14.52 14.65 23.30
C VAL B 68 15.81 15.38 22.95
N THR B 69 16.62 14.79 22.07
CA THR B 69 17.88 15.42 21.68
C THR B 69 17.63 16.76 20.99
N ALA B 70 16.58 16.86 20.19
CA ALA B 70 16.26 18.13 19.54
C ALA B 70 15.94 19.21 20.56
N GLY B 71 15.08 18.89 21.52
CA GLY B 71 14.76 19.86 22.56
C GLY B 71 15.97 20.23 23.40
N LEU B 72 16.84 19.26 23.67
CA LEU B 72 18.05 19.56 24.43
C LEU B 72 18.98 20.48 23.65
N ALA B 73 19.09 20.27 22.34
CA ALA B 73 19.90 21.16 21.52
C ALA B 73 19.32 22.56 21.50
N ILE B 74 18.01 22.66 21.36
CA ILE B 74 17.36 23.98 21.37
C ILE B 74 17.60 24.68 22.70
N TYR B 75 17.51 23.92 23.81
CA TYR B 75 17.74 24.49 25.12
C TYR B 75 19.18 24.96 25.28
N ASP B 76 20.13 24.16 24.80
CA ASP B 76 21.54 24.55 24.88
C ASP B 76 21.80 25.80 24.07
N THR B 77 21.18 25.92 22.89
CA THR B 77 21.34 27.12 22.09
C THR B 77 20.73 28.34 22.79
N MET B 78 19.54 28.16 23.37
CA MET B 78 18.91 29.25 24.11
C MET B 78 19.80 29.73 25.25
N GLN B 79 20.36 28.80 26.02
CA GLN B 79 21.21 29.18 27.13
C GLN B 79 22.54 29.74 26.67
N TYR B 80 22.99 29.37 25.46
CA TYR B 80 24.27 29.85 24.95
C TYR B 80 24.20 31.33 24.60
N ILE B 81 23.16 31.73 23.86
CA ILE B 81 23.03 33.12 23.45
C ILE B 81 22.73 33.99 24.66
N LEU B 82 23.23 35.22 24.63
CA LEU B 82 23.08 36.16 25.74
C LEU B 82 21.80 36.98 25.63
N ASN B 83 20.82 36.55 24.84
CA ASN B 83 19.58 37.29 24.70
C ASN B 83 18.53 36.73 25.65
N PRO B 84 17.75 37.58 26.32
CA PRO B 84 16.69 37.07 27.20
C PRO B 84 15.56 36.47 26.36
N ILE B 85 15.13 35.26 26.73
CA ILE B 85 14.15 34.51 25.96
C ILE B 85 12.80 34.66 26.64
N CYS B 86 11.82 35.17 25.90
CA CYS B 86 10.44 35.28 26.38
C CYS B 86 9.65 34.14 25.77
N THR B 87 9.36 33.12 26.57
CA THR B 87 8.67 31.92 26.11
C THR B 87 7.17 32.11 26.32
N TRP B 88 6.41 32.11 25.21
CA TRP B 88 4.96 32.26 25.23
C TRP B 88 4.33 30.93 24.82
N CYS B 89 3.55 30.34 25.71
CA CYS B 89 2.86 29.07 25.44
C CYS B 89 1.55 29.39 24.73
N VAL B 90 1.62 29.54 23.41
CA VAL B 90 0.46 29.84 22.58
C VAL B 90 -0.05 28.49 22.08
N GLY B 91 -0.94 27.88 22.85
CA GLY B 91 -1.49 26.58 22.51
C GLY B 91 -1.22 25.55 23.60
N GLN B 92 -0.41 24.54 23.29
CA GLN B 92 -0.03 23.51 24.25
C GLN B 92 1.49 23.48 24.38
N ALA B 93 1.93 22.88 25.48
CA ALA B 93 3.37 22.72 25.78
C ALA B 93 3.58 21.27 26.20
N ALA B 94 4.05 20.46 25.27
CA ALA B 94 4.32 19.05 25.54
C ALA B 94 5.61 18.96 26.38
N SER B 95 6.10 17.73 26.57
CA SER B 95 7.31 17.50 27.36
C SER B 95 8.43 18.44 26.93
N MET B 96 8.86 18.34 25.67
CA MET B 96 9.93 19.20 25.18
C MET B 96 9.46 20.65 25.08
N GLY B 97 8.23 20.87 24.63
CA GLY B 97 7.70 22.21 24.58
C GLY B 97 7.63 22.85 25.96
N SER B 98 7.16 22.10 26.95
CA SER B 98 7.10 22.61 28.31
C SER B 98 8.49 22.85 28.88
N LEU B 99 9.45 22.00 28.52
CA LEU B 99 10.83 22.21 28.95
C LEU B 99 11.38 23.52 28.40
N LEU B 100 11.23 23.73 27.09
CA LEU B 100 11.67 24.98 26.48
C LEU B 100 10.93 26.17 27.09
N LEU B 101 9.65 25.98 27.46
CA LEU B 101 8.90 27.05 28.10
C LEU B 101 9.52 27.42 29.45
N ALA B 102 9.82 26.41 30.27
CA ALA B 102 10.46 26.65 31.56
C ALA B 102 11.89 27.13 31.41
N ALA B 103 12.52 26.87 30.25
CA ALA B 103 13.90 27.27 30.01
C ALA B 103 14.04 28.75 29.68
N GLY B 104 12.98 29.54 29.81
CA GLY B 104 13.06 30.96 29.52
C GLY B 104 13.66 31.74 30.66
N THR B 105 13.85 33.04 30.41
CA THR B 105 14.45 33.91 31.41
C THR B 105 13.49 34.05 32.60
N PRO B 106 13.99 34.01 33.83
CA PRO B 106 13.10 34.21 34.99
C PRO B 106 12.39 35.55 34.91
N GLY B 107 11.07 35.50 34.88
CA GLY B 107 10.24 36.69 34.78
C GLY B 107 9.75 37.01 33.38
N MET B 108 9.98 36.13 32.40
CA MET B 108 9.53 36.34 31.04
C MET B 108 8.85 35.11 30.46
N ARG B 109 8.48 34.15 31.31
CA ARG B 109 7.82 32.93 30.87
C ARG B 109 6.31 33.12 31.00
N HIS B 110 5.72 33.69 29.95
CA HIS B 110 4.30 34.01 29.94
C HIS B 110 3.51 32.85 29.34
N SER B 111 2.19 33.04 29.25
CA SER B 111 1.29 32.03 28.68
C SER B 111 -0.05 32.69 28.43
N LEU B 112 -1.01 31.89 27.94
CA LEU B 112 -2.36 32.35 27.65
C LEU B 112 -3.37 31.63 28.54
N PRO B 113 -4.60 32.14 28.64
CA PRO B 113 -5.58 31.52 29.55
C PRO B 113 -5.84 30.05 29.28
N ASN B 114 -6.07 29.67 28.02
CA ASN B 114 -6.39 28.30 27.67
C ASN B 114 -5.16 27.51 27.21
N SER B 115 -3.98 27.84 27.74
CA SER B 115 -2.76 27.13 27.39
C SER B 115 -2.57 25.93 28.31
N ARG B 116 -2.28 24.78 27.72
CA ARG B 116 -2.07 23.56 28.49
C ARG B 116 -0.60 23.18 28.49
N ILE B 117 -0.08 22.83 29.66
CA ILE B 117 1.32 22.47 29.84
C ILE B 117 1.39 21.03 30.34
N MET B 118 2.29 20.25 29.77
CA MET B 118 2.50 18.86 30.15
C MET B 118 3.99 18.57 30.21
N ILE B 119 4.42 17.93 31.30
CA ILE B 119 5.83 17.59 31.50
C ILE B 119 6.01 16.09 31.71
N HIS B 120 5.05 15.28 31.28
CA HIS B 120 5.11 13.84 31.53
C HIS B 120 6.33 13.21 30.86
N GLN B 121 6.70 13.67 29.67
CA GLN B 121 7.81 13.10 28.93
C GLN B 121 7.57 11.61 28.69
N PRO B 122 6.57 11.26 27.87
CA PRO B 122 6.34 9.84 27.58
C PRO B 122 7.38 9.26 26.65
N SER B 123 8.27 8.42 27.18
CA SER B 123 9.33 7.83 26.38
C SER B 123 9.82 6.53 27.02
N ILE B 135 15.34 2.76 20.24
CA ILE B 135 15.14 2.84 21.68
C ILE B 135 16.40 2.36 22.39
N GLN B 136 16.80 3.09 23.43
CA GLN B 136 17.98 2.74 24.24
C GLN B 136 17.66 3.12 25.68
N ALA B 137 17.45 2.11 26.52
CA ALA B 137 16.94 2.34 27.87
C ALA B 137 17.83 3.29 28.65
N GLU B 138 19.12 2.94 28.79
CA GLU B 138 20.01 3.75 29.60
C GLU B 138 20.14 5.17 29.06
N GLU B 139 20.20 5.32 27.73
CA GLU B 139 20.34 6.66 27.16
C GLU B 139 19.12 7.52 27.46
N ILE B 140 17.92 6.98 27.27
CA ILE B 140 16.72 7.76 27.54
C ILE B 140 16.57 8.03 29.03
N MET B 141 17.03 7.11 29.89
CA MET B 141 16.96 7.35 31.32
C MET B 141 17.90 8.48 31.74
N LYS B 142 19.11 8.50 31.19
CA LYS B 142 20.02 9.60 31.48
C LYS B 142 19.54 10.91 30.88
N LEU B 143 18.87 10.85 29.72
CA LEU B 143 18.20 12.03 29.18
C LEU B 143 17.16 12.55 30.14
N LYS B 144 16.35 11.65 30.71
CA LYS B 144 15.36 12.05 31.71
C LYS B 144 16.04 12.66 32.93
N LYS B 145 17.18 12.09 33.34
CA LYS B 145 17.90 12.64 34.48
C LYS B 145 18.35 14.08 34.22
N GLN B 146 18.96 14.32 33.07
CA GLN B 146 19.40 15.67 32.75
C GLN B 146 18.23 16.62 32.55
N LEU B 147 17.10 16.12 32.06
CA LEU B 147 15.90 16.95 31.98
C LEU B 147 15.40 17.33 33.37
N TYR B 148 15.42 16.37 34.31
CA TYR B 148 15.10 16.68 35.69
C TYR B 148 16.04 17.75 36.24
N ASN B 149 17.33 17.64 35.90
CA ASN B 149 18.29 18.66 36.34
C ASN B 149 17.94 20.04 35.78
N ILE B 150 17.64 20.10 34.48
CA ILE B 150 17.28 21.38 33.87
C ILE B 150 16.03 21.95 34.53
N TYR B 151 15.06 21.10 34.83
CA TYR B 151 13.83 21.57 35.48
C TYR B 151 14.13 22.10 36.87
N ALA B 152 14.89 21.35 37.68
CA ALA B 152 15.25 21.81 39.01
C ALA B 152 16.01 23.12 38.95
N LYS B 153 16.80 23.33 37.89
CA LYS B 153 17.55 24.57 37.75
C LYS B 153 16.63 25.74 37.42
N HIS B 154 15.76 25.58 36.42
CA HIS B 154 14.99 26.71 35.91
C HIS B 154 13.78 27.02 36.79
N THR B 155 13.01 25.99 37.15
CA THR B 155 11.80 26.19 37.94
C THR B 155 12.08 26.43 39.42
N LYS B 156 13.35 26.40 39.84
CA LYS B 156 13.70 26.59 41.24
C LYS B 156 13.00 25.57 42.13
N GLN B 157 13.01 24.32 41.71
CA GLN B 157 12.39 23.22 42.44
C GLN B 157 13.44 22.14 42.71
N SER B 158 13.01 21.11 43.43
CA SER B 158 13.87 19.97 43.77
C SER B 158 13.69 18.86 42.74
N LEU B 159 14.61 17.88 42.80
CA LEU B 159 14.56 16.77 41.86
C LEU B 159 13.41 15.83 42.17
N GLN B 160 13.13 15.61 43.46
CA GLN B 160 12.08 14.67 43.84
C GLN B 160 10.72 15.15 43.35
N VAL B 161 10.40 16.42 43.59
CA VAL B 161 9.10 16.96 43.18
C VAL B 161 8.99 16.96 41.66
N ILE B 162 10.09 17.27 40.96
CA ILE B 162 10.06 17.27 39.50
C ILE B 162 9.79 15.86 38.98
N GLU B 163 10.45 14.86 39.57
CA GLU B 163 10.21 13.48 39.15
C GLU B 163 8.77 13.07 39.42
N SER B 164 8.25 13.43 40.60
CA SER B 164 6.88 13.08 40.94
C SER B 164 5.89 13.73 39.98
N ALA B 165 6.16 14.97 39.57
CA ALA B 165 5.26 15.67 38.66
C ALA B 165 5.33 15.07 37.26
N MET B 166 6.54 14.81 36.76
CA MET B 166 6.70 14.26 35.43
C MET B 166 6.26 12.80 35.36
N GLU B 167 6.12 12.13 36.50
CA GLU B 167 5.62 10.76 36.48
C GLU B 167 4.12 10.72 36.19
N ARG B 168 3.39 11.76 36.57
CA ARG B 168 1.96 11.82 36.33
C ARG B 168 1.70 12.29 34.90
N ASP B 169 0.93 11.51 34.14
CA ASP B 169 0.58 11.86 32.77
C ASP B 169 -0.68 12.72 32.80
N ARG B 170 -0.46 14.02 32.96
CA ARG B 170 -1.58 14.97 33.04
C ARG B 170 -1.10 16.34 32.61
N TYR B 171 -2.02 17.14 32.11
CA TYR B 171 -1.75 18.52 31.73
C TYR B 171 -1.96 19.45 32.91
N MET B 172 -1.37 20.65 32.81
CA MET B 172 -1.45 21.65 33.85
C MET B 172 -2.00 22.95 33.28
N SER B 173 -2.67 23.72 34.14
CA SER B 173 -3.24 25.00 33.74
C SER B 173 -2.20 26.10 33.88
N PRO B 174 -2.43 27.26 33.25
CA PRO B 174 -1.45 28.36 33.36
C PRO B 174 -1.12 28.74 34.80
N MET B 175 -2.13 28.81 35.68
CA MET B 175 -1.87 29.16 37.07
C MET B 175 -1.11 28.05 37.79
N GLU B 176 -1.46 26.80 37.51
CA GLU B 176 -0.73 25.68 38.11
C GLU B 176 0.73 25.70 37.68
N ALA B 177 0.98 25.89 36.38
CA ALA B 177 2.35 25.97 35.89
C ALA B 177 3.08 27.19 36.42
N GLN B 178 2.36 28.28 36.68
CA GLN B 178 3.00 29.48 37.24
C GLN B 178 3.39 29.29 38.69
N GLU B 179 2.53 28.65 39.49
CA GLU B 179 2.87 28.41 40.89
C GLU B 179 3.86 27.28 41.04
N PHE B 180 3.95 26.38 40.06
CA PHE B 180 4.92 25.29 40.13
C PHE B 180 6.31 25.74 39.72
N GLY B 181 6.41 26.84 38.97
CA GLY B 181 7.67 27.37 38.51
C GLY B 181 7.88 27.33 37.01
N ILE B 182 7.02 26.64 36.28
CA ILE B 182 7.18 26.55 34.83
C ILE B 182 6.91 27.90 34.18
N LEU B 183 5.91 28.63 34.68
CA LEU B 183 5.53 29.93 34.16
C LEU B 183 5.76 31.01 35.19
N ASP B 184 5.72 32.26 34.73
CA ASP B 184 5.89 33.43 35.59
C ASP B 184 4.66 34.34 35.58
N LYS B 185 4.09 34.59 34.41
CA LYS B 185 2.92 35.44 34.28
C LYS B 185 1.87 34.75 33.41
N VAL B 186 0.61 35.12 33.62
CA VAL B 186 -0.52 34.60 32.84
C VAL B 186 -1.29 35.82 32.36
N LEU B 187 -0.98 36.29 31.15
CA LEU B 187 -1.61 37.48 30.59
C LEU B 187 -2.84 37.11 29.78
N VAL B 188 -3.89 37.91 29.94
CA VAL B 188 -5.11 37.79 29.15
C VAL B 188 -5.18 38.85 28.06
N HIS B 189 -4.71 40.06 28.36
CA HIS B 189 -4.66 41.16 27.40
C HIS B 189 -3.38 41.93 27.66
N PRO B 190 -2.87 42.66 26.67
CA PRO B 190 -1.66 43.46 26.90
C PRO B 190 -1.87 44.45 28.03
N PRO B 191 -1.14 44.30 29.14
CA PRO B 191 -1.36 45.21 30.28
C PRO B 191 -1.03 46.66 29.98
N GLN B 192 -2.04 47.51 29.96
CA GLN B 192 -1.85 48.95 29.76
C GLN B 192 -2.70 49.75 30.74
N ILE C 1 -5.69 28.97 -7.58
CA ILE C 1 -5.13 30.12 -6.81
C ILE C 1 -4.33 31.02 -7.75
N PRO C 2 -5.03 31.79 -8.57
CA PRO C 2 -4.36 32.68 -9.52
C PRO C 2 -3.88 33.96 -8.85
N ILE C 3 -3.21 34.79 -9.64
CA ILE C 3 -2.70 36.08 -9.17
C ILE C 3 -3.74 37.15 -9.48
N VAL C 4 -3.99 38.02 -8.50
CA VAL C 4 -4.95 39.10 -8.64
C VAL C 4 -4.20 40.44 -8.59
N VAL C 5 -4.94 41.52 -8.79
CA VAL C 5 -4.38 42.86 -8.78
C VAL C 5 -5.13 43.73 -7.78
N ARG C 13 -0.18 44.82 -7.25
CA ARG C 13 1.23 44.62 -7.61
C ARG C 13 1.61 43.14 -7.52
N ALA C 14 1.02 42.34 -8.41
CA ALA C 14 1.28 40.91 -8.46
C ALA C 14 0.96 40.25 -7.11
N TYR C 15 -0.28 40.46 -6.67
CA TYR C 15 -0.75 39.92 -5.40
C TYR C 15 -1.58 38.67 -5.64
N ASP C 16 -1.36 37.66 -4.80
CA ASP C 16 -2.17 36.45 -4.84
C ASP C 16 -3.52 36.70 -4.19
N ILE C 17 -4.48 35.83 -4.49
CA ILE C 17 -5.82 35.99 -3.94
C ILE C 17 -5.77 35.98 -2.42
N TYR C 18 -5.08 35.00 -1.83
CA TYR C 18 -4.96 34.93 -0.38
C TYR C 18 -4.09 36.05 0.17
N SER C 19 -3.20 36.61 -0.64
CA SER C 19 -2.39 37.74 -0.18
C SER C 19 -3.25 38.99 -0.04
N ARG C 20 -3.97 39.35 -1.10
CA ARG C 20 -4.89 40.48 -1.01
C ARG C 20 -5.96 40.24 0.06
N LEU C 21 -6.35 38.97 0.25
CA LEU C 21 -7.32 38.65 1.29
C LEU C 21 -6.83 39.12 2.65
N LEU C 22 -5.59 38.77 3.00
CA LEU C 22 -5.02 39.23 4.25
C LEU C 22 -4.81 40.74 4.24
N ARG C 23 -4.74 41.32 3.05
CA ARG C 23 -4.57 42.76 2.95
C ARG C 23 -5.89 43.50 3.06
N GLU C 24 -6.98 42.76 3.23
CA GLU C 24 -8.26 43.40 3.45
C GLU C 24 -8.68 43.09 4.86
N ARG C 25 -7.74 42.80 5.75
CA ARG C 25 -7.99 42.51 7.17
C ARG C 25 -8.89 41.37 7.26
N ILE C 26 -8.80 40.51 6.30
CA ILE C 26 -9.75 39.40 6.26
C ILE C 26 -8.98 38.10 6.45
N VAL C 27 -9.09 37.53 7.64
CA VAL C 27 -8.54 36.20 7.93
C VAL C 27 -9.60 35.18 7.59
N CYS C 28 -9.16 33.96 7.27
CA CYS C 28 -10.07 32.89 6.87
C CYS C 28 -9.59 31.57 7.45
N VAL C 29 -10.37 31.01 8.36
CA VAL C 29 -10.09 29.69 8.91
C VAL C 29 -10.80 28.66 8.05
N MET C 30 -10.17 28.26 6.95
CA MET C 30 -10.74 27.32 6.01
C MET C 30 -10.21 25.92 6.27
N GLY C 31 -11.05 24.91 6.02
CA GLY C 31 -10.67 23.54 6.18
C GLY C 31 -10.47 23.18 7.64
N PRO C 32 -10.05 21.95 7.91
CA PRO C 32 -9.81 21.53 9.29
C PRO C 32 -8.77 22.41 9.97
N ILE C 33 -8.95 22.61 11.26
CA ILE C 33 -8.04 23.44 12.06
C ILE C 33 -6.95 22.54 12.62
N ASP C 34 -5.70 22.82 12.24
CA ASP C 34 -4.54 22.07 12.68
C ASP C 34 -3.50 23.04 13.26
N ASP C 35 -2.34 22.49 13.59
CA ASP C 35 -1.28 23.31 14.18
C ASP C 35 -0.80 24.37 13.19
N SER C 36 -0.54 23.98 11.94
CA SER C 36 -0.06 24.93 10.95
C SER C 36 -1.11 25.99 10.65
N VAL C 37 -2.36 25.58 10.48
CA VAL C 37 -3.43 26.53 10.18
C VAL C 37 -3.60 27.50 11.34
N ALA C 38 -3.56 27.00 12.58
CA ALA C 38 -3.71 27.86 13.74
C ALA C 38 -2.54 28.84 13.84
N SER C 39 -1.33 28.36 13.57
CA SER C 39 -0.17 29.24 13.59
C SER C 39 -0.30 30.34 12.56
N LEU C 40 -0.77 29.99 11.36
CA LEU C 40 -0.96 30.98 10.30
C LEU C 40 -2.02 32.00 10.72
N VAL C 41 -3.12 31.54 11.30
CA VAL C 41 -4.19 32.44 11.71
C VAL C 41 -3.69 33.39 12.79
N ILE C 42 -2.92 32.87 13.74
CA ILE C 42 -2.39 33.69 14.82
C ILE C 42 -1.43 34.74 14.27
N ALA C 43 -0.56 34.31 13.35
CA ALA C 43 0.38 35.25 12.74
C ALA C 43 -0.36 36.35 11.99
N GLN C 44 -1.40 35.98 11.24
CA GLN C 44 -2.17 36.98 10.49
C GLN C 44 -2.88 37.94 11.43
N LEU C 45 -3.45 37.42 12.51
CA LEU C 45 -4.14 38.27 13.47
C LEU C 45 -3.16 39.28 14.10
N LEU C 46 -1.99 38.79 14.52
CA LEU C 46 -1.01 39.68 15.14
C LEU C 46 -0.47 40.69 14.15
N PHE C 47 -0.28 40.29 12.89
CA PHE C 47 0.18 41.22 11.87
C PHE C 47 -0.87 42.30 11.60
N LEU C 48 -2.15 41.92 11.58
CA LEU C 48 -3.20 42.91 11.38
C LEU C 48 -3.30 43.85 12.58
N GLN C 49 -3.10 43.33 13.79
CA GLN C 49 -3.03 44.21 14.95
C GLN C 49 -1.88 45.19 14.83
N SER C 50 -0.71 44.72 14.39
CA SER C 50 0.43 45.61 14.19
C SER C 50 0.11 46.68 13.16
N GLU C 51 -0.51 46.31 12.04
CA GLU C 51 -0.91 47.31 11.05
C GLU C 51 -1.88 48.32 11.65
N SER C 52 -2.81 47.85 12.48
CA SER C 52 -3.76 48.73 13.14
C SER C 52 -4.42 47.96 14.27
N ASN C 53 -4.36 48.51 15.49
CA ASN C 53 -4.91 47.83 16.65
C ASN C 53 -6.37 48.19 16.90
N LYS C 54 -6.91 49.19 16.20
CA LYS C 54 -8.29 49.61 16.37
C LYS C 54 -9.20 49.18 15.23
N LYS C 55 -8.67 49.10 14.02
CA LYS C 55 -9.50 48.68 12.88
C LYS C 55 -9.97 47.24 13.09
N PRO C 56 -11.16 46.89 12.61
CA PRO C 56 -11.66 45.52 12.82
C PRO C 56 -10.92 44.52 11.94
N ILE C 57 -11.07 43.24 12.30
CA ILE C 57 -10.49 42.13 11.57
C ILE C 57 -11.59 41.11 11.29
N HIS C 58 -11.74 40.73 10.02
CA HIS C 58 -12.79 39.80 9.61
C HIS C 58 -12.23 38.38 9.59
N MET C 59 -12.98 37.45 10.14
CA MET C 59 -12.60 36.04 10.21
C MET C 59 -13.72 35.22 9.56
N TYR C 60 -13.46 34.70 8.37
CA TYR C 60 -14.40 33.81 7.70
C TYR C 60 -14.21 32.39 8.20
N ILE C 61 -15.31 31.75 8.60
CA ILE C 61 -15.27 30.43 9.21
C ILE C 61 -16.04 29.47 8.32
N ASN C 62 -15.32 28.51 7.72
CA ASN C 62 -15.91 27.43 6.94
C ASN C 62 -15.19 26.13 7.28
N SER C 63 -14.93 25.92 8.57
CA SER C 63 -14.13 24.80 9.05
C SER C 63 -15.02 23.67 9.53
N PRO C 64 -14.73 22.42 9.19
CA PRO C 64 -15.50 21.30 9.74
C PRO C 64 -15.02 20.82 11.10
N GLY C 65 -14.14 21.58 11.77
CA GLY C 65 -13.61 21.18 13.06
C GLY C 65 -12.09 21.29 13.08
N GLY C 66 -11.47 20.44 13.88
CA GLY C 66 -10.03 20.39 13.97
C GLY C 66 -9.60 20.06 15.39
N VAL C 67 -8.36 20.45 15.70
CA VAL C 67 -7.78 20.19 17.01
C VAL C 67 -8.35 21.19 18.01
N VAL C 68 -8.70 20.70 19.20
CA VAL C 68 -9.24 21.58 20.24
C VAL C 68 -8.19 22.58 20.69
N THR C 69 -6.96 22.12 20.88
CA THR C 69 -5.88 23.01 21.29
C THR C 69 -5.67 24.13 20.27
N ALA C 70 -5.71 23.79 18.98
CA ALA C 70 -5.51 24.81 17.95
C ALA C 70 -6.61 25.87 17.98
N GLY C 71 -7.86 25.44 18.10
CA GLY C 71 -8.95 26.39 18.16
C GLY C 71 -8.89 27.26 19.41
N LEU C 72 -8.50 26.65 20.54
CA LEU C 72 -8.37 27.43 21.76
C LEU C 72 -7.23 28.43 21.66
N ALA C 73 -6.14 28.08 20.98
CA ALA C 73 -5.05 29.03 20.76
C ALA C 73 -5.52 30.18 19.89
N ILE C 74 -6.27 29.87 18.83
CA ILE C 74 -6.82 30.91 17.97
C ILE C 74 -7.74 31.83 18.78
N TYR C 75 -8.54 31.24 19.67
CA TYR C 75 -9.43 32.03 20.51
C TYR C 75 -8.65 32.95 21.45
N ASP C 76 -7.62 32.40 22.08
CA ASP C 76 -6.79 33.21 22.98
C ASP C 76 -6.14 34.36 22.22
N THR C 77 -5.68 34.11 20.99
CA THR C 77 -5.10 35.18 20.20
C THR C 77 -6.14 36.23 19.84
N MET C 78 -7.33 35.79 19.44
CA MET C 78 -8.39 36.74 19.12
C MET C 78 -8.74 37.62 20.33
N GLN C 79 -8.80 37.02 21.51
CA GLN C 79 -9.16 37.79 22.70
C GLN C 79 -8.00 38.67 23.16
N TYR C 80 -6.77 38.27 22.83
CA TYR C 80 -5.60 39.05 23.27
C TYR C 80 -5.50 40.36 22.52
N ILE C 81 -5.66 40.32 21.19
CA ILE C 81 -5.54 41.54 20.39
C ILE C 81 -6.73 42.46 20.66
N LEU C 82 -6.46 43.77 20.61
CA LEU C 82 -7.49 44.76 20.90
C LEU C 82 -8.46 44.96 19.74
N ASN C 83 -8.17 44.42 18.56
CA ASN C 83 -9.02 44.65 17.42
C ASN C 83 -10.35 43.91 17.59
N PRO C 84 -11.47 44.53 17.24
CA PRO C 84 -12.74 43.80 17.26
C PRO C 84 -12.81 42.80 16.11
N ILE C 85 -13.21 41.58 16.42
CA ILE C 85 -13.20 40.47 15.46
C ILE C 85 -14.61 40.26 14.96
N CYS C 86 -14.80 40.43 13.65
CA CYS C 86 -16.08 40.18 12.99
C CYS C 86 -16.04 38.77 12.43
N THR C 87 -16.74 37.84 13.09
CA THR C 87 -16.76 36.44 12.70
C THR C 87 -17.90 36.20 11.72
N TRP C 88 -17.56 35.85 10.48
CA TRP C 88 -18.53 35.62 9.43
C TRP C 88 -18.59 34.12 9.15
N CYS C 89 -19.73 33.50 9.46
CA CYS C 89 -19.94 32.09 9.19
C CYS C 89 -20.31 31.91 7.72
N VAL C 90 -19.39 31.31 6.95
CA VAL C 90 -19.61 31.10 5.52
C VAL C 90 -19.59 29.60 5.24
N GLY C 91 -20.73 29.08 4.80
CA GLY C 91 -20.84 27.67 4.49
C GLY C 91 -21.24 26.84 5.69
N GLN C 92 -20.38 26.78 6.70
CA GLN C 92 -20.67 26.05 7.92
C GLN C 92 -19.66 26.43 9.00
N ALA C 93 -20.10 26.33 10.25
CA ALA C 93 -19.25 26.58 11.41
C ALA C 93 -19.38 25.38 12.33
N ALA C 94 -18.45 24.44 12.23
CA ALA C 94 -18.45 23.23 13.03
C ALA C 94 -18.14 23.60 14.47
N SER C 95 -18.05 22.58 15.32
CA SER C 95 -17.82 22.79 16.75
C SER C 95 -16.66 23.73 17.01
N MET C 96 -15.46 23.32 16.62
CA MET C 96 -14.28 24.13 16.94
C MET C 96 -14.33 25.49 16.26
N GLY C 97 -14.90 25.55 15.05
CA GLY C 97 -15.11 26.84 14.42
C GLY C 97 -16.22 27.64 15.08
N SER C 98 -17.27 26.96 15.54
CA SER C 98 -18.38 27.64 16.18
C SER C 98 -17.93 28.47 17.37
N LEU C 99 -17.03 27.93 18.20
CA LEU C 99 -16.44 28.74 19.26
C LEU C 99 -15.84 30.02 18.69
N LEU C 100 -14.97 29.90 17.68
CA LEU C 100 -14.42 31.07 17.03
C LEU C 100 -15.53 31.97 16.47
N LEU C 101 -16.64 31.35 16.02
CA LEU C 101 -17.78 32.14 15.56
C LEU C 101 -18.47 32.83 16.73
N ALA C 102 -18.59 32.13 17.86
CA ALA C 102 -19.23 32.72 19.03
C ALA C 102 -18.28 33.67 19.76
N ALA C 103 -16.98 33.51 19.58
CA ALA C 103 -15.98 34.35 20.24
C ALA C 103 -15.83 35.71 19.58
N GLY C 104 -16.66 36.04 18.60
CA GLY C 104 -16.56 37.33 17.94
C GLY C 104 -17.05 38.46 18.83
N THR C 105 -16.70 39.67 18.41
CA THR C 105 -17.10 40.85 19.17
C THR C 105 -18.63 40.95 19.18
N PRO C 106 -19.24 41.25 20.33
CA PRO C 106 -20.70 41.39 20.36
C PRO C 106 -21.18 42.41 19.34
N GLY C 107 -22.27 42.08 18.66
CA GLY C 107 -22.83 42.93 17.64
C GLY C 107 -22.15 42.85 16.28
N MET C 108 -21.22 41.92 16.10
CA MET C 108 -20.50 41.81 14.83
C MET C 108 -20.35 40.37 14.37
N ARG C 109 -21.09 39.42 14.95
CA ARG C 109 -21.04 38.02 14.55
C ARG C 109 -22.11 37.79 13.49
N HIS C 110 -21.69 37.61 12.24
CA HIS C 110 -22.59 37.49 11.11
C HIS C 110 -22.57 36.07 10.54
N SER C 111 -23.63 35.72 9.81
CA SER C 111 -23.74 34.43 9.17
C SER C 111 -24.64 34.56 7.94
N LEU C 112 -24.31 33.78 6.92
CA LEU C 112 -25.06 33.80 5.67
C LEU C 112 -26.34 32.97 5.82
N PRO C 113 -27.30 33.15 4.91
CA PRO C 113 -28.61 32.49 5.10
C PRO C 113 -28.54 30.98 5.15
N ASN C 114 -27.65 30.36 4.39
CA ASN C 114 -27.59 28.91 4.30
C ASN C 114 -26.45 28.29 5.08
N SER C 115 -25.75 29.07 5.92
CA SER C 115 -24.67 28.53 6.71
C SER C 115 -25.22 27.59 7.81
N ARG C 116 -24.38 26.67 8.24
CA ARG C 116 -24.73 25.69 9.25
C ARG C 116 -23.82 25.85 10.46
N ILE C 117 -24.42 25.96 11.65
CA ILE C 117 -23.68 26.12 12.90
C ILE C 117 -23.87 24.87 13.74
N MET C 118 -22.81 24.44 14.41
CA MET C 118 -22.85 23.28 15.29
C MET C 118 -21.85 23.47 16.42
N ILE C 119 -22.28 23.19 17.65
CA ILE C 119 -21.41 23.26 18.81
C ILE C 119 -21.27 21.91 19.51
N HIS C 120 -21.71 20.82 18.88
CA HIS C 120 -21.67 19.51 19.52
C HIS C 120 -20.30 19.20 20.09
N GLN C 121 -19.24 19.42 19.30
CA GLN C 121 -17.89 19.14 19.75
C GLN C 121 -17.78 17.67 20.13
N PRO C 122 -17.82 16.75 19.15
CA PRO C 122 -17.80 15.32 19.48
C PRO C 122 -16.72 14.94 20.48
N SER C 123 -17.14 14.48 21.66
CA SER C 123 -16.21 14.09 22.70
C SER C 123 -16.86 13.06 23.62
N ILE C 135 -4.33 9.27 23.82
CA ILE C 135 -5.60 9.83 24.26
C ILE C 135 -5.54 10.14 25.76
N GLN C 136 -6.10 11.27 26.16
CA GLN C 136 -6.14 11.69 27.55
C GLN C 136 -7.55 12.19 27.85
N ALA C 137 -8.30 11.40 28.62
CA ALA C 137 -9.69 11.75 28.91
C ALA C 137 -9.77 13.01 29.76
N GLU C 138 -8.94 13.10 30.81
CA GLU C 138 -9.01 14.24 31.71
C GLU C 138 -8.66 15.53 30.97
N GLU C 139 -7.64 15.49 30.11
CA GLU C 139 -7.25 16.68 29.36
C GLU C 139 -8.39 17.16 28.47
N ILE C 140 -8.96 16.27 27.66
CA ILE C 140 -10.00 16.68 26.73
C ILE C 140 -11.25 17.13 27.48
N MET C 141 -11.53 16.54 28.66
CA MET C 141 -12.70 16.99 29.41
C MET C 141 -12.47 18.34 30.06
N LYS C 142 -11.25 18.62 30.51
CA LYS C 142 -10.95 19.97 30.99
C LYS C 142 -11.05 20.97 29.85
N LEU C 143 -10.64 20.58 28.65
CA LEU C 143 -10.82 21.44 27.49
C LEU C 143 -12.30 21.68 27.22
N LYS C 144 -13.12 20.64 27.37
CA LYS C 144 -14.57 20.79 27.19
C LYS C 144 -15.15 21.75 28.22
N LYS C 145 -14.66 21.67 29.46
CA LYS C 145 -15.12 22.60 30.49
C LYS C 145 -14.72 24.03 30.16
N GLN C 146 -13.49 24.22 29.68
CA GLN C 146 -13.07 25.55 29.25
C GLN C 146 -13.94 26.06 28.11
N LEU C 147 -14.31 25.17 27.18
CA LEU C 147 -15.19 25.57 26.09
C LEU C 147 -16.57 25.96 26.61
N TYR C 148 -17.09 25.20 27.57
CA TYR C 148 -18.36 25.56 28.20
C TYR C 148 -18.27 26.96 28.81
N ASN C 149 -17.18 27.23 29.54
CA ASN C 149 -17.03 28.54 30.16
C ASN C 149 -16.96 29.64 29.11
N ILE C 150 -16.22 29.41 28.02
CA ILE C 150 -16.09 30.42 26.98
C ILE C 150 -17.44 30.69 26.33
N TYR C 151 -18.22 29.63 26.04
CA TYR C 151 -19.54 29.81 25.46
C TYR C 151 -20.44 30.59 26.40
N ALA C 152 -20.44 30.23 27.68
CA ALA C 152 -21.24 30.96 28.65
C ALA C 152 -20.85 32.43 28.71
N LYS C 153 -19.55 32.71 28.56
CA LYS C 153 -19.08 34.09 28.58
C LYS C 153 -19.57 34.86 27.37
N HIS C 154 -19.30 34.35 26.16
CA HIS C 154 -19.61 35.07 24.94
C HIS C 154 -21.08 35.02 24.57
N THR C 155 -21.70 33.84 24.68
CA THR C 155 -23.12 33.70 24.33
C THR C 155 -24.06 34.21 25.42
N LYS C 156 -23.53 34.64 26.56
CA LYS C 156 -24.33 35.12 27.68
C LYS C 156 -25.28 34.06 28.20
N GLN C 157 -25.00 32.79 27.92
CA GLN C 157 -25.83 31.68 28.37
C GLN C 157 -25.23 31.03 29.61
N SER C 158 -26.01 30.15 30.23
CA SER C 158 -25.57 29.45 31.41
C SER C 158 -24.78 28.20 31.03
N LEU C 159 -24.10 27.61 32.03
CA LEU C 159 -23.31 26.41 31.77
C LEU C 159 -24.21 25.22 31.48
N GLN C 160 -25.36 25.12 32.16
CA GLN C 160 -26.23 23.97 31.97
C GLN C 160 -26.78 23.92 30.55
N VAL C 161 -27.29 25.04 30.05
CA VAL C 161 -27.84 25.06 28.69
C VAL C 161 -26.75 24.80 27.66
N ILE C 162 -25.55 25.31 27.89
CA ILE C 162 -24.46 25.07 26.94
C ILE C 162 -24.09 23.59 26.92
N GLU C 163 -23.99 22.98 28.10
CA GLU C 163 -23.67 21.56 28.17
C GLU C 163 -24.76 20.72 27.52
N SER C 164 -26.02 21.16 27.64
CA SER C 164 -27.12 20.42 27.03
C SER C 164 -27.09 20.57 25.51
N ALA C 165 -26.81 21.77 25.01
CA ALA C 165 -26.78 21.97 23.56
C ALA C 165 -25.60 21.26 22.93
N MET C 166 -24.42 21.34 23.53
CA MET C 166 -23.24 20.67 22.99
C MET C 166 -23.31 19.17 23.12
N GLU C 167 -24.20 18.64 23.96
CA GLU C 167 -24.37 17.20 24.08
C GLU C 167 -25.17 16.60 22.92
N ARG C 168 -25.95 17.43 22.22
CA ARG C 168 -26.75 16.98 21.08
C ARG C 168 -25.95 17.17 19.80
N ASP C 169 -25.95 16.16 18.94
CA ASP C 169 -25.23 16.21 17.67
C ASP C 169 -26.22 16.69 16.60
N ARG C 170 -26.20 17.99 16.35
CA ARG C 170 -27.10 18.59 15.37
C ARG C 170 -26.55 19.93 14.94
N TYR C 171 -27.04 20.42 13.81
CA TYR C 171 -26.62 21.70 13.24
C TYR C 171 -27.72 22.74 13.46
N MET C 172 -27.33 23.90 13.97
CA MET C 172 -28.27 25.00 14.15
C MET C 172 -28.30 25.88 12.90
N SER C 173 -29.47 26.45 12.64
CA SER C 173 -29.62 27.38 11.54
C SER C 173 -29.12 28.75 11.94
N PRO C 174 -28.87 29.64 10.97
CA PRO C 174 -28.40 30.99 11.34
C PRO C 174 -29.31 31.69 12.33
N MET C 175 -30.62 31.60 12.13
CA MET C 175 -31.55 32.23 13.06
C MET C 175 -31.53 31.54 14.42
N GLU C 176 -31.47 30.20 14.42
CA GLU C 176 -31.39 29.47 15.68
C GLU C 176 -30.13 29.84 16.46
N ALA C 177 -28.98 29.86 15.78
CA ALA C 177 -27.75 30.27 16.43
C ALA C 177 -27.78 31.74 16.85
N GLN C 178 -28.56 32.57 16.15
CA GLN C 178 -28.68 33.97 16.53
C GLN C 178 -29.47 34.12 17.82
N GLU C 179 -30.60 33.42 17.93
CA GLU C 179 -31.38 33.48 19.15
C GLU C 179 -30.68 32.78 20.31
N PHE C 180 -29.82 31.80 19.99
CA PHE C 180 -29.08 31.07 21.03
C PHE C 180 -27.91 31.87 21.58
N GLY C 181 -27.53 32.96 20.93
CA GLY C 181 -26.42 33.77 21.38
C GLY C 181 -25.10 33.54 20.66
N ILE C 182 -25.09 32.67 19.65
CA ILE C 182 -23.86 32.43 18.90
C ILE C 182 -23.68 33.46 17.80
N LEU C 183 -24.77 34.01 17.27
CA LEU C 183 -24.73 34.98 16.19
C LEU C 183 -25.48 36.24 16.61
N ASP C 184 -25.11 37.36 15.97
CA ASP C 184 -25.75 38.64 16.21
C ASP C 184 -26.59 39.11 15.02
N LYS C 185 -26.21 38.74 13.80
CA LYS C 185 -26.95 39.14 12.61
C LYS C 185 -26.92 38.00 11.60
N VAL C 186 -27.94 37.96 10.76
CA VAL C 186 -28.04 36.99 9.66
C VAL C 186 -28.31 37.81 8.40
N LEU C 187 -27.25 38.17 7.69
CA LEU C 187 -27.39 39.02 6.52
C LEU C 187 -27.65 38.19 5.27
N VAL C 188 -28.61 38.65 4.46
CA VAL C 188 -28.88 38.08 3.15
C VAL C 188 -28.23 38.91 2.05
N HIS C 189 -28.15 40.22 2.22
CA HIS C 189 -27.53 41.13 1.28
C HIS C 189 -26.92 42.27 2.09
N PRO C 190 -25.91 42.95 1.54
CA PRO C 190 -25.32 44.06 2.27
C PRO C 190 -26.35 45.12 2.57
N PRO C 191 -26.11 45.95 3.60
CA PRO C 191 -27.09 46.98 3.96
C PRO C 191 -27.37 47.94 2.83
N GLN C 192 -28.65 48.07 2.45
CA GLN C 192 -29.03 48.91 1.33
C GLN C 192 -29.36 50.32 1.82
N ILE D 1 -0.81 24.35 -18.35
CA ILE D 1 -1.12 25.68 -17.76
C ILE D 1 -0.04 26.68 -18.13
N PRO D 2 0.01 27.08 -19.40
CA PRO D 2 1.05 28.01 -19.84
C PRO D 2 0.73 29.44 -19.42
N ILE D 3 1.70 30.31 -19.67
CA ILE D 3 1.58 31.74 -19.35
C ILE D 3 1.17 32.48 -20.63
N VAL D 4 0.09 33.23 -20.54
CA VAL D 4 -0.43 33.99 -21.67
C VAL D 4 -0.05 35.45 -21.49
N VAL D 5 0.12 36.14 -22.62
CA VAL D 5 0.50 37.55 -22.61
C VAL D 5 -0.39 38.32 -23.58
N ARG D 13 1.25 40.53 -19.83
CA ARG D 13 2.19 40.91 -18.80
C ARG D 13 2.49 39.75 -17.86
N ALA D 14 2.83 38.60 -18.43
CA ALA D 14 3.18 37.40 -17.69
C ALA D 14 2.04 36.99 -16.75
N TYR D 15 0.89 36.70 -17.36
CA TYR D 15 -0.29 36.25 -16.64
C TYR D 15 -0.59 34.80 -16.97
N ASP D 16 -0.91 34.02 -15.94
CA ASP D 16 -1.35 32.65 -16.12
C ASP D 16 -2.72 32.64 -16.79
N ILE D 17 -3.04 31.52 -17.46
CA ILE D 17 -4.31 31.43 -18.16
C ILE D 17 -5.47 31.66 -17.20
N TYR D 18 -5.40 31.08 -16.00
CA TYR D 18 -6.44 31.30 -15.00
C TYR D 18 -6.40 32.72 -14.44
N SER D 19 -5.22 33.31 -14.32
CA SER D 19 -5.14 34.70 -13.84
C SER D 19 -5.85 35.64 -14.81
N ARG D 20 -5.59 35.50 -16.11
CA ARG D 20 -6.28 36.34 -17.10
C ARG D 20 -7.75 35.98 -17.17
N LEU D 21 -8.10 34.70 -17.00
CA LEU D 21 -9.50 34.31 -16.94
C LEU D 21 -10.23 35.08 -15.84
N LEU D 22 -9.64 35.12 -14.64
CA LEU D 22 -10.25 35.86 -13.55
C LEU D 22 -10.25 37.35 -13.82
N ARG D 23 -9.40 37.80 -14.72
CA ARG D 23 -9.38 39.20 -15.10
C ARG D 23 -10.40 39.52 -16.17
N GLU D 24 -11.16 38.52 -16.60
CA GLU D 24 -12.22 38.77 -17.54
C GLU D 24 -13.54 38.70 -16.83
N ARG D 25 -13.54 38.81 -15.50
CA ARG D 25 -14.74 38.78 -14.66
C ARG D 25 -15.35 37.45 -14.77
N ILE D 26 -14.50 36.46 -14.78
CA ILE D 26 -15.01 35.11 -15.02
C ILE D 26 -14.43 34.19 -13.95
N VAL D 27 -15.30 33.39 -13.33
CA VAL D 27 -14.92 32.44 -12.30
C VAL D 27 -15.36 31.06 -12.76
N CYS D 28 -14.41 30.15 -12.92
CA CYS D 28 -14.68 28.80 -13.42
C CYS D 28 -14.64 27.81 -12.26
N VAL D 29 -15.79 27.22 -11.95
CA VAL D 29 -15.87 26.19 -10.91
C VAL D 29 -15.64 24.86 -11.62
N MET D 30 -14.37 24.51 -11.78
CA MET D 30 -13.99 23.29 -12.49
C MET D 30 -13.72 22.17 -11.49
N GLY D 31 -14.19 20.97 -11.82
CA GLY D 31 -13.98 19.81 -10.99
C GLY D 31 -14.89 19.79 -9.77
N PRO D 32 -14.69 18.81 -8.90
CA PRO D 32 -15.51 18.73 -7.68
C PRO D 32 -15.37 19.99 -6.85
N ILE D 33 -16.47 20.35 -6.18
CA ILE D 33 -16.51 21.55 -5.35
C ILE D 33 -16.16 21.13 -3.93
N ASP D 34 -14.99 21.55 -3.46
CA ASP D 34 -14.51 21.26 -2.12
C ASP D 34 -14.37 22.57 -1.33
N ASP D 35 -13.87 22.45 -0.09
CA ASP D 35 -13.71 23.62 0.75
C ASP D 35 -12.75 24.63 0.13
N SER D 36 -11.60 24.14 -0.37
CA SER D 36 -10.63 25.05 -0.97
C SER D 36 -11.19 25.71 -2.23
N VAL D 37 -11.81 24.90 -3.11
CA VAL D 37 -12.39 25.46 -4.33
C VAL D 37 -13.51 26.43 -3.98
N ALA D 38 -14.30 26.11 -2.96
CA ALA D 38 -15.38 27.00 -2.55
C ALA D 38 -14.82 28.34 -2.07
N SER D 39 -13.81 28.29 -1.21
CA SER D 39 -13.20 29.52 -0.72
C SER D 39 -12.61 30.33 -1.87
N LEU D 40 -11.97 29.65 -2.82
CA LEU D 40 -11.39 30.36 -3.96
C LEU D 40 -12.46 31.04 -4.79
N VAL D 41 -13.56 30.33 -5.05
CA VAL D 41 -14.65 30.92 -5.84
C VAL D 41 -15.26 32.11 -5.11
N ILE D 42 -15.43 31.98 -3.78
CA ILE D 42 -15.99 33.08 -3.00
C ILE D 42 -15.07 34.29 -3.07
N ALA D 43 -13.77 34.07 -2.90
CA ALA D 43 -12.81 35.16 -2.95
C ALA D 43 -12.81 35.84 -4.31
N GLN D 44 -12.87 35.04 -5.38
CA GLN D 44 -12.88 35.61 -6.73
C GLN D 44 -14.14 36.42 -6.97
N LEU D 45 -15.29 35.90 -6.54
CA LEU D 45 -16.55 36.63 -6.71
C LEU D 45 -16.51 37.95 -5.95
N LEU D 46 -16.03 37.93 -4.72
CA LEU D 46 -15.96 39.16 -3.93
C LEU D 46 -14.96 40.14 -4.51
N PHE D 47 -13.85 39.65 -5.06
CA PHE D 47 -12.88 40.54 -5.70
C PHE D 47 -13.47 41.19 -6.94
N LEU D 48 -14.20 40.41 -7.75
CA LEU D 48 -14.85 40.99 -8.92
C LEU D 48 -15.90 42.00 -8.51
N GLN D 49 -16.61 41.75 -7.41
CA GLN D 49 -17.53 42.75 -6.88
C GLN D 49 -16.78 44.02 -6.53
N SER D 50 -15.68 43.90 -5.78
CA SER D 50 -14.89 45.07 -5.41
C SER D 50 -14.45 45.85 -6.64
N GLU D 51 -14.00 45.15 -7.69
CA GLU D 51 -13.59 45.83 -8.91
C GLU D 51 -14.72 46.66 -9.49
N SER D 52 -15.92 46.06 -9.62
CA SER D 52 -17.08 46.79 -10.13
C SER D 52 -18.32 46.02 -9.73
N ASN D 53 -19.18 46.64 -8.91
CA ASN D 53 -20.41 46.00 -8.47
C ASN D 53 -21.51 46.03 -9.52
N LYS D 54 -21.30 46.73 -10.64
CA LYS D 54 -22.29 46.85 -11.70
C LYS D 54 -22.06 45.88 -12.85
N LYS D 55 -20.80 45.67 -13.24
CA LYS D 55 -20.52 44.80 -14.38
C LYS D 55 -20.92 43.37 -14.03
N PRO D 56 -21.31 42.56 -15.02
CA PRO D 56 -21.69 41.18 -14.73
C PRO D 56 -20.48 40.31 -14.43
N ILE D 57 -20.76 39.13 -13.88
CA ILE D 57 -19.74 38.15 -13.55
C ILE D 57 -20.15 36.83 -14.19
N HIS D 58 -19.28 36.30 -15.05
CA HIS D 58 -19.56 35.03 -15.71
C HIS D 58 -19.04 33.88 -14.86
N MET D 59 -19.84 32.82 -14.77
CA MET D 59 -19.50 31.65 -13.96
C MET D 59 -19.64 30.40 -14.84
N TYR D 60 -18.51 29.82 -15.22
CA TYR D 60 -18.51 28.57 -15.98
C TYR D 60 -18.64 27.41 -15.00
N ILE D 61 -19.65 26.57 -15.22
CA ILE D 61 -19.98 25.48 -14.30
C ILE D 61 -19.73 24.17 -15.03
N ASN D 62 -18.68 23.44 -14.60
CA ASN D 62 -18.38 22.10 -15.10
C ASN D 62 -17.81 21.31 -13.92
N SER D 63 -18.69 20.60 -13.21
CA SER D 63 -18.30 19.85 -12.03
C SER D 63 -19.11 18.56 -11.96
N PRO D 64 -18.50 17.44 -11.55
CA PRO D 64 -19.26 16.20 -11.39
C PRO D 64 -19.96 16.06 -10.04
N GLY D 65 -19.98 17.10 -9.23
CA GLY D 65 -20.60 17.03 -7.92
C GLY D 65 -20.06 18.07 -6.97
N GLY D 66 -19.67 17.66 -5.76
CA GLY D 66 -19.08 18.54 -4.78
C GLY D 66 -19.73 18.34 -3.42
N VAL D 67 -19.46 19.28 -2.52
CA VAL D 67 -19.99 19.25 -1.16
C VAL D 67 -21.22 20.14 -1.11
N VAL D 68 -22.21 19.73 -0.31
CA VAL D 68 -23.45 20.50 -0.21
C VAL D 68 -23.19 21.86 0.45
N THR D 69 -22.43 21.85 1.55
CA THR D 69 -22.13 23.10 2.24
C THR D 69 -21.29 24.03 1.38
N ALA D 70 -20.37 23.47 0.58
CA ALA D 70 -19.58 24.30 -0.33
C ALA D 70 -20.46 24.99 -1.36
N GLY D 71 -21.37 24.23 -1.98
CA GLY D 71 -22.27 24.82 -2.94
C GLY D 71 -23.18 25.86 -2.31
N LEU D 72 -23.63 25.62 -1.08
CA LEU D 72 -24.47 26.58 -0.39
C LEU D 72 -23.69 27.86 -0.09
N ALA D 73 -22.41 27.73 0.28
CA ALA D 73 -21.59 28.91 0.51
C ALA D 73 -21.40 29.70 -0.79
N ILE D 74 -21.14 29.00 -1.89
CA ILE D 74 -20.98 29.68 -3.17
C ILE D 74 -22.27 30.39 -3.55
N TYR D 75 -23.41 29.75 -3.30
CA TYR D 75 -24.70 30.35 -3.61
C TYR D 75 -24.96 31.59 -2.76
N ASP D 76 -24.64 31.50 -1.46
CA ASP D 76 -24.82 32.67 -0.59
C ASP D 76 -23.93 33.82 -1.04
N THR D 77 -22.69 33.51 -1.45
CA THR D 77 -21.82 34.57 -1.94
C THR D 77 -22.36 35.19 -3.22
N MET D 78 -22.85 34.35 -4.14
CA MET D 78 -23.43 34.86 -5.38
C MET D 78 -24.61 35.79 -5.09
N GLN D 79 -25.50 35.36 -4.20
CA GLN D 79 -26.68 36.19 -3.89
C GLN D 79 -26.31 37.44 -3.11
N TYR D 80 -25.23 37.38 -2.32
CA TYR D 80 -24.85 38.54 -1.52
C TYR D 80 -24.35 39.67 -2.41
N ILE D 81 -23.42 39.37 -3.31
CA ILE D 81 -22.87 40.41 -4.19
C ILE D 81 -23.97 40.92 -5.11
N LEU D 82 -23.93 42.22 -5.39
CA LEU D 82 -24.92 42.87 -6.23
C LEU D 82 -24.63 42.76 -7.72
N ASN D 83 -23.69 41.90 -8.12
CA ASN D 83 -23.35 41.75 -9.53
C ASN D 83 -24.24 40.69 -10.17
N PRO D 84 -24.77 40.94 -11.38
CA PRO D 84 -25.57 39.90 -12.04
C PRO D 84 -24.68 38.76 -12.50
N ILE D 85 -25.07 37.53 -12.15
CA ILE D 85 -24.27 36.35 -12.42
C ILE D 85 -24.80 35.69 -13.69
N CYS D 86 -23.93 35.56 -14.68
CA CYS D 86 -24.25 34.85 -15.92
C CYS D 86 -23.66 33.44 -15.81
N THR D 87 -24.52 32.46 -15.54
CA THR D 87 -24.09 31.08 -15.33
C THR D 87 -24.09 30.35 -16.67
N TRP D 88 -22.91 29.90 -17.10
CA TRP D 88 -22.75 29.17 -18.35
C TRP D 88 -22.38 27.74 -18.03
N CYS D 89 -23.24 26.79 -18.43
CA CYS D 89 -22.98 25.37 -18.23
C CYS D 89 -22.14 24.86 -19.39
N VAL D 90 -20.86 24.59 -19.12
CA VAL D 90 -19.93 24.16 -20.16
C VAL D 90 -19.54 22.71 -19.95
N GLY D 91 -20.26 21.80 -20.59
CA GLY D 91 -19.91 20.39 -20.55
C GLY D 91 -20.85 19.55 -19.71
N GLN D 92 -21.24 20.06 -18.54
CA GLN D 92 -22.14 19.34 -17.65
C GLN D 92 -22.45 20.22 -16.46
N ALA D 93 -23.41 19.78 -15.65
CA ALA D 93 -23.79 20.47 -14.42
C ALA D 93 -24.32 19.43 -13.45
N ALA D 94 -23.51 19.08 -12.46
CA ALA D 94 -23.92 18.12 -11.45
C ALA D 94 -24.94 18.76 -10.51
N SER D 95 -25.30 18.04 -9.45
CA SER D 95 -26.27 18.52 -8.48
C SER D 95 -25.93 19.94 -8.02
N MET D 96 -24.76 20.12 -7.40
CA MET D 96 -24.36 21.44 -6.94
C MET D 96 -24.07 22.36 -8.11
N GLY D 97 -23.46 21.83 -9.17
CA GLY D 97 -23.23 22.63 -10.36
C GLY D 97 -24.52 23.12 -10.97
N SER D 98 -25.50 22.22 -11.12
CA SER D 98 -26.79 22.61 -11.68
C SER D 98 -27.50 23.59 -10.76
N LEU D 99 -27.34 23.45 -9.44
CA LEU D 99 -27.94 24.40 -8.52
C LEU D 99 -27.35 25.78 -8.71
N LEU D 100 -26.02 25.88 -8.71
CA LEU D 100 -25.38 27.17 -8.96
C LEU D 100 -25.78 27.72 -10.32
N LEU D 101 -26.00 26.84 -11.31
CA LEU D 101 -26.47 27.27 -12.62
C LEU D 101 -27.84 27.93 -12.50
N ALA D 102 -28.77 27.27 -11.81
CA ALA D 102 -30.10 27.84 -11.61
C ALA D 102 -30.07 29.07 -10.70
N ALA D 103 -29.03 29.23 -9.89
CA ALA D 103 -28.91 30.36 -8.98
C ALA D 103 -28.48 31.64 -9.68
N GLY D 104 -28.36 31.64 -11.01
CA GLY D 104 -27.96 32.82 -11.73
C GLY D 104 -29.10 33.83 -11.86
N THR D 105 -28.76 34.98 -12.42
CA THR D 105 -29.75 36.03 -12.61
C THR D 105 -30.78 35.59 -13.64
N PRO D 106 -32.07 35.84 -13.41
CA PRO D 106 -33.07 35.49 -14.43
C PRO D 106 -32.76 36.16 -15.76
N GLY D 107 -32.69 35.35 -16.82
CA GLY D 107 -32.38 35.83 -18.14
C GLY D 107 -30.91 35.79 -18.51
N MET D 108 -30.06 35.21 -17.66
CA MET D 108 -28.63 35.11 -17.94
C MET D 108 -28.10 33.70 -17.68
N ARG D 109 -28.99 32.71 -17.52
CA ARG D 109 -28.59 31.33 -17.27
C ARG D 109 -28.55 30.59 -18.61
N HIS D 110 -27.40 30.67 -19.26
CA HIS D 110 -27.20 30.06 -20.57
C HIS D 110 -26.55 28.69 -20.44
N SER D 111 -26.32 28.05 -21.58
CA SER D 111 -25.68 26.74 -21.62
C SER D 111 -25.27 26.47 -23.06
N LEU D 112 -24.70 25.27 -23.28
CA LEU D 112 -24.25 24.83 -24.59
C LEU D 112 -25.06 23.63 -25.06
N PRO D 113 -25.01 23.31 -26.36
CA PRO D 113 -25.85 22.21 -26.87
C PRO D 113 -25.63 20.88 -26.18
N ASN D 114 -24.38 20.43 -26.05
CA ASN D 114 -24.07 19.13 -25.46
C ASN D 114 -23.82 19.21 -23.97
N SER D 115 -24.35 20.21 -23.29
CA SER D 115 -24.20 20.33 -21.85
C SER D 115 -25.32 19.57 -21.15
N ARG D 116 -24.95 18.74 -20.18
CA ARG D 116 -25.91 17.90 -19.46
C ARG D 116 -26.12 18.46 -18.06
N ILE D 117 -27.38 18.62 -17.67
CA ILE D 117 -27.76 19.15 -16.37
C ILE D 117 -28.36 18.02 -15.55
N MET D 118 -27.92 17.90 -14.29
CA MET D 118 -28.42 16.89 -13.37
C MET D 118 -28.71 17.54 -12.03
N ILE D 119 -29.90 17.30 -11.49
CA ILE D 119 -30.31 17.87 -10.21
C ILE D 119 -30.68 16.77 -9.21
N HIS D 120 -30.16 15.56 -9.40
CA HIS D 120 -30.55 14.45 -8.52
C HIS D 120 -30.09 14.68 -7.09
N GLN D 121 -28.91 15.30 -6.91
CA GLN D 121 -28.36 15.52 -5.59
C GLN D 121 -28.28 14.21 -4.82
N PRO D 122 -27.38 13.30 -5.21
CA PRO D 122 -27.30 12.00 -4.52
C PRO D 122 -26.80 12.15 -3.09
N SER D 123 -27.64 12.73 -2.22
CA SER D 123 -27.28 12.93 -0.82
C SER D 123 -27.08 11.58 -0.13
N ILE D 135 -22.75 9.51 9.73
CA ILE D 135 -23.44 10.25 8.68
C ILE D 135 -24.70 10.89 9.27
N GLN D 136 -24.67 12.21 9.44
CA GLN D 136 -25.81 12.95 9.98
C GLN D 136 -26.90 13.00 8.91
N ALA D 137 -27.94 12.17 9.12
CA ALA D 137 -29.04 12.09 8.17
C ALA D 137 -29.90 13.34 8.23
N GLU D 138 -30.24 13.80 9.44
CA GLU D 138 -31.09 14.98 9.57
C GLU D 138 -30.43 16.21 8.98
N GLU D 139 -29.11 16.35 9.15
CA GLU D 139 -28.41 17.50 8.59
C GLU D 139 -28.50 17.51 7.07
N ILE D 140 -28.21 16.37 6.44
CA ILE D 140 -28.25 16.32 4.98
C ILE D 140 -29.68 16.48 4.48
N MET D 141 -30.67 16.02 5.24
CA MET D 141 -32.05 16.20 4.80
C MET D 141 -32.49 17.66 4.91
N LYS D 142 -32.06 18.36 5.97
CA LYS D 142 -32.36 19.78 6.06
C LYS D 142 -31.64 20.56 4.96
N LEU D 143 -30.42 20.16 4.63
CA LEU D 143 -29.74 20.76 3.50
C LEU D 143 -30.51 20.51 2.21
N LYS D 144 -31.05 19.29 2.05
CA LYS D 144 -31.86 18.97 0.89
C LYS D 144 -33.08 19.86 0.80
N LYS D 145 -33.73 20.11 1.94
CA LYS D 145 -34.88 21.01 1.97
C LYS D 145 -34.47 22.43 1.61
N GLN D 146 -33.30 22.87 2.08
CA GLN D 146 -32.80 24.18 1.68
C GLN D 146 -32.59 24.26 0.18
N LEU D 147 -32.05 23.18 -0.42
CA LEU D 147 -31.88 23.17 -1.87
C LEU D 147 -33.22 23.19 -2.57
N TYR D 148 -34.22 22.47 -2.04
CA TYR D 148 -35.56 22.53 -2.59
C TYR D 148 -36.08 23.95 -2.60
N ASN D 149 -35.91 24.66 -1.48
CA ASN D 149 -36.37 26.04 -1.39
C ASN D 149 -35.64 26.93 -2.39
N ILE D 150 -34.32 26.75 -2.51
CA ILE D 150 -33.56 27.55 -3.46
C ILE D 150 -34.05 27.33 -4.88
N TYR D 151 -34.30 26.06 -5.25
CA TYR D 151 -34.80 25.77 -6.58
C TYR D 151 -36.18 26.40 -6.80
N ALA D 152 -37.07 26.22 -5.83
CA ALA D 152 -38.41 26.81 -5.94
C ALA D 152 -38.32 28.33 -6.12
N LYS D 153 -37.35 28.96 -5.47
CA LYS D 153 -37.19 30.40 -5.59
C LYS D 153 -36.69 30.77 -6.99
N HIS D 154 -35.55 30.21 -7.39
CA HIS D 154 -34.93 30.62 -8.65
C HIS D 154 -35.68 30.07 -9.86
N THR D 155 -35.89 28.75 -9.91
CA THR D 155 -36.54 28.13 -11.05
C THR D 155 -37.99 28.55 -11.22
N LYS D 156 -38.57 29.26 -10.25
CA LYS D 156 -39.95 29.72 -10.34
C LYS D 156 -40.92 28.55 -10.40
N GLN D 157 -40.58 27.47 -9.71
CA GLN D 157 -41.38 26.26 -9.65
C GLN D 157 -41.86 26.01 -8.22
N SER D 158 -42.62 24.94 -8.05
CA SER D 158 -43.15 24.55 -6.76
C SER D 158 -42.24 23.52 -6.10
N LEU D 159 -42.48 23.27 -4.81
CA LEU D 159 -41.65 22.33 -4.06
C LEU D 159 -41.92 20.89 -4.49
N GLN D 160 -43.17 20.55 -4.79
CA GLN D 160 -43.50 19.17 -5.14
C GLN D 160 -42.80 18.76 -6.45
N VAL D 161 -42.87 19.61 -7.47
CA VAL D 161 -42.25 19.28 -8.74
C VAL D 161 -40.73 19.20 -8.58
N ILE D 162 -40.16 20.08 -7.76
CA ILE D 162 -38.72 20.06 -7.55
C ILE D 162 -38.30 18.77 -6.86
N GLU D 163 -39.08 18.35 -5.85
CA GLU D 163 -38.77 17.08 -5.18
C GLU D 163 -38.89 15.91 -6.13
N SER D 164 -39.95 15.90 -6.95
CA SER D 164 -40.13 14.80 -7.91
C SER D 164 -38.97 14.75 -8.90
N ALA D 165 -38.49 15.92 -9.34
CA ALA D 165 -37.39 15.96 -10.30
C ALA D 165 -36.09 15.50 -9.66
N MET D 166 -35.77 16.03 -8.47
CA MET D 166 -34.53 15.67 -7.79
C MET D 166 -34.55 14.24 -7.27
N GLU D 167 -35.72 13.60 -7.19
CA GLU D 167 -35.77 12.20 -6.76
C GLU D 167 -35.35 11.26 -7.88
N ARG D 168 -35.42 11.69 -9.13
CA ARG D 168 -35.02 10.87 -10.27
C ARG D 168 -33.56 11.12 -10.57
N ASP D 169 -32.79 10.04 -10.73
CA ASP D 169 -31.36 10.13 -11.03
C ASP D 169 -31.19 10.08 -12.54
N ARG D 170 -31.13 11.24 -13.16
CA ARG D 170 -31.01 11.33 -14.61
C ARG D 170 -30.55 12.73 -14.98
N TYR D 171 -29.97 12.85 -16.17
CA TYR D 171 -29.53 14.13 -16.71
C TYR D 171 -30.63 14.76 -17.57
N MET D 172 -30.48 16.05 -17.82
CA MET D 172 -31.43 16.81 -18.62
C MET D 172 -30.69 17.55 -19.72
N SER D 173 -31.38 17.74 -20.85
CA SER D 173 -30.81 18.46 -21.97
C SER D 173 -30.96 19.97 -21.78
N PRO D 174 -30.20 20.77 -22.53
CA PRO D 174 -30.33 22.22 -22.40
C PRO D 174 -31.75 22.72 -22.59
N MET D 175 -32.49 22.17 -23.54
CA MET D 175 -33.87 22.60 -23.76
C MET D 175 -34.78 22.17 -22.61
N GLU D 176 -34.59 20.94 -22.12
CA GLU D 176 -35.38 20.49 -20.97
C GLU D 176 -35.10 21.35 -19.74
N ALA D 177 -33.83 21.68 -19.50
CA ALA D 177 -33.48 22.54 -18.38
C ALA D 177 -33.96 23.97 -18.59
N GLN D 178 -34.09 24.42 -19.84
CA GLN D 178 -34.60 25.76 -20.10
C GLN D 178 -36.10 25.83 -19.86
N GLU D 179 -36.85 24.82 -20.30
CA GLU D 179 -38.28 24.79 -20.08
C GLU D 179 -38.64 24.45 -18.63
N PHE D 180 -37.74 23.80 -17.89
CA PHE D 180 -38.02 23.47 -16.51
C PHE D 180 -37.77 24.66 -15.58
N GLY D 181 -36.94 25.61 -16.02
CA GLY D 181 -36.62 26.79 -15.24
C GLY D 181 -35.16 26.89 -14.84
N ILE D 182 -34.36 25.84 -15.07
CA ILE D 182 -32.95 25.90 -14.70
C ILE D 182 -32.18 26.85 -15.61
N LEU D 183 -32.48 26.80 -16.91
CA LEU D 183 -31.82 27.64 -17.89
C LEU D 183 -32.81 28.65 -18.48
N ASP D 184 -32.25 29.62 -19.20
CA ASP D 184 -33.04 30.65 -19.86
C ASP D 184 -32.83 30.66 -21.37
N LYS D 185 -31.59 30.48 -21.82
CA LYS D 185 -31.27 30.45 -23.24
C LYS D 185 -30.36 29.27 -23.54
N VAL D 186 -30.40 28.82 -24.79
CA VAL D 186 -29.57 27.72 -25.27
C VAL D 186 -28.85 28.24 -26.52
N LEU D 187 -27.65 28.77 -26.33
CA LEU D 187 -26.89 29.34 -27.43
C LEU D 187 -25.97 28.31 -28.07
N VAL D 188 -25.82 28.42 -29.39
CA VAL D 188 -24.88 27.60 -30.16
C VAL D 188 -23.70 28.43 -30.64
N HIS D 189 -23.98 29.63 -31.15
CA HIS D 189 -22.96 30.57 -31.58
C HIS D 189 -23.33 31.97 -31.08
N PRO D 190 -22.36 32.86 -30.95
CA PRO D 190 -22.67 34.22 -30.50
C PRO D 190 -23.67 34.89 -31.43
N PRO D 191 -24.89 35.20 -30.94
CA PRO D 191 -25.90 35.79 -31.83
C PRO D 191 -25.49 37.15 -32.35
N GLN D 192 -25.26 37.24 -33.67
CA GLN D 192 -24.93 38.51 -34.31
C GLN D 192 -25.70 38.67 -35.61
N ILE E 1 -20.86 -22.16 0.60
CA ILE E 1 -20.51 -23.48 0.04
C ILE E 1 -20.76 -24.57 1.09
N PRO E 2 -22.03 -24.84 1.36
CA PRO E 2 -22.37 -25.84 2.37
C PRO E 2 -22.26 -27.27 1.84
N ILE E 3 -22.46 -28.22 2.74
CA ILE E 3 -22.40 -29.65 2.41
C ILE E 3 -23.80 -30.11 2.06
N VAL E 4 -23.90 -30.89 0.98
CA VAL E 4 -25.17 -31.44 0.52
C VAL E 4 -25.12 -32.95 0.65
N VAL E 5 -26.27 -33.58 0.40
CA VAL E 5 -26.39 -35.03 0.49
C VAL E 5 -26.85 -35.60 -0.85
N ARG E 13 -23.45 -38.71 0.53
CA ARG E 13 -22.51 -39.12 1.56
C ARG E 13 -21.58 -37.97 1.93
N ALA E 14 -22.14 -36.92 2.54
CA ALA E 14 -21.38 -35.75 2.95
C ALA E 14 -20.58 -35.17 1.78
N TYR E 15 -21.32 -34.76 0.75
CA TYR E 15 -20.73 -34.21 -0.46
C TYR E 15 -20.88 -32.70 -0.49
N ASP E 16 -19.84 -32.03 -1.01
CA ASP E 16 -19.89 -30.60 -1.24
C ASP E 16 -20.76 -30.31 -2.47
N ILE E 17 -21.28 -29.09 -2.53
CA ILE E 17 -22.18 -28.73 -3.63
C ILE E 17 -21.50 -28.96 -4.98
N TYR E 18 -20.24 -28.53 -5.09
CA TYR E 18 -19.49 -28.76 -6.33
C TYR E 18 -19.12 -30.23 -6.51
N SER E 19 -18.87 -30.97 -5.43
CA SER E 19 -18.59 -32.39 -5.56
C SER E 19 -19.78 -33.13 -6.16
N ARG E 20 -20.98 -32.87 -5.65
CA ARG E 20 -22.18 -33.47 -6.24
C ARG E 20 -22.43 -32.94 -7.65
N LEU E 21 -22.17 -31.64 -7.88
CA LEU E 21 -22.31 -31.09 -9.23
C LEU E 21 -21.48 -31.89 -10.23
N LEU E 22 -20.23 -32.17 -9.87
CA LEU E 22 -19.36 -32.97 -10.75
C LEU E 22 -19.81 -34.42 -10.80
N ARG E 23 -20.58 -34.86 -9.83
CA ARG E 23 -21.10 -36.22 -9.85
C ARG E 23 -22.37 -36.32 -10.65
N GLU E 24 -22.80 -35.20 -11.22
CA GLU E 24 -23.97 -35.24 -12.09
C GLU E 24 -23.53 -35.09 -13.51
N ARG E 25 -22.24 -35.29 -13.80
CA ARG E 25 -21.65 -35.21 -15.15
C ARG E 25 -21.76 -33.84 -15.57
N ILE E 26 -21.55 -32.95 -14.64
CA ILE E 26 -21.75 -31.54 -14.95
C ILE E 26 -20.51 -30.78 -14.50
N VAL E 27 -19.97 -29.97 -15.40
CA VAL E 27 -18.82 -29.11 -15.13
C VAL E 27 -19.26 -27.67 -15.27
N CYS E 28 -18.78 -26.81 -14.37
CA CYS E 28 -19.15 -25.40 -14.33
C CYS E 28 -17.90 -24.55 -14.45
N VAL E 29 -17.76 -23.87 -15.59
CA VAL E 29 -16.65 -22.93 -15.79
C VAL E 29 -17.14 -21.58 -15.31
N MET E 30 -17.02 -21.36 -14.00
CA MET E 30 -17.50 -20.15 -13.36
C MET E 30 -16.36 -19.15 -13.20
N GLY E 31 -16.67 -17.88 -13.44
CA GLY E 31 -15.69 -16.82 -13.31
C GLY E 31 -14.68 -16.81 -14.42
N PRO E 32 -13.69 -15.93 -14.34
CA PRO E 32 -12.65 -15.88 -15.38
C PRO E 32 -11.94 -17.21 -15.51
N ILE E 33 -11.53 -17.52 -16.74
CA ILE E 33 -10.85 -18.77 -17.04
C ILE E 33 -9.35 -18.53 -16.95
N ASP E 34 -8.70 -19.20 -15.99
CA ASP E 34 -7.27 -19.11 -15.78
C ASP E 34 -6.64 -20.49 -15.92
N ASP E 35 -5.33 -20.55 -15.67
CA ASP E 35 -4.61 -21.82 -15.79
C ASP E 35 -5.18 -22.85 -14.83
N SER E 36 -5.40 -22.46 -13.58
CA SER E 36 -5.93 -23.41 -12.59
C SER E 36 -7.34 -23.85 -12.96
N VAL E 37 -8.20 -22.91 -13.34
CA VAL E 37 -9.56 -23.27 -13.73
C VAL E 37 -9.54 -24.15 -14.97
N ALA E 38 -8.64 -23.85 -15.92
CA ALA E 38 -8.53 -24.67 -17.12
C ALA E 38 -8.13 -26.09 -16.77
N SER E 39 -7.11 -26.25 -15.91
CA SER E 39 -6.68 -27.57 -15.50
C SER E 39 -7.79 -28.31 -14.78
N LEU E 40 -8.54 -27.61 -13.92
CA LEU E 40 -9.64 -28.25 -13.21
C LEU E 40 -10.72 -28.73 -14.18
N VAL E 41 -11.09 -27.90 -15.14
CA VAL E 41 -12.12 -28.27 -16.10
C VAL E 41 -11.64 -29.45 -16.95
N ILE E 42 -10.37 -29.44 -17.37
CA ILE E 42 -9.85 -30.55 -18.15
C ILE E 42 -9.87 -31.84 -17.34
N ALA E 43 -9.46 -31.76 -16.08
CA ALA E 43 -9.46 -32.95 -15.23
C ALA E 43 -10.89 -33.48 -15.03
N GLN E 44 -11.85 -32.58 -14.83
CA GLN E 44 -13.23 -33.01 -14.65
C GLN E 44 -13.77 -33.66 -15.92
N LEU E 45 -13.48 -33.07 -17.07
CA LEU E 45 -13.94 -33.64 -18.34
C LEU E 45 -13.35 -35.03 -18.55
N LEU E 46 -12.05 -35.18 -18.31
CA LEU E 46 -11.42 -36.48 -18.50
C LEU E 46 -11.93 -37.51 -17.49
N PHE E 47 -12.22 -37.07 -16.26
CA PHE E 47 -12.78 -37.99 -15.28
C PHE E 47 -14.17 -38.45 -15.68
N LEU E 48 -15.01 -37.53 -16.16
CA LEU E 48 -16.33 -37.91 -16.63
C LEU E 48 -16.24 -38.83 -17.85
N GLN E 49 -15.24 -38.62 -18.71
CA GLN E 49 -15.01 -39.56 -19.80
C GLN E 49 -14.68 -40.95 -19.26
N SER E 50 -13.74 -41.02 -18.31
CA SER E 50 -13.36 -42.30 -17.74
C SER E 50 -14.56 -43.01 -17.11
N GLU E 51 -15.41 -42.25 -16.42
CA GLU E 51 -16.60 -42.84 -15.82
C GLU E 51 -17.51 -43.45 -16.88
N SER E 52 -17.74 -42.71 -17.97
CA SER E 52 -18.57 -43.22 -19.06
C SER E 52 -18.30 -42.38 -20.30
N ASN E 53 -17.88 -43.03 -21.39
CA ASN E 53 -17.58 -42.33 -22.63
C ASN E 53 -18.81 -42.14 -23.52
N LYS E 54 -19.99 -42.59 -23.07
CA LYS E 54 -21.21 -42.48 -23.85
C LYS E 54 -22.17 -41.43 -23.29
N LYS E 55 -22.30 -41.36 -21.97
CA LYS E 55 -23.23 -40.40 -21.37
C LYS E 55 -22.80 -38.97 -21.69
N PRO E 56 -23.72 -38.03 -21.78
CA PRO E 56 -23.35 -36.65 -22.09
C PRO E 56 -22.73 -35.96 -20.88
N ILE E 57 -22.04 -34.85 -21.16
CA ILE E 57 -21.41 -34.02 -20.14
C ILE E 57 -21.97 -32.61 -20.28
N HIS E 58 -22.57 -32.11 -19.20
CA HIS E 58 -23.14 -30.76 -19.23
C HIS E 58 -22.08 -29.75 -18.78
N MET E 59 -21.99 -28.65 -19.51
CA MET E 59 -21.01 -27.59 -19.23
C MET E 59 -21.76 -26.28 -19.06
N TYR E 60 -21.87 -25.81 -17.81
CA TYR E 60 -22.49 -24.53 -17.53
C TYR E 60 -21.46 -23.42 -17.75
N ILE E 61 -21.75 -22.53 -18.70
CA ILE E 61 -20.81 -21.49 -19.11
C ILE E 61 -21.30 -20.16 -18.55
N ASN E 62 -20.58 -19.63 -17.57
CA ASN E 62 -20.83 -18.30 -17.00
C ASN E 62 -19.47 -17.73 -16.62
N SER E 63 -18.88 -16.93 -17.52
CA SER E 63 -17.57 -16.36 -17.31
C SER E 63 -17.51 -14.98 -17.97
N PRO E 64 -16.82 -14.01 -17.37
CA PRO E 64 -16.65 -12.70 -18.01
C PRO E 64 -15.46 -12.61 -18.95
N GLY E 65 -14.83 -13.73 -19.30
CA GLY E 65 -13.67 -13.72 -20.17
C GLY E 65 -12.75 -14.89 -19.90
N GLY E 66 -11.46 -14.60 -19.72
CA GLY E 66 -10.46 -15.60 -19.41
C GLY E 66 -9.26 -15.47 -20.32
N VAL E 67 -8.42 -16.50 -20.28
CA VAL E 67 -7.20 -16.54 -21.09
C VAL E 67 -7.49 -17.31 -22.38
N VAL E 68 -6.88 -16.87 -23.47
CA VAL E 68 -7.10 -17.53 -24.76
C VAL E 68 -6.55 -18.95 -24.73
N THR E 69 -5.34 -19.12 -24.21
CA THR E 69 -4.74 -20.45 -24.15
C THR E 69 -5.57 -21.39 -23.28
N ALA E 70 -6.10 -20.88 -22.16
CA ALA E 70 -6.94 -21.71 -21.29
C ALA E 70 -8.19 -22.19 -22.03
N GLY E 71 -8.88 -21.27 -22.70
CA GLY E 71 -10.07 -21.65 -23.45
C GLY E 71 -9.75 -22.63 -24.57
N LEU E 72 -8.61 -22.44 -25.24
CA LEU E 72 -8.23 -23.35 -26.30
C LEU E 72 -7.91 -24.73 -25.76
N ALA E 73 -7.28 -24.79 -24.58
CA ALA E 73 -7.02 -26.08 -23.95
C ALA E 73 -8.33 -26.78 -23.59
N ILE E 74 -9.28 -26.02 -23.03
CA ILE E 74 -10.58 -26.60 -22.68
C ILE E 74 -11.27 -27.10 -23.94
N TYR E 75 -11.18 -26.35 -25.03
CA TYR E 75 -11.80 -26.76 -26.29
C TYR E 75 -11.16 -28.03 -26.83
N ASP E 76 -9.83 -28.10 -26.78
CA ASP E 76 -9.13 -29.30 -27.25
C ASP E 76 -9.52 -30.52 -26.41
N THR E 77 -9.66 -30.33 -25.10
CA THR E 77 -10.08 -31.45 -24.25
C THR E 77 -11.50 -31.86 -24.56
N MET E 78 -12.40 -30.90 -24.78
CA MET E 78 -13.77 -31.21 -25.14
C MET E 78 -13.82 -32.02 -26.44
N GLN E 79 -13.06 -31.59 -27.45
CA GLN E 79 -13.07 -32.28 -28.73
C GLN E 79 -12.37 -33.63 -28.65
N TYR E 80 -11.43 -33.79 -27.72
CA TYR E 80 -10.69 -35.05 -27.63
C TYR E 80 -11.57 -36.16 -27.04
N ILE E 81 -12.32 -35.85 -25.98
CA ILE E 81 -13.16 -36.86 -25.36
C ILE E 81 -14.34 -37.19 -26.28
N LEU E 82 -14.77 -38.44 -26.25
CA LEU E 82 -15.85 -38.94 -27.10
C LEU E 82 -17.22 -38.73 -26.47
N ASN E 83 -17.36 -37.83 -25.50
CA ASN E 83 -18.65 -37.59 -24.87
C ASN E 83 -19.32 -36.36 -25.48
N PRO E 84 -20.62 -36.41 -25.76
CA PRO E 84 -21.30 -35.22 -26.29
C PRO E 84 -21.43 -34.15 -25.22
N ILE E 85 -20.98 -32.94 -25.56
CA ILE E 85 -20.94 -31.84 -24.60
C ILE E 85 -22.18 -30.97 -24.80
N CYS E 86 -23.02 -30.92 -23.77
CA CYS E 86 -24.20 -30.05 -23.76
C CYS E 86 -23.79 -28.74 -23.09
N THR E 87 -23.57 -27.70 -23.90
CA THR E 87 -23.13 -26.41 -23.40
C THR E 87 -24.35 -25.57 -23.04
N TRP E 88 -24.55 -25.34 -21.75
CA TRP E 88 -25.68 -24.54 -21.26
C TRP E 88 -25.15 -23.18 -20.84
N CYS E 89 -25.61 -22.13 -21.52
CA CYS E 89 -25.25 -20.76 -21.18
C CYS E 89 -26.16 -20.28 -20.06
N VAL E 90 -25.58 -20.01 -18.89
CA VAL E 90 -26.36 -19.62 -17.72
C VAL E 90 -25.86 -18.28 -17.18
N GLY E 91 -26.49 -17.19 -17.62
CA GLY E 91 -26.19 -15.87 -17.09
C GLY E 91 -25.43 -15.00 -18.08
N GLN E 92 -24.44 -15.57 -18.74
CA GLN E 92 -23.68 -14.86 -19.76
C GLN E 92 -22.64 -15.80 -20.35
N ALA E 93 -22.13 -15.44 -21.52
CA ALA E 93 -21.07 -16.20 -22.21
C ALA E 93 -20.12 -15.18 -22.82
N ALA E 94 -18.98 -14.98 -22.17
CA ALA E 94 -17.94 -14.08 -22.67
C ALA E 94 -17.31 -14.68 -23.91
N SER E 95 -16.31 -13.98 -24.45
CA SER E 95 -15.68 -14.41 -25.69
C SER E 95 -15.25 -15.87 -25.61
N MET E 96 -14.29 -16.18 -24.73
CA MET E 96 -13.82 -17.56 -24.62
C MET E 96 -14.95 -18.51 -24.25
N GLY E 97 -15.71 -18.18 -23.21
CA GLY E 97 -16.90 -18.97 -22.91
C GLY E 97 -17.78 -19.17 -24.12
N SER E 98 -18.00 -18.09 -24.88
CA SER E 98 -18.82 -18.20 -26.08
C SER E 98 -18.25 -19.24 -27.03
N LEU E 99 -16.94 -19.25 -27.21
CA LEU E 99 -16.32 -20.32 -27.99
C LEU E 99 -16.65 -21.68 -27.39
N LEU E 100 -16.44 -21.82 -26.08
CA LEU E 100 -16.83 -23.06 -25.40
C LEU E 100 -18.33 -23.29 -25.54
N LEU E 101 -19.12 -22.23 -25.66
CA LEU E 101 -20.55 -22.38 -25.89
C LEU E 101 -20.82 -22.81 -27.32
N ALA E 102 -20.01 -22.33 -28.27
CA ALA E 102 -20.18 -22.73 -29.66
C ALA E 102 -19.48 -24.06 -29.95
N ALA E 103 -18.51 -24.44 -29.13
CA ALA E 103 -17.79 -25.69 -29.32
C ALA E 103 -18.58 -26.92 -28.88
N GLY E 104 -19.83 -26.74 -28.45
CA GLY E 104 -20.65 -27.86 -28.02
C GLY E 104 -21.08 -28.74 -29.18
N THR E 105 -21.70 -29.86 -28.82
CA THR E 105 -22.17 -30.80 -29.82
C THR E 105 -23.30 -30.18 -30.64
N PRO E 106 -23.31 -30.34 -31.96
CA PRO E 106 -24.43 -29.81 -32.75
C PRO E 106 -25.76 -30.37 -32.26
N GLY E 107 -26.64 -29.46 -31.83
CA GLY E 107 -27.93 -29.83 -31.31
C GLY E 107 -28.03 -29.92 -29.80
N MET E 108 -26.97 -29.54 -29.07
CA MET E 108 -26.97 -29.58 -27.63
C MET E 108 -26.44 -28.30 -27.00
N ARG E 109 -26.42 -27.19 -27.75
CA ARG E 109 -25.95 -25.90 -27.25
C ARG E 109 -27.19 -25.08 -26.88
N HIS E 110 -27.48 -25.03 -25.58
CA HIS E 110 -28.68 -24.39 -25.07
C HIS E 110 -28.33 -23.15 -24.26
N SER E 111 -29.32 -22.28 -24.08
CA SER E 111 -29.15 -21.04 -23.34
C SER E 111 -30.47 -20.62 -22.73
N LEU E 112 -30.37 -19.94 -21.59
CA LEU E 112 -31.56 -19.45 -20.90
C LEU E 112 -32.03 -18.13 -21.54
N PRO E 113 -33.25 -17.70 -21.24
CA PRO E 113 -33.79 -16.53 -21.94
C PRO E 113 -32.99 -15.26 -21.74
N ASN E 114 -32.54 -14.98 -20.52
CA ASN E 114 -31.85 -13.73 -20.22
C ASN E 114 -30.34 -13.84 -20.31
N SER E 115 -29.81 -14.96 -20.80
CA SER E 115 -28.37 -15.10 -20.95
C SER E 115 -27.85 -14.18 -22.04
N ARG E 116 -26.56 -13.86 -21.95
CA ARG E 116 -25.90 -12.95 -22.88
C ARG E 116 -24.69 -13.65 -23.49
N ILE E 117 -24.57 -13.57 -24.82
CA ILE E 117 -23.48 -14.19 -25.55
C ILE E 117 -22.67 -13.09 -26.24
N MET E 118 -21.35 -13.25 -26.25
CA MET E 118 -20.46 -12.29 -26.89
C MET E 118 -19.23 -13.02 -27.40
N ILE E 119 -18.82 -12.71 -28.64
CA ILE E 119 -17.64 -13.30 -29.25
C ILE E 119 -16.60 -12.26 -29.64
N HIS E 120 -16.70 -11.03 -29.12
CA HIS E 120 -15.78 -9.98 -29.52
C HIS E 120 -14.33 -10.39 -29.34
N GLN E 121 -14.02 -11.04 -28.22
CA GLN E 121 -12.65 -11.50 -27.94
C GLN E 121 -11.71 -10.30 -27.88
N PRO E 122 -11.92 -9.38 -26.94
CA PRO E 122 -11.02 -8.22 -26.84
C PRO E 122 -9.65 -8.59 -26.33
N SER E 123 -8.64 -8.52 -27.20
CA SER E 123 -7.27 -8.87 -26.82
C SER E 123 -6.27 -8.14 -27.71
N ILE E 135 4.46 -8.35 -24.26
CA ILE E 135 3.33 -9.00 -24.92
C ILE E 135 3.81 -9.67 -26.20
N GLN E 136 2.96 -10.52 -26.77
CA GLN E 136 3.24 -11.23 -28.02
C GLN E 136 2.09 -10.97 -28.97
N ALA E 137 2.36 -10.26 -30.06
CA ALA E 137 1.32 -9.88 -31.01
C ALA E 137 0.99 -11.00 -31.98
N GLU E 138 1.99 -11.51 -32.69
CA GLU E 138 1.76 -12.56 -33.67
C GLU E 138 1.16 -13.80 -33.01
N GLU E 139 1.54 -14.07 -31.76
CA GLU E 139 0.98 -15.20 -31.04
C GLU E 139 -0.53 -15.07 -30.90
N ILE E 140 -0.98 -13.96 -30.29
CA ILE E 140 -2.42 -13.78 -30.11
C ILE E 140 -3.13 -13.65 -31.46
N MET E 141 -2.44 -13.19 -32.50
CA MET E 141 -3.06 -13.12 -33.81
C MET E 141 -3.33 -14.51 -34.36
N LYS E 142 -2.34 -15.40 -34.28
CA LYS E 142 -2.55 -16.78 -34.72
C LYS E 142 -3.60 -17.46 -33.85
N LEU E 143 -3.66 -17.11 -32.57
CA LEU E 143 -4.72 -17.63 -31.71
C LEU E 143 -6.09 -17.17 -32.18
N LYS E 144 -6.21 -15.91 -32.54
CA LYS E 144 -7.49 -15.39 -33.04
C LYS E 144 -7.86 -16.04 -34.37
N LYS E 145 -6.87 -16.34 -35.20
CA LYS E 145 -7.15 -17.03 -36.46
C LYS E 145 -7.65 -18.45 -36.18
N GLN E 146 -7.05 -19.12 -35.20
CA GLN E 146 -7.53 -20.44 -34.79
C GLN E 146 -8.96 -20.34 -34.26
N LEU E 147 -9.26 -19.28 -33.53
CA LEU E 147 -10.64 -19.07 -33.05
C LEU E 147 -11.59 -18.88 -34.22
N TYR E 148 -11.18 -18.10 -35.22
CA TYR E 148 -12.01 -17.92 -36.41
C TYR E 148 -12.28 -19.27 -37.07
N ASN E 149 -11.25 -20.10 -37.19
CA ASN E 149 -11.42 -21.41 -37.80
C ASN E 149 -12.38 -22.28 -36.99
N ILE E 150 -12.22 -22.27 -35.67
CA ILE E 150 -13.09 -23.08 -34.81
C ILE E 150 -14.54 -22.62 -34.94
N TYR E 151 -14.76 -21.31 -35.01
CA TYR E 151 -16.10 -20.78 -35.17
C TYR E 151 -16.68 -21.19 -36.52
N ALA E 152 -15.90 -21.01 -37.59
CA ALA E 152 -16.37 -21.42 -38.91
C ALA E 152 -16.72 -22.90 -38.93
N LYS E 153 -15.99 -23.72 -38.16
CA LYS E 153 -16.28 -25.15 -38.12
C LYS E 153 -17.58 -25.42 -37.38
N HIS E 154 -17.69 -24.94 -36.14
CA HIS E 154 -18.81 -25.32 -35.28
C HIS E 154 -20.10 -24.62 -35.70
N THR E 155 -20.06 -23.30 -35.84
CA THR E 155 -21.24 -22.53 -36.20
C THR E 155 -21.69 -22.74 -37.64
N LYS E 156 -20.93 -23.47 -38.44
CA LYS E 156 -21.25 -23.70 -39.85
C LYS E 156 -21.35 -22.37 -40.59
N GLN E 157 -20.43 -21.45 -40.30
CA GLN E 157 -20.37 -20.15 -40.93
C GLN E 157 -19.03 -19.97 -41.63
N SER E 158 -18.87 -18.83 -42.29
CA SER E 158 -17.66 -18.51 -43.03
C SER E 158 -16.71 -17.70 -42.16
N LEU E 159 -15.48 -17.51 -42.66
CA LEU E 159 -14.48 -16.76 -41.91
C LEU E 159 -14.79 -15.27 -41.93
N GLN E 160 -15.29 -14.75 -43.05
CA GLN E 160 -15.56 -13.32 -43.15
C GLN E 160 -16.64 -12.89 -42.19
N VAL E 161 -17.75 -13.64 -42.14
CA VAL E 161 -18.86 -13.28 -41.25
C VAL E 161 -18.42 -13.40 -39.80
N ILE E 162 -17.62 -14.41 -39.48
CA ILE E 162 -17.14 -14.59 -38.10
C ILE E 162 -16.25 -13.43 -37.71
N GLU E 163 -15.34 -13.03 -38.60
CA GLU E 163 -14.46 -11.89 -38.30
C GLU E 163 -15.28 -10.62 -38.12
N SER E 164 -16.27 -10.40 -38.98
CA SER E 164 -17.11 -9.21 -38.85
C SER E 164 -17.87 -9.21 -37.53
N ALA E 165 -18.40 -10.36 -37.13
CA ALA E 165 -19.14 -10.43 -35.87
C ALA E 165 -18.23 -10.23 -34.67
N MET E 166 -17.03 -10.82 -34.68
CA MET E 166 -16.10 -10.66 -33.57
C MET E 166 -15.46 -9.28 -33.55
N GLU E 167 -15.49 -8.54 -34.66
CA GLU E 167 -14.97 -7.18 -34.64
C GLU E 167 -15.90 -6.23 -33.91
N ARG E 168 -17.20 -6.52 -33.90
CA ARG E 168 -18.17 -5.69 -33.19
C ARG E 168 -18.17 -6.07 -31.72
N ASP E 169 -18.10 -5.07 -30.84
CA ASP E 169 -18.14 -5.29 -29.39
C ASP E 169 -19.59 -5.15 -28.94
N ARG E 170 -20.29 -6.29 -28.91
CA ARG E 170 -21.70 -6.30 -28.53
C ARG E 170 -22.05 -7.68 -28.02
N TYR E 171 -23.20 -7.76 -27.36
CA TYR E 171 -23.71 -9.00 -26.78
C TYR E 171 -24.90 -9.49 -27.59
N MET E 172 -24.87 -10.77 -27.96
CA MET E 172 -25.98 -11.38 -28.69
C MET E 172 -26.96 -12.01 -27.71
N SER E 173 -28.24 -11.96 -28.08
CA SER E 173 -29.28 -12.60 -27.28
C SER E 173 -29.37 -14.07 -27.65
N PRO E 174 -29.99 -14.88 -26.78
CA PRO E 174 -30.12 -16.31 -27.11
C PRO E 174 -30.80 -16.55 -28.44
N MET E 175 -31.88 -15.82 -28.73
CA MET E 175 -32.58 -16.00 -30.00
C MET E 175 -31.68 -15.59 -31.17
N GLU E 176 -30.93 -14.49 -31.01
CA GLU E 176 -30.04 -14.05 -32.07
C GLU E 176 -28.92 -15.07 -32.30
N ALA E 177 -28.30 -15.53 -31.22
CA ALA E 177 -27.23 -16.52 -31.34
C ALA E 177 -27.75 -17.87 -31.85
N GLN E 178 -29.05 -18.14 -31.71
CA GLN E 178 -29.59 -19.39 -32.22
C GLN E 178 -29.52 -19.45 -33.75
N GLU E 179 -29.86 -18.35 -34.42
CA GLU E 179 -29.81 -18.27 -35.86
C GLU E 179 -28.43 -17.90 -36.37
N PHE E 180 -27.42 -17.93 -35.51
CA PHE E 180 -26.04 -17.63 -35.90
C PHE E 180 -25.10 -18.82 -35.84
N GLY E 181 -25.48 -19.90 -35.16
CA GLY E 181 -24.64 -21.08 -35.05
C GLY E 181 -24.02 -21.29 -33.68
N ILE E 182 -24.05 -20.29 -32.81
CA ILE E 182 -23.49 -20.45 -31.47
C ILE E 182 -24.42 -21.29 -30.61
N LEU E 183 -25.73 -21.10 -30.74
CA LEU E 183 -26.72 -21.83 -29.98
C LEU E 183 -27.62 -22.62 -30.92
N ASP E 184 -28.25 -23.66 -30.37
CA ASP E 184 -29.18 -24.51 -31.10
C ASP E 184 -30.61 -24.34 -30.60
N LYS E 185 -30.81 -24.37 -29.29
CA LYS E 185 -32.12 -24.23 -28.69
C LYS E 185 -32.10 -23.10 -27.67
N VAL E 186 -33.27 -22.49 -27.46
CA VAL E 186 -33.45 -21.44 -26.46
C VAL E 186 -34.65 -21.87 -25.61
N LEU E 187 -34.37 -22.54 -24.50
CA LEU E 187 -35.42 -23.08 -23.66
C LEU E 187 -35.75 -22.13 -22.51
N VAL E 188 -37.04 -22.09 -22.16
CA VAL E 188 -37.50 -21.33 -21.02
C VAL E 188 -37.84 -22.23 -19.83
N HIS E 189 -38.34 -23.43 -20.07
CA HIS E 189 -38.66 -24.39 -19.04
C HIS E 189 -38.33 -25.77 -19.58
N PRO E 190 -38.12 -26.75 -18.69
CA PRO E 190 -37.80 -28.10 -19.18
C PRO E 190 -38.90 -28.62 -20.07
N PRO E 191 -38.59 -29.56 -20.96
CA PRO E 191 -39.61 -30.07 -21.89
C PRO E 191 -40.77 -30.70 -21.16
N GLN E 192 -41.97 -30.18 -21.43
CA GLN E 192 -43.17 -30.64 -20.75
C GLN E 192 -43.85 -31.77 -21.54
N ILE F 1 -20.13 -19.04 12.63
CA ILE F 1 -20.94 -20.09 11.95
C ILE F 1 -20.66 -21.44 12.60
N PRO F 2 -21.22 -21.67 13.79
CA PRO F 2 -20.98 -22.93 14.50
C PRO F 2 -21.75 -24.08 13.88
N ILE F 3 -21.45 -25.27 14.37
CA ILE F 3 -22.10 -26.50 13.91
C ILE F 3 -23.38 -26.72 14.70
N VAL F 4 -24.44 -27.10 14.00
CA VAL F 4 -25.73 -27.36 14.62
C VAL F 4 -26.07 -28.84 14.45
N VAL F 5 -27.18 -29.25 15.05
CA VAL F 5 -27.64 -30.63 14.98
C VAL F 5 -29.02 -30.68 14.34
N ARG F 13 -26.94 -34.41 12.38
CA ARG F 13 -25.73 -35.21 12.26
C ARG F 13 -24.53 -34.33 11.90
N ALA F 14 -24.19 -33.42 12.81
CA ALA F 14 -23.05 -32.52 12.64
C ALA F 14 -23.20 -31.70 11.35
N TYR F 15 -24.26 -30.91 11.31
CA TYR F 15 -24.56 -30.04 10.18
C TYR F 15 -24.23 -28.59 10.52
N ASP F 16 -23.79 -27.85 9.52
CA ASP F 16 -23.50 -26.43 9.67
C ASP F 16 -24.80 -25.63 9.57
N ILE F 17 -24.74 -24.36 9.99
CA ILE F 17 -25.90 -23.48 9.89
C ILE F 17 -26.45 -23.47 8.46
N TYR F 18 -25.60 -23.09 7.50
CA TYR F 18 -26.00 -23.08 6.10
C TYR F 18 -26.31 -24.48 5.57
N SER F 19 -25.64 -25.51 6.09
CA SER F 19 -25.93 -26.87 5.65
C SER F 19 -27.37 -27.25 5.96
N ARG F 20 -27.78 -27.11 7.22
CA ARG F 20 -29.17 -27.40 7.58
C ARG F 20 -30.13 -26.43 6.90
N LEU F 21 -29.72 -25.17 6.74
CA LEU F 21 -30.56 -24.19 6.06
C LEU F 21 -30.92 -24.69 4.66
N LEU F 22 -29.92 -25.14 3.90
CA LEU F 22 -30.18 -25.70 2.57
C LEU F 22 -30.95 -27.00 2.68
N ARG F 23 -30.95 -27.61 3.86
CA ARG F 23 -31.74 -28.82 4.06
C ARG F 23 -33.16 -28.52 4.49
N GLU F 24 -33.50 -27.25 4.60
CA GLU F 24 -34.86 -26.87 4.93
C GLU F 24 -35.48 -26.28 3.71
N ARG F 25 -34.91 -26.53 2.53
CA ARG F 25 -35.39 -26.05 1.23
C ARG F 25 -35.29 -24.60 1.20
N ILE F 26 -34.21 -24.12 1.74
CA ILE F 26 -34.11 -22.67 1.88
C ILE F 26 -32.77 -22.23 1.33
N VAL F 27 -32.78 -21.24 0.45
CA VAL F 27 -31.57 -20.69 -0.16
C VAL F 27 -31.52 -19.20 0.15
N CYS F 28 -30.49 -18.79 0.89
CA CYS F 28 -30.35 -17.41 1.35
C CYS F 28 -29.33 -16.71 0.46
N VAL F 29 -29.79 -15.71 -0.28
CA VAL F 29 -28.89 -14.88 -1.11
C VAL F 29 -28.47 -13.71 -0.22
N MET F 30 -27.43 -13.95 0.57
CA MET F 30 -26.93 -12.96 1.52
C MET F 30 -25.76 -12.20 0.93
N GLY F 31 -25.76 -10.88 1.14
CA GLY F 31 -24.68 -10.04 0.68
C GLY F 31 -24.77 -9.76 -0.81
N PRO F 32 -23.78 -9.05 -1.34
CA PRO F 32 -23.78 -8.76 -2.78
C PRO F 32 -23.80 -10.03 -3.61
N ILE F 33 -24.45 -9.94 -4.76
CA ILE F 33 -24.58 -11.08 -5.67
C ILE F 33 -23.45 -11.00 -6.69
N ASP F 34 -22.62 -12.04 -6.73
CA ASP F 34 -21.49 -12.14 -7.65
C ASP F 34 -21.58 -13.45 -8.41
N ASP F 35 -20.55 -13.73 -9.21
CA ASP F 35 -20.55 -14.97 -10.00
C ASP F 35 -20.58 -16.19 -9.10
N SER F 36 -19.75 -16.20 -8.05
CA SER F 36 -19.72 -17.35 -7.15
C SER F 36 -21.03 -17.52 -6.41
N VAL F 37 -21.59 -16.42 -5.88
CA VAL F 37 -22.85 -16.49 -5.16
C VAL F 37 -23.97 -16.93 -6.12
N ALA F 38 -23.94 -16.42 -7.35
CA ALA F 38 -24.96 -16.81 -8.32
C ALA F 38 -24.87 -18.31 -8.63
N SER F 39 -23.66 -18.81 -8.85
CA SER F 39 -23.48 -20.23 -9.12
C SER F 39 -23.95 -21.07 -7.93
N LEU F 40 -23.63 -20.63 -6.72
CA LEU F 40 -24.06 -21.37 -5.53
C LEU F 40 -25.59 -21.40 -5.43
N VAL F 41 -26.24 -20.26 -5.65
CA VAL F 41 -27.69 -20.20 -5.56
C VAL F 41 -28.33 -21.08 -6.64
N ILE F 42 -27.78 -21.06 -7.85
CA ILE F 42 -28.31 -21.88 -8.92
C ILE F 42 -28.17 -23.36 -8.57
N ALA F 43 -27.00 -23.75 -8.06
CA ALA F 43 -26.77 -25.13 -7.70
C ALA F 43 -27.72 -25.57 -6.59
N GLN F 44 -27.94 -24.71 -5.59
CA GLN F 44 -28.84 -25.04 -4.50
C GLN F 44 -30.28 -25.17 -4.99
N LEU F 45 -30.71 -24.26 -5.86
CA LEU F 45 -32.06 -24.34 -6.41
C LEU F 45 -32.25 -25.63 -7.19
N LEU F 46 -31.28 -25.99 -8.04
CA LEU F 46 -31.41 -27.20 -8.83
C LEU F 46 -31.36 -28.45 -7.95
N PHE F 47 -30.56 -28.41 -6.88
CA PHE F 47 -30.52 -29.53 -5.95
C PHE F 47 -31.85 -29.70 -5.23
N LEU F 48 -32.45 -28.60 -4.79
CA LEU F 48 -33.76 -28.68 -4.16
C LEU F 48 -34.82 -29.16 -5.13
N GLN F 49 -34.71 -28.78 -6.40
CA GLN F 49 -35.60 -29.32 -7.42
C GLN F 49 -35.43 -30.84 -7.53
N SER F 50 -34.18 -31.30 -7.62
CA SER F 50 -33.92 -32.74 -7.71
C SER F 50 -34.50 -33.47 -6.51
N GLU F 51 -34.36 -32.90 -5.31
CA GLU F 51 -34.92 -33.54 -4.12
C GLU F 51 -36.43 -33.68 -4.24
N SER F 52 -37.12 -32.62 -4.65
CA SER F 52 -38.57 -32.68 -4.84
C SER F 52 -38.99 -31.49 -5.68
N ASN F 53 -39.61 -31.76 -6.83
CA ASN F 53 -40.07 -30.71 -7.73
C ASN F 53 -41.43 -30.14 -7.31
N LYS F 54 -42.06 -30.68 -6.29
CA LYS F 54 -43.37 -30.23 -5.83
C LYS F 54 -43.29 -29.32 -4.60
N LYS F 55 -42.41 -29.63 -3.67
CA LYS F 55 -42.32 -28.83 -2.45
C LYS F 55 -41.81 -27.43 -2.78
N PRO F 56 -42.21 -26.42 -2.01
CA PRO F 56 -41.74 -25.05 -2.28
C PRO F 56 -40.28 -24.87 -1.88
N ILE F 57 -39.71 -23.76 -2.34
CA ILE F 57 -38.35 -23.37 -2.04
C ILE F 57 -38.38 -21.95 -1.50
N HIS F 58 -37.89 -21.77 -0.27
CA HIS F 58 -37.86 -20.45 0.34
C HIS F 58 -36.55 -19.75 0.00
N MET F 59 -36.64 -18.47 -0.35
CA MET F 59 -35.49 -17.67 -0.74
C MET F 59 -35.47 -16.40 0.11
N TYR F 60 -34.56 -16.34 1.08
CA TYR F 60 -34.38 -15.15 1.90
C TYR F 60 -33.51 -14.16 1.14
N ILE F 61 -34.04 -12.96 0.89
CA ILE F 61 -33.38 -11.97 0.05
C ILE F 61 -32.89 -10.85 0.96
N ASN F 62 -31.57 -10.75 1.13
CA ASN F 62 -30.93 -9.66 1.86
C ASN F 62 -29.62 -9.36 1.13
N SER F 63 -29.67 -8.39 0.21
CA SER F 63 -28.51 -8.04 -0.60
C SER F 63 -28.51 -6.54 -0.87
N PRO F 64 -27.35 -5.89 -0.81
CA PRO F 64 -27.27 -4.45 -1.16
C PRO F 64 -27.07 -4.17 -2.64
N GLY F 65 -27.21 -5.16 -3.50
CA GLY F 65 -27.00 -4.98 -4.93
C GLY F 65 -26.57 -6.27 -5.61
N GLY F 66 -25.51 -6.20 -6.42
CA GLY F 66 -24.97 -7.35 -7.09
C GLY F 66 -24.73 -7.06 -8.56
N VAL F 67 -24.52 -8.13 -9.32
CA VAL F 67 -24.27 -8.04 -10.76
C VAL F 67 -25.57 -8.28 -11.49
N VAL F 68 -25.77 -7.57 -12.61
CA VAL F 68 -27.00 -7.72 -13.39
C VAL F 68 -27.08 -9.13 -13.96
N THR F 69 -26.00 -9.60 -14.59
CA THR F 69 -26.00 -10.93 -15.17
C THR F 69 -26.22 -12.01 -14.11
N ALA F 70 -25.65 -11.82 -12.92
CA ALA F 70 -25.83 -12.80 -11.85
C ALA F 70 -27.30 -12.89 -11.45
N GLY F 71 -27.93 -11.73 -11.22
CA GLY F 71 -29.35 -11.74 -10.87
C GLY F 71 -30.21 -12.32 -11.96
N LEU F 72 -29.87 -12.04 -13.22
CA LEU F 72 -30.63 -12.59 -14.33
C LEU F 72 -30.47 -14.11 -14.41
N ALA F 73 -29.27 -14.61 -14.13
CA ALA F 73 -29.07 -16.05 -14.09
C ALA F 73 -29.90 -16.68 -12.98
N ILE F 74 -29.89 -16.07 -11.80
CA ILE F 74 -30.68 -16.58 -10.69
C ILE F 74 -32.16 -16.59 -11.05
N TYR F 75 -32.62 -15.53 -11.71
CA TYR F 75 -34.02 -15.44 -12.11
C TYR F 75 -34.37 -16.52 -13.13
N ASP F 76 -33.49 -16.73 -14.11
CA ASP F 76 -33.73 -17.76 -15.11
C ASP F 76 -33.78 -19.15 -14.48
N THR F 77 -32.90 -19.40 -13.51
CA THR F 77 -32.93 -20.68 -12.81
C THR F 77 -34.22 -20.84 -12.01
N MET F 78 -34.63 -19.78 -11.32
CA MET F 78 -35.88 -19.83 -10.56
C MET F 78 -37.06 -20.14 -11.47
N GLN F 79 -37.15 -19.47 -12.62
CA GLN F 79 -38.26 -19.70 -13.54
C GLN F 79 -38.16 -21.08 -14.19
N TYR F 80 -36.95 -21.59 -14.39
CA TYR F 80 -36.78 -22.88 -15.04
C TYR F 80 -37.34 -24.01 -14.18
N ILE F 81 -36.90 -24.08 -12.91
CA ILE F 81 -37.36 -25.14 -12.03
C ILE F 81 -38.87 -25.01 -11.82
N LEU F 82 -39.52 -26.15 -11.62
CA LEU F 82 -40.97 -26.22 -11.44
C LEU F 82 -41.39 -26.13 -9.98
N ASN F 83 -40.54 -25.57 -9.12
CA ASN F 83 -40.87 -25.44 -7.70
C ASN F 83 -41.37 -24.04 -7.40
N PRO F 84 -42.45 -23.89 -6.63
CA PRO F 84 -42.92 -22.54 -6.27
C PRO F 84 -41.94 -21.86 -5.33
N ILE F 85 -41.50 -20.66 -5.70
CA ILE F 85 -40.48 -19.94 -4.96
C ILE F 85 -41.17 -18.95 -4.02
N CYS F 86 -40.97 -19.13 -2.72
CA CYS F 86 -41.46 -18.21 -1.71
C CYS F 86 -40.33 -17.23 -1.38
N THR F 87 -40.39 -16.02 -1.92
CA THR F 87 -39.36 -15.02 -1.73
C THR F 87 -39.68 -14.21 -0.49
N TRP F 88 -38.85 -14.35 0.54
CA TRP F 88 -39.01 -13.63 1.80
C TRP F 88 -37.99 -12.50 1.86
N CYS F 89 -38.48 -11.27 1.90
CA CYS F 89 -37.62 -10.09 2.00
C CYS F 89 -37.25 -9.89 3.46
N VAL F 90 -36.17 -10.54 3.89
CA VAL F 90 -35.70 -10.48 5.27
C VAL F 90 -34.54 -9.48 5.28
N GLY F 91 -34.85 -8.23 5.59
CA GLY F 91 -33.84 -7.19 5.63
C GLY F 91 -34.06 -6.13 4.57
N GLN F 92 -33.14 -6.03 3.63
CA GLN F 92 -33.23 -5.08 2.53
C GLN F 92 -33.24 -5.82 1.20
N ALA F 93 -33.91 -5.23 0.22
CA ALA F 93 -34.00 -5.79 -1.14
C ALA F 93 -33.50 -4.72 -2.10
N ALA F 94 -32.28 -4.90 -2.61
CA ALA F 94 -31.67 -3.96 -3.52
C ALA F 94 -32.24 -4.16 -4.92
N SER F 95 -31.61 -3.55 -5.92
CA SER F 95 -32.08 -3.68 -7.30
C SER F 95 -32.27 -5.14 -7.68
N MET F 96 -31.18 -5.91 -7.69
CA MET F 96 -31.29 -7.32 -8.05
C MET F 96 -32.01 -8.11 -6.97
N GLY F 97 -31.80 -7.75 -5.70
CA GLY F 97 -32.54 -8.39 -4.63
C GLY F 97 -34.04 -8.19 -4.79
N SER F 98 -34.46 -6.95 -5.02
CA SER F 98 -35.88 -6.69 -5.21
C SER F 98 -36.41 -7.35 -6.48
N LEU F 99 -35.58 -7.45 -7.51
CA LEU F 99 -36.02 -8.12 -8.74
C LEU F 99 -36.28 -9.60 -8.47
N LEU F 100 -35.35 -10.27 -7.79
CA LEU F 100 -35.58 -11.66 -7.41
C LEU F 100 -36.78 -11.80 -6.48
N LEU F 101 -37.00 -10.80 -5.62
CA LEU F 101 -38.17 -10.82 -4.75
C LEU F 101 -39.45 -10.80 -5.57
N ALA F 102 -39.53 -9.91 -6.55
CA ALA F 102 -40.72 -9.84 -7.41
C ALA F 102 -40.83 -11.05 -8.32
N ALA F 103 -39.74 -11.80 -8.53
CA ALA F 103 -39.74 -12.97 -9.40
C ALA F 103 -40.33 -14.20 -8.72
N GLY F 104 -40.91 -14.06 -7.53
CA GLY F 104 -41.50 -15.19 -6.85
C GLY F 104 -42.85 -15.58 -7.41
N THR F 105 -43.37 -16.69 -6.88
CA THR F 105 -44.67 -17.18 -7.34
C THR F 105 -45.77 -16.22 -6.89
N PRO F 106 -46.77 -15.96 -7.72
CA PRO F 106 -47.89 -15.10 -7.28
C PRO F 106 -48.55 -15.65 -6.02
N GLY F 107 -48.56 -14.83 -4.98
CA GLY F 107 -49.13 -15.22 -3.70
C GLY F 107 -48.16 -15.82 -2.71
N MET F 108 -46.85 -15.70 -2.97
CA MET F 108 -45.84 -16.23 -2.07
C MET F 108 -44.67 -15.27 -1.87
N ARG F 109 -44.82 -14.00 -2.25
CA ARG F 109 -43.77 -13.00 -2.08
C ARG F 109 -44.04 -12.25 -0.77
N HIS F 110 -43.37 -12.69 0.29
CA HIS F 110 -43.60 -12.17 1.62
C HIS F 110 -42.46 -11.24 2.05
N SER F 111 -42.73 -10.44 3.08
CA SER F 111 -41.74 -9.53 3.61
C SER F 111 -42.02 -9.31 5.10
N LEU F 112 -41.10 -8.58 5.74
CA LEU F 112 -41.19 -8.29 7.17
C LEU F 112 -41.52 -6.81 7.38
N PRO F 113 -41.97 -6.43 8.58
CA PRO F 113 -42.39 -5.04 8.80
C PRO F 113 -41.32 -4.02 8.45
N ASN F 114 -40.11 -4.17 8.97
CA ASN F 114 -39.04 -3.20 8.76
C ASN F 114 -38.20 -3.50 7.52
N SER F 115 -38.75 -4.22 6.55
CA SER F 115 -38.01 -4.52 5.33
C SER F 115 -38.06 -3.34 4.36
N ARG F 116 -37.02 -3.22 3.55
CA ARG F 116 -36.88 -2.13 2.59
C ARG F 116 -36.68 -2.72 1.20
N ILE F 117 -37.41 -2.20 0.21
CA ILE F 117 -37.33 -2.66 -1.17
C ILE F 117 -36.90 -1.47 -2.03
N MET F 118 -35.96 -1.72 -2.94
CA MET F 118 -35.48 -0.70 -3.88
C MET F 118 -35.35 -1.33 -5.26
N ILE F 119 -35.88 -0.64 -6.26
CA ILE F 119 -35.84 -1.11 -7.64
C ILE F 119 -35.18 -0.07 -8.56
N HIS F 120 -34.36 0.83 -7.99
CA HIS F 120 -33.77 1.89 -8.79
C HIS F 120 -32.86 1.32 -9.87
N GLN F 121 -32.06 0.31 -9.54
CA GLN F 121 -31.11 -0.26 -10.49
C GLN F 121 -30.14 0.82 -10.96
N PRO F 122 -29.28 1.33 -10.06
CA PRO F 122 -28.39 2.43 -10.46
C PRO F 122 -27.27 1.95 -11.38
N SER F 123 -27.56 1.85 -12.66
CA SER F 123 -26.57 1.40 -13.64
C SER F 123 -26.85 2.01 -15.01
N ILE F 135 -16.71 -1.81 -20.02
CA ILE F 135 -18.00 -1.14 -19.95
C ILE F 135 -18.68 -1.18 -21.31
N GLN F 136 -19.97 -1.51 -21.32
CA GLN F 136 -20.76 -1.57 -22.56
C GLN F 136 -22.13 -0.96 -22.27
N ALA F 137 -22.37 0.23 -22.82
CA ALA F 137 -23.63 0.93 -22.58
C ALA F 137 -24.81 0.13 -23.13
N GLU F 138 -24.71 -0.31 -24.38
CA GLU F 138 -25.83 -1.02 -25.02
C GLU F 138 -26.15 -2.30 -24.27
N GLU F 139 -25.12 -3.01 -23.79
CA GLU F 139 -25.37 -4.26 -23.07
C GLU F 139 -26.18 -4.01 -21.80
N ILE F 140 -25.73 -3.09 -20.96
CA ILE F 140 -26.45 -2.81 -19.73
C ILE F 140 -27.83 -2.23 -20.02
N MET F 141 -27.97 -1.49 -21.11
CA MET F 141 -29.27 -0.92 -21.45
C MET F 141 -30.26 -2.00 -21.85
N LYS F 142 -29.83 -2.95 -22.67
CA LYS F 142 -30.70 -4.07 -23.01
C LYS F 142 -30.99 -4.95 -21.81
N LEU F 143 -30.01 -5.11 -20.91
CA LEU F 143 -30.27 -5.83 -19.67
C LEU F 143 -31.35 -5.14 -18.85
N LYS F 144 -31.28 -3.81 -18.78
CA LYS F 144 -32.28 -3.05 -18.01
C LYS F 144 -33.64 -3.13 -18.68
N LYS F 145 -33.67 -3.18 -20.02
CA LYS F 145 -34.92 -3.40 -20.72
C LYS F 145 -35.51 -4.77 -20.38
N GLN F 146 -34.66 -5.79 -20.32
CA GLN F 146 -35.11 -7.11 -19.90
C GLN F 146 -35.64 -7.07 -18.47
N LEU F 147 -35.00 -6.29 -17.60
CA LEU F 147 -35.50 -6.14 -16.23
C LEU F 147 -36.87 -5.47 -16.22
N TYR F 148 -37.05 -4.44 -17.04
CA TYR F 148 -38.36 -3.80 -17.17
C TYR F 148 -39.40 -4.83 -17.59
N ASN F 149 -39.06 -5.67 -18.58
CA ASN F 149 -40.01 -6.68 -19.05
C ASN F 149 -40.35 -7.67 -17.95
N ILE F 150 -39.34 -8.12 -17.21
CA ILE F 150 -39.58 -9.08 -16.13
C ILE F 150 -40.48 -8.48 -15.07
N TYR F 151 -40.23 -7.21 -14.73
CA TYR F 151 -41.07 -6.54 -13.74
C TYR F 151 -42.51 -6.43 -14.23
N ALA F 152 -42.69 -5.99 -15.48
CA ALA F 152 -44.04 -5.90 -16.04
C ALA F 152 -44.73 -7.25 -16.04
N LYS F 153 -43.97 -8.33 -16.25
CA LYS F 153 -44.56 -9.66 -16.24
C LYS F 153 -45.01 -10.06 -14.84
N HIS F 154 -44.08 -10.03 -13.87
CA HIS F 154 -44.38 -10.55 -12.55
C HIS F 154 -45.28 -9.61 -11.76
N THR F 155 -44.97 -8.30 -11.76
CA THR F 155 -45.74 -7.35 -10.99
C THR F 155 -47.09 -7.02 -11.61
N LYS F 156 -47.41 -7.58 -12.77
CA LYS F 156 -48.67 -7.29 -13.46
C LYS F 156 -48.83 -5.80 -13.71
N GLN F 157 -47.72 -5.13 -13.98
CA GLN F 157 -47.69 -3.70 -14.26
C GLN F 157 -47.27 -3.46 -15.71
N SER F 158 -47.27 -2.20 -16.11
CA SER F 158 -46.90 -1.80 -17.46
C SER F 158 -45.42 -1.41 -17.51
N LEU F 159 -44.92 -1.19 -18.72
CA LEU F 159 -43.53 -0.83 -18.90
C LEU F 159 -43.27 0.61 -18.46
N GLN F 160 -44.22 1.51 -18.72
CA GLN F 160 -44.02 2.91 -18.38
C GLN F 160 -43.95 3.12 -16.87
N VAL F 161 -44.88 2.51 -16.13
CA VAL F 161 -44.89 2.68 -14.68
C VAL F 161 -43.61 2.11 -14.07
N ILE F 162 -43.13 0.99 -14.61
CA ILE F 162 -41.88 0.40 -14.09
C ILE F 162 -40.70 1.31 -14.40
N GLU F 163 -40.60 1.79 -15.64
CA GLU F 163 -39.52 2.68 -16.01
C GLU F 163 -39.52 3.94 -15.15
N SER F 164 -40.71 4.41 -14.79
CA SER F 164 -40.81 5.61 -13.95
C SER F 164 -40.41 5.30 -12.51
N ALA F 165 -40.84 4.15 -11.99
CA ALA F 165 -40.53 3.77 -10.62
C ALA F 165 -39.07 3.36 -10.44
N MET F 166 -38.42 2.85 -11.47
CA MET F 166 -37.02 2.44 -11.37
C MET F 166 -36.05 3.59 -11.62
N GLU F 167 -36.54 4.77 -11.97
CA GLU F 167 -35.69 5.93 -12.15
C GLU F 167 -35.49 6.72 -10.87
N ARG F 168 -36.38 6.54 -9.89
CA ARG F 168 -36.27 7.24 -8.62
C ARG F 168 -35.40 6.44 -7.66
N ASP F 169 -34.31 7.03 -7.20
CA ASP F 169 -33.40 6.38 -6.27
C ASP F 169 -33.97 6.50 -4.87
N ARG F 170 -34.83 5.54 -4.51
CA ARG F 170 -35.47 5.55 -3.20
C ARG F 170 -35.93 4.14 -2.87
N TYR F 171 -36.09 3.88 -1.58
CA TYR F 171 -36.59 2.60 -1.08
C TYR F 171 -38.10 2.66 -0.89
N MET F 172 -38.70 1.49 -0.78
CA MET F 172 -40.14 1.36 -0.60
C MET F 172 -40.43 0.54 0.64
N SER F 173 -41.62 0.74 1.21
CA SER F 173 -42.04 0.01 2.40
C SER F 173 -42.75 -1.28 2.00
N PRO F 174 -42.90 -2.22 2.93
CA PRO F 174 -43.60 -3.47 2.59
C PRO F 174 -45.00 -3.25 2.03
N MET F 175 -45.74 -2.28 2.56
CA MET F 175 -47.09 -2.02 2.05
C MET F 175 -47.05 -1.40 0.66
N GLU F 176 -46.11 -0.48 0.43
CA GLU F 176 -45.97 0.10 -0.90
C GLU F 176 -45.57 -0.95 -1.93
N ALA F 177 -44.61 -1.81 -1.57
CA ALA F 177 -44.21 -2.89 -2.45
C ALA F 177 -45.31 -3.93 -2.65
N GLN F 178 -46.22 -4.07 -1.68
CA GLN F 178 -47.33 -4.99 -1.83
C GLN F 178 -48.38 -4.44 -2.78
N GLU F 179 -48.74 -3.16 -2.61
CA GLU F 179 -49.72 -2.53 -3.49
C GLU F 179 -49.15 -2.23 -4.87
N PHE F 180 -47.82 -2.23 -5.02
CA PHE F 180 -47.21 -1.99 -6.33
C PHE F 180 -47.06 -3.27 -7.14
N GLY F 181 -47.05 -4.43 -6.49
CA GLY F 181 -46.92 -5.71 -7.17
C GLY F 181 -45.66 -6.48 -6.84
N ILE F 182 -44.71 -5.86 -6.14
CA ILE F 182 -43.48 -6.56 -5.80
C ILE F 182 -43.73 -7.61 -4.73
N LEU F 183 -44.63 -7.31 -3.78
CA LEU F 183 -44.93 -8.21 -2.68
C LEU F 183 -46.40 -8.61 -2.73
N ASP F 184 -46.73 -9.71 -2.04
CA ASP F 184 -48.09 -10.20 -1.95
C ASP F 184 -48.65 -10.05 -0.53
N LYS F 185 -47.91 -10.50 0.47
CA LYS F 185 -48.31 -10.41 1.86
C LYS F 185 -47.25 -9.68 2.67
N VAL F 186 -47.66 -9.17 3.83
CA VAL F 186 -46.77 -8.50 4.78
C VAL F 186 -47.07 -9.09 6.15
N LEU F 187 -46.29 -10.08 6.56
CA LEU F 187 -46.51 -10.79 7.81
C LEU F 187 -45.65 -10.18 8.92
N VAL F 188 -46.25 -10.06 10.10
CA VAL F 188 -45.54 -9.63 11.30
C VAL F 188 -45.23 -10.82 12.21
N HIS F 189 -46.13 -11.79 12.26
CA HIS F 189 -45.97 -13.01 13.03
C HIS F 189 -46.61 -14.14 12.25
N PRO F 190 -46.23 -15.39 12.52
CA PRO F 190 -46.87 -16.52 11.84
C PRO F 190 -48.36 -16.54 12.11
N PRO F 191 -49.20 -16.34 11.07
CA PRO F 191 -50.65 -16.28 11.29
C PRO F 191 -51.20 -17.62 11.76
N GLN F 192 -51.64 -17.66 13.01
CA GLN F 192 -52.26 -18.86 13.57
C GLN F 192 -53.49 -18.49 14.39
N ILE G 1 -10.24 -20.12 20.58
CA ILE G 1 -11.52 -20.83 20.30
C ILE G 1 -11.31 -22.32 20.41
N PRO G 2 -11.15 -22.83 21.62
CA PRO G 2 -10.91 -24.26 21.81
C PRO G 2 -12.18 -25.08 21.68
N ILE G 3 -12.02 -26.39 21.74
CA ILE G 3 -13.13 -27.35 21.65
C ILE G 3 -13.49 -27.79 23.05
N VAL G 4 -14.78 -27.81 23.36
CA VAL G 4 -15.28 -28.21 24.67
C VAL G 4 -16.09 -29.50 24.49
N VAL G 5 -16.07 -30.32 25.53
CA VAL G 5 -16.79 -31.59 25.53
C VAL G 5 -17.82 -31.60 26.65
N ARG G 13 -19.56 -33.67 22.88
CA ARG G 13 -19.03 -34.56 21.85
C ARG G 13 -18.29 -33.76 20.79
N ALA G 14 -17.10 -33.27 21.16
CA ALA G 14 -16.26 -32.48 20.26
C ALA G 14 -17.03 -31.28 19.73
N TYR G 15 -17.50 -30.46 20.67
CA TYR G 15 -18.27 -29.26 20.37
C TYR G 15 -17.41 -28.02 20.57
N ASP G 16 -17.51 -27.09 19.62
CA ASP G 16 -16.83 -25.81 19.76
C ASP G 16 -17.54 -24.96 20.81
N ILE G 17 -16.82 -23.96 21.33
CA ILE G 17 -17.39 -23.09 22.35
C ILE G 17 -18.66 -22.42 21.83
N TYR G 18 -18.60 -21.85 20.62
CA TYR G 18 -19.76 -21.21 20.04
C TYR G 18 -20.83 -22.21 19.65
N SER G 19 -20.47 -23.48 19.44
CA SER G 19 -21.48 -24.48 19.13
C SER G 19 -22.28 -24.84 20.37
N ARG G 20 -21.60 -25.15 21.48
CA ARG G 20 -22.30 -25.38 22.73
C ARG G 20 -23.07 -24.14 23.17
N LEU G 21 -22.52 -22.95 22.86
CA LEU G 21 -23.23 -21.71 23.19
C LEU G 21 -24.61 -21.68 22.54
N LEU G 22 -24.68 -22.06 21.26
CA LEU G 22 -25.97 -22.09 20.58
C LEU G 22 -26.84 -23.25 21.05
N ARG G 23 -26.20 -24.23 21.66
CA ARG G 23 -26.95 -25.33 22.24
C ARG G 23 -27.47 -25.02 23.62
N GLU G 24 -27.19 -23.82 24.11
CA GLU G 24 -27.73 -23.40 25.39
C GLU G 24 -28.78 -22.38 25.10
N ARG G 25 -29.31 -22.38 23.88
CA ARG G 25 -30.36 -21.46 23.44
C ARG G 25 -29.90 -20.08 23.52
N ILE G 26 -28.65 -19.91 23.16
CA ILE G 26 -28.08 -18.57 23.31
C ILE G 26 -27.54 -18.12 21.96
N VAL G 27 -27.78 -16.85 21.63
CA VAL G 27 -27.34 -16.26 20.37
C VAL G 27 -26.66 -14.95 20.70
N CYS G 28 -25.33 -14.94 20.69
CA CYS G 28 -24.53 -13.78 21.06
C CYS G 28 -24.21 -12.97 19.81
N VAL G 29 -24.68 -11.73 19.78
CA VAL G 29 -24.34 -10.80 18.70
C VAL G 29 -23.09 -10.03 19.09
N MET G 30 -21.93 -10.62 18.83
CA MET G 30 -20.65 -10.02 19.21
C MET G 30 -20.09 -9.21 18.04
N GLY G 31 -19.46 -8.09 18.37
CA GLY G 31 -18.83 -7.25 17.38
C GLY G 31 -19.85 -6.49 16.55
N PRO G 32 -19.36 -5.74 15.56
CA PRO G 32 -20.28 -4.99 14.68
C PRO G 32 -21.25 -5.92 13.97
N ILE G 33 -22.44 -5.40 13.72
CA ILE G 33 -23.49 -6.17 13.06
C ILE G 33 -23.41 -5.90 11.56
N ASP G 34 -23.21 -6.94 10.78
CA ASP G 34 -23.12 -6.86 9.32
C ASP G 34 -24.10 -7.85 8.71
N ASP G 35 -24.06 -7.94 7.38
CA ASP G 35 -24.97 -8.84 6.67
C ASP G 35 -24.75 -10.29 7.09
N SER G 36 -23.49 -10.73 7.14
CA SER G 36 -23.21 -12.11 7.52
C SER G 36 -23.60 -12.38 8.97
N VAL G 37 -23.24 -11.47 9.88
CA VAL G 37 -23.59 -11.65 11.28
C VAL G 37 -25.10 -11.66 11.46
N ALA G 38 -25.80 -10.77 10.74
CA ALA G 38 -27.25 -10.73 10.82
C ALA G 38 -27.86 -12.03 10.32
N SER G 39 -27.36 -12.54 9.20
CA SER G 39 -27.88 -13.81 8.67
C SER G 39 -27.64 -14.93 9.66
N LEU G 40 -26.45 -14.97 10.28
CA LEU G 40 -26.15 -16.01 11.24
C LEU G 40 -27.08 -15.93 12.45
N VAL G 41 -27.32 -14.71 12.94
CA VAL G 41 -28.19 -14.52 14.10
C VAL G 41 -29.60 -14.96 13.76
N ILE G 42 -30.08 -14.59 12.57
CA ILE G 42 -31.43 -14.98 12.16
C ILE G 42 -31.53 -16.50 12.06
N ALA G 43 -30.52 -17.14 11.47
CA ALA G 43 -30.53 -18.59 11.34
C ALA G 43 -30.55 -19.25 12.71
N GLN G 44 -29.74 -18.74 13.64
CA GLN G 44 -29.70 -19.32 14.99
C GLN G 44 -31.03 -19.14 15.70
N LEU G 45 -31.64 -17.96 15.58
CA LEU G 45 -32.93 -17.72 16.22
C LEU G 45 -34.00 -18.66 15.67
N LEU G 46 -34.03 -18.81 14.34
CA LEU G 46 -35.03 -19.69 13.74
C LEU G 46 -34.77 -21.16 14.09
N PHE G 47 -33.51 -21.55 14.19
CA PHE G 47 -33.19 -22.92 14.60
C PHE G 47 -33.64 -23.18 16.03
N LEU G 48 -33.40 -22.22 16.93
CA LEU G 48 -33.85 -22.37 18.31
C LEU G 48 -35.38 -22.40 18.39
N GLN G 49 -36.04 -21.62 17.53
CA GLN G 49 -37.50 -21.71 17.45
C GLN G 49 -37.93 -23.10 17.03
N SER G 50 -37.30 -23.66 15.99
CA SER G 50 -37.64 -25.00 15.55
C SER G 50 -37.44 -26.01 16.67
N GLU G 51 -36.33 -25.91 17.40
CA GLU G 51 -36.08 -26.83 18.50
C GLU G 51 -37.20 -26.77 19.52
N SER G 52 -37.60 -25.56 19.91
CA SER G 52 -38.69 -25.38 20.87
C SER G 52 -39.20 -23.95 20.78
N ASN G 53 -40.49 -23.79 20.51
CA ASN G 53 -41.06 -22.45 20.41
C ASN G 53 -41.46 -21.91 21.77
N LYS G 54 -41.48 -22.74 22.82
CA LYS G 54 -41.87 -22.29 24.14
C LYS G 54 -40.66 -21.83 24.95
N LYS G 55 -39.58 -22.61 24.91
CA LYS G 55 -38.41 -22.28 25.70
C LYS G 55 -37.87 -20.91 25.29
N PRO G 56 -37.31 -20.14 26.21
CA PRO G 56 -36.79 -18.81 25.86
C PRO G 56 -35.48 -18.91 25.08
N ILE G 57 -35.06 -17.77 24.54
CA ILE G 57 -33.81 -17.65 23.81
C ILE G 57 -33.05 -16.46 24.39
N HIS G 58 -31.80 -16.70 24.80
CA HIS G 58 -30.96 -15.67 25.39
C HIS G 58 -30.11 -15.04 24.30
N MET G 59 -30.06 -13.71 24.29
CA MET G 59 -29.29 -12.95 23.31
C MET G 59 -28.30 -12.06 24.06
N TYR G 60 -27.03 -12.44 24.02
CA TYR G 60 -25.98 -11.61 24.60
C TYR G 60 -25.59 -10.53 23.61
N ILE G 61 -25.71 -9.27 24.03
CA ILE G 61 -25.51 -8.12 23.15
C ILE G 61 -24.27 -7.37 23.59
N ASN G 62 -23.19 -7.47 22.78
CA ASN G 62 -21.99 -6.68 22.96
C ASN G 62 -21.54 -6.25 21.56
N SER G 63 -22.02 -5.07 21.13
CA SER G 63 -21.75 -4.56 19.81
C SER G 63 -21.39 -3.07 19.88
N PRO G 64 -20.38 -2.61 19.14
CA PRO G 64 -20.11 -1.17 19.07
C PRO G 64 -20.95 -0.43 18.04
N GLY G 65 -21.78 -1.13 17.28
CA GLY G 65 -22.60 -0.51 16.27
C GLY G 65 -23.20 -1.53 15.32
N GLY G 66 -23.09 -1.26 14.01
CA GLY G 66 -23.56 -2.17 12.99
C GLY G 66 -24.32 -1.44 11.91
N VAL G 67 -25.04 -2.21 11.09
CA VAL G 67 -25.83 -1.67 9.99
C VAL G 67 -27.27 -1.55 10.45
N VAL G 68 -27.96 -0.51 9.98
CA VAL G 68 -29.35 -0.30 10.38
C VAL G 68 -30.23 -1.42 9.82
N THR G 69 -30.04 -1.76 8.54
CA THR G 69 -30.85 -2.82 7.94
C THR G 69 -30.61 -4.15 8.63
N ALA G 70 -29.37 -4.44 9.01
CA ALA G 70 -29.06 -5.69 9.70
C ALA G 70 -29.78 -5.76 11.04
N GLY G 71 -29.69 -4.69 11.83
CA GLY G 71 -30.37 -4.67 13.12
C GLY G 71 -31.87 -4.77 12.98
N LEU G 72 -32.43 -4.12 11.95
CA LEU G 72 -33.87 -4.19 11.72
C LEU G 72 -34.29 -5.61 11.33
N ALA G 73 -33.46 -6.28 10.52
CA ALA G 73 -33.75 -7.67 10.17
C ALA G 73 -33.72 -8.56 11.41
N ILE G 74 -32.72 -8.36 12.27
CA ILE G 74 -32.64 -9.14 13.50
C ILE G 74 -33.87 -8.87 14.37
N TYR G 75 -34.30 -7.61 14.44
CA TYR G 75 -35.47 -7.26 15.23
C TYR G 75 -36.74 -7.91 14.68
N ASP G 76 -36.89 -7.87 13.35
CA ASP G 76 -38.06 -8.52 12.73
C ASP G 76 -38.04 -10.01 12.96
N THR G 77 -36.86 -10.63 12.95
CA THR G 77 -36.79 -12.06 13.24
C THR G 77 -37.16 -12.35 14.69
N MET G 78 -36.66 -11.52 15.62
CA MET G 78 -37.01 -11.70 17.03
C MET G 78 -38.51 -11.57 17.25
N GLN G 79 -39.14 -10.60 16.58
CA GLN G 79 -40.57 -10.39 16.76
C GLN G 79 -41.38 -11.50 16.07
N TYR G 80 -40.88 -12.01 14.94
CA TYR G 80 -41.60 -13.05 14.22
C TYR G 80 -41.70 -14.34 15.05
N ILE G 81 -40.58 -14.79 15.61
CA ILE G 81 -40.59 -16.03 16.39
C ILE G 81 -41.37 -15.82 17.68
N LEU G 82 -42.08 -16.87 18.09
CA LEU G 82 -42.91 -16.80 19.29
C LEU G 82 -42.13 -17.00 20.58
N ASN G 83 -40.83 -17.27 20.49
CA ASN G 83 -40.05 -17.52 21.68
C ASN G 83 -39.80 -16.21 22.42
N PRO G 84 -39.91 -16.19 23.75
CA PRO G 84 -39.54 -14.98 24.50
C PRO G 84 -38.02 -14.79 24.49
N ILE G 85 -37.60 -13.57 24.19
CA ILE G 85 -36.19 -13.25 23.99
C ILE G 85 -35.69 -12.53 25.24
N CYS G 86 -34.73 -13.14 25.92
CA CYS G 86 -34.08 -12.53 27.08
C CYS G 86 -32.80 -11.85 26.59
N THR G 87 -32.83 -10.53 26.49
CA THR G 87 -31.68 -9.79 25.99
C THR G 87 -30.78 -9.38 27.15
N TRP G 88 -29.56 -9.88 27.16
CA TRP G 88 -28.59 -9.62 28.20
C TRP G 88 -27.50 -8.71 27.64
N CYS G 89 -27.42 -7.48 28.15
CA CYS G 89 -26.37 -6.56 27.75
C CYS G 89 -25.09 -6.89 28.53
N VAL G 90 -24.06 -7.32 27.80
CA VAL G 90 -22.81 -7.73 28.43
C VAL G 90 -21.67 -6.91 27.86
N GLY G 91 -21.32 -5.82 28.55
CA GLY G 91 -20.19 -5.01 28.18
C GLY G 91 -20.60 -3.68 27.57
N GLN G 92 -21.56 -3.71 26.66
CA GLN G 92 -22.09 -2.48 26.08
C GLN G 92 -23.24 -2.81 25.14
N ALA G 93 -24.03 -1.78 24.82
CA ALA G 93 -25.14 -1.89 23.86
C ALA G 93 -25.14 -0.60 23.04
N ALA G 94 -24.70 -0.71 21.80
CA ALA G 94 -24.55 0.43 20.90
C ALA G 94 -25.87 0.73 20.22
N SER G 95 -25.83 1.57 19.20
CA SER G 95 -27.03 2.02 18.50
C SER G 95 -27.98 0.86 18.20
N MET G 96 -27.51 -0.14 17.44
CA MET G 96 -28.36 -1.27 17.11
C MET G 96 -28.36 -2.31 18.22
N GLY G 97 -27.25 -2.45 18.93
CA GLY G 97 -27.22 -3.34 20.08
C GLY G 97 -28.24 -2.94 21.13
N SER G 98 -28.30 -1.64 21.44
CA SER G 98 -29.29 -1.16 22.40
C SER G 98 -30.70 -1.34 21.88
N LEU G 99 -30.90 -1.22 20.57
CA LEU G 99 -32.24 -1.44 20.01
C LEU G 99 -32.66 -2.88 20.19
N LEU G 100 -31.79 -3.82 19.84
CA LEU G 100 -32.10 -5.23 20.06
C LEU G 100 -32.30 -5.53 21.54
N LEU G 101 -31.57 -4.82 22.40
CA LEU G 101 -31.72 -4.99 23.84
C LEU G 101 -33.11 -4.58 24.29
N ALA G 102 -33.55 -3.38 23.88
CA ALA G 102 -34.88 -2.91 24.25
C ALA G 102 -35.98 -3.75 23.61
N ALA G 103 -35.67 -4.42 22.51
CA ALA G 103 -36.64 -5.24 21.79
C ALA G 103 -36.91 -6.56 22.50
N GLY G 104 -36.25 -6.85 23.62
CA GLY G 104 -36.47 -8.08 24.32
C GLY G 104 -37.85 -8.16 24.94
N THR G 105 -38.20 -9.38 25.36
CA THR G 105 -39.50 -9.59 25.98
C THR G 105 -39.60 -8.79 27.27
N PRO G 106 -40.75 -8.17 27.56
CA PRO G 106 -40.88 -7.43 28.82
C PRO G 106 -40.59 -8.32 30.01
N GLY G 107 -39.87 -7.77 30.98
CA GLY G 107 -39.48 -8.51 32.16
C GLY G 107 -38.32 -9.45 31.96
N MET G 108 -37.60 -9.35 30.84
CA MET G 108 -36.48 -10.24 30.56
C MET G 108 -35.26 -9.51 30.01
N ARG G 109 -35.26 -8.18 30.02
CA ARG G 109 -34.13 -7.39 29.51
C ARG G 109 -33.18 -7.13 30.67
N HIS G 110 -32.06 -7.85 30.69
CA HIS G 110 -31.10 -7.78 31.78
C HIS G 110 -29.81 -7.09 31.32
N SER G 111 -29.06 -6.59 32.29
CA SER G 111 -27.78 -5.95 32.01
C SER G 111 -26.89 -6.05 33.24
N LEU G 112 -25.59 -6.15 32.99
CA LEU G 112 -24.62 -6.25 34.07
C LEU G 112 -24.30 -4.87 34.64
N PRO G 113 -23.68 -4.81 35.82
CA PRO G 113 -23.50 -3.51 36.48
C PRO G 113 -22.68 -2.51 35.68
N ASN G 114 -21.66 -2.96 34.96
CA ASN G 114 -20.75 -2.06 34.25
C ASN G 114 -21.06 -1.95 32.76
N SER G 115 -22.18 -2.51 32.30
CA SER G 115 -22.54 -2.40 30.90
C SER G 115 -22.90 -0.96 30.55
N ARG G 116 -22.72 -0.62 29.27
CA ARG G 116 -22.97 0.73 28.77
C ARG G 116 -23.98 0.66 27.63
N ILE G 117 -25.08 1.38 27.79
CA ILE G 117 -26.17 1.41 26.80
C ILE G 117 -26.14 2.76 26.11
N MET G 118 -26.38 2.75 24.79
CA MET G 118 -26.41 3.98 24.01
C MET G 118 -27.37 3.80 22.85
N ILE G 119 -28.29 4.76 22.67
CA ILE G 119 -29.23 4.72 21.56
C ILE G 119 -29.05 5.91 20.61
N HIS G 120 -27.90 6.58 20.65
CA HIS G 120 -27.69 7.76 19.82
C HIS G 120 -28.02 7.50 18.35
N GLN G 121 -27.56 6.36 17.82
CA GLN G 121 -27.80 6.02 16.43
C GLN G 121 -27.23 7.09 15.51
N PRO G 122 -25.91 7.23 15.44
CA PRO G 122 -25.33 8.27 14.60
C PRO G 122 -25.48 7.96 13.11
N SER G 123 -26.69 8.14 12.59
CA SER G 123 -26.96 7.87 11.17
C SER G 123 -28.05 8.79 10.66
N ILE G 135 -24.96 7.38 -0.95
CA ILE G 135 -25.65 7.64 0.31
C ILE G 135 -27.11 7.98 0.02
N GLN G 136 -28.01 7.47 0.86
CA GLN G 136 -29.45 7.70 0.74
C GLN G 136 -29.92 8.34 2.05
N ALA G 137 -30.32 9.61 1.98
CA ALA G 137 -30.71 10.33 3.19
C ALA G 137 -32.14 9.99 3.59
N GLU G 138 -33.08 10.07 2.65
CA GLU G 138 -34.47 9.78 2.98
C GLU G 138 -34.63 8.36 3.50
N GLU G 139 -33.91 7.41 2.91
CA GLU G 139 -34.00 6.02 3.37
C GLU G 139 -33.58 5.89 4.82
N ILE G 140 -32.40 6.41 5.16
CA ILE G 140 -31.91 6.26 6.53
C ILE G 140 -32.77 7.05 7.50
N MET G 141 -33.36 8.17 7.07
CA MET G 141 -34.24 8.91 7.97
C MET G 141 -35.53 8.14 8.23
N LYS G 142 -36.09 7.50 7.20
CA LYS G 142 -37.25 6.64 7.41
C LYS G 142 -36.91 5.47 8.32
N LEU G 143 -35.70 4.91 8.16
CA LEU G 143 -35.26 3.84 9.04
C LEU G 143 -35.18 4.33 10.48
N LYS G 144 -34.67 5.55 10.69
CA LYS G 144 -34.55 6.08 12.04
C LYS G 144 -35.92 6.39 12.63
N LYS G 145 -36.89 6.78 11.78
CA LYS G 145 -38.25 6.95 12.25
C LYS G 145 -38.85 5.61 12.68
N GLN G 146 -38.57 4.55 11.90
CA GLN G 146 -38.98 3.21 12.30
C GLN G 146 -38.36 2.83 13.63
N LEU G 147 -37.10 3.21 13.84
CA LEU G 147 -36.44 2.94 15.12
C LEU G 147 -37.14 3.70 16.25
N TYR G 148 -37.48 4.96 16.01
CA TYR G 148 -38.26 5.71 17.00
C TYR G 148 -39.54 4.98 17.36
N ASN G 149 -40.26 4.50 16.34
CA ASN G 149 -41.52 3.79 16.58
C ASN G 149 -41.28 2.51 17.39
N ILE G 150 -40.22 1.77 17.05
CA ILE G 150 -39.92 0.54 17.77
C ILE G 150 -39.62 0.83 19.24
N TYR G 151 -38.80 1.86 19.49
CA TYR G 151 -38.49 2.24 20.86
C TYR G 151 -39.76 2.63 21.62
N ALA G 152 -40.61 3.46 21.00
CA ALA G 152 -41.85 3.86 21.64
C ALA G 152 -42.72 2.65 21.95
N LYS G 153 -42.72 1.65 21.07
CA LYS G 153 -43.51 0.45 21.31
C LYS G 153 -42.96 -0.34 22.49
N HIS G 154 -41.68 -0.68 22.46
CA HIS G 154 -41.08 -1.55 23.47
C HIS G 154 -40.79 -0.84 24.79
N THR G 155 -40.21 0.35 24.74
CA THR G 155 -39.85 1.08 25.95
C THR G 155 -41.02 1.81 26.58
N LYS G 156 -42.22 1.71 26.00
CA LYS G 156 -43.41 2.40 26.50
C LYS G 156 -43.27 3.92 26.52
N GLN G 157 -42.24 4.45 25.87
CA GLN G 157 -42.01 5.89 25.86
C GLN G 157 -42.67 6.52 24.63
N SER G 158 -42.72 7.85 24.65
CA SER G 158 -43.29 8.60 23.53
C SER G 158 -42.24 8.86 22.46
N LEU G 159 -42.71 9.35 21.31
CA LEU G 159 -41.79 9.62 20.20
C LEU G 159 -40.89 10.81 20.51
N GLN G 160 -41.45 11.86 21.13
CA GLN G 160 -40.66 13.06 21.39
C GLN G 160 -39.51 12.76 22.35
N VAL G 161 -39.78 12.02 23.42
CA VAL G 161 -38.72 11.71 24.38
C VAL G 161 -37.68 10.80 23.75
N ILE G 162 -38.09 9.86 22.90
CA ILE G 162 -37.13 8.99 22.23
C ILE G 162 -36.23 9.82 21.30
N GLU G 163 -36.82 10.76 20.56
CA GLU G 163 -36.03 11.61 19.68
C GLU G 163 -35.06 12.47 20.49
N SER G 164 -35.51 13.00 21.63
CA SER G 164 -34.64 13.81 22.46
C SER G 164 -33.48 13.00 23.02
N ALA G 165 -33.76 11.76 23.43
CA ALA G 165 -32.70 10.92 24.01
C ALA G 165 -31.71 10.50 22.94
N MET G 166 -32.18 9.99 21.80
CA MET G 166 -31.30 9.55 20.74
C MET G 166 -30.53 10.71 20.12
N GLU G 167 -30.98 11.95 20.31
CA GLU G 167 -30.25 13.10 19.78
C GLU G 167 -28.97 13.36 20.55
N ARG G 168 -28.90 12.92 21.81
CA ARG G 168 -27.73 13.14 22.64
C ARG G 168 -26.75 11.97 22.45
N ASP G 169 -25.48 12.31 22.23
CA ASP G 169 -24.43 11.30 22.08
C ASP G 169 -23.86 11.02 23.45
N ARG G 170 -24.42 10.02 24.13
CA ARG G 170 -23.99 9.67 25.47
C ARG G 170 -24.42 8.23 25.76
N TYR G 171 -23.77 7.63 26.76
CA TYR G 171 -24.04 6.27 27.17
C TYR G 171 -24.84 6.26 28.46
N MET G 172 -25.90 5.46 28.49
CA MET G 172 -26.71 5.32 29.69
C MET G 172 -26.20 4.16 30.54
N SER G 173 -26.29 4.33 31.85
CA SER G 173 -25.92 3.26 32.76
C SER G 173 -27.04 2.24 32.85
N PRO G 174 -26.75 1.03 33.35
CA PRO G 174 -27.80 0.01 33.46
C PRO G 174 -29.00 0.51 34.24
N MET G 175 -28.79 1.21 35.36
CA MET G 175 -29.90 1.72 36.13
C MET G 175 -30.65 2.80 35.35
N GLU G 176 -29.92 3.68 34.67
CA GLU G 176 -30.57 4.70 33.86
C GLU G 176 -31.36 4.09 32.71
N ALA G 177 -30.75 3.14 31.99
CA ALA G 177 -31.46 2.45 30.92
C ALA G 177 -32.68 1.70 31.43
N GLN G 178 -32.64 1.23 32.69
CA GLN G 178 -33.81 0.61 33.29
C GLN G 178 -34.89 1.63 33.58
N GLU G 179 -34.51 2.81 34.08
CA GLU G 179 -35.48 3.88 34.30
C GLU G 179 -36.07 4.36 32.97
N PHE G 180 -35.24 4.43 31.92
CA PHE G 180 -35.71 4.89 30.62
C PHE G 180 -36.59 3.86 29.92
N GLY G 181 -36.69 2.64 30.45
CA GLY G 181 -37.49 1.60 29.84
C GLY G 181 -36.74 0.67 28.92
N ILE G 182 -35.44 0.86 28.75
CA ILE G 182 -34.66 -0.02 27.88
C ILE G 182 -34.36 -1.34 28.58
N LEU G 183 -34.27 -1.33 29.91
CA LEU G 183 -33.96 -2.52 30.68
C LEU G 183 -35.06 -2.79 31.70
N ASP G 184 -35.14 -4.05 32.14
CA ASP G 184 -36.09 -4.45 33.17
C ASP G 184 -35.42 -4.85 34.48
N LYS G 185 -34.19 -5.36 34.41
CA LYS G 185 -33.46 -5.78 35.60
C LYS G 185 -31.97 -5.48 35.42
N VAL G 186 -31.29 -5.30 36.54
CA VAL G 186 -29.83 -5.09 36.56
C VAL G 186 -29.29 -6.06 37.62
N LEU G 187 -28.82 -7.21 37.19
CA LEU G 187 -28.37 -8.25 38.10
C LEU G 187 -26.86 -8.14 38.34
N VAL G 188 -26.46 -8.31 39.59
CA VAL G 188 -25.05 -8.40 39.95
C VAL G 188 -24.60 -9.84 40.10
N HIS G 189 -25.49 -10.70 40.58
CA HIS G 189 -25.23 -12.12 40.74
C HIS G 189 -26.52 -12.87 40.38
N PRO G 190 -26.41 -14.15 40.05
CA PRO G 190 -27.60 -14.92 39.73
C PRO G 190 -28.59 -14.88 40.88
N PRO G 191 -29.88 -15.07 40.61
CA PRO G 191 -30.88 -14.95 41.67
C PRO G 191 -30.64 -15.97 42.79
N GLN G 192 -30.51 -15.47 44.01
CA GLN G 192 -30.29 -16.33 45.16
C GLN G 192 -31.58 -17.00 45.61
N ILE H 1 1.10 -24.54 18.04
CA ILE H 1 0.03 -25.06 18.92
C ILE H 1 -0.25 -26.52 18.56
N PRO H 2 0.62 -27.43 18.98
CA PRO H 2 0.45 -28.84 18.66
C PRO H 2 -0.66 -29.48 19.48
N ILE H 3 -0.96 -30.73 19.13
CA ILE H 3 -1.99 -31.49 19.83
C ILE H 3 -1.35 -32.21 21.01
N VAL H 4 -2.02 -32.17 22.15
CA VAL H 4 -1.55 -32.82 23.36
C VAL H 4 -2.53 -33.93 23.75
N VAL H 5 -2.18 -34.67 24.80
CA VAL H 5 -3.02 -35.76 25.28
C VAL H 5 -3.33 -35.54 26.76
N ARG H 13 -7.54 -37.43 24.72
CA ARG H 13 -8.20 -37.84 23.49
C ARG H 13 -7.97 -36.81 22.38
N ALA H 14 -6.71 -36.60 22.04
CA ALA H 14 -6.31 -35.66 20.99
C ALA H 14 -6.85 -34.26 21.28
N TYR H 15 -6.40 -33.70 22.40
CA TYR H 15 -6.78 -32.37 22.81
C TYR H 15 -5.69 -31.36 22.44
N ASP H 16 -6.12 -30.13 22.19
CA ASP H 16 -5.22 -29.04 21.88
C ASP H 16 -4.70 -28.41 23.16
N ILE H 17 -3.62 -27.62 23.02
CA ILE H 17 -3.05 -26.92 24.17
C ILE H 17 -4.13 -26.08 24.85
N TYR H 18 -4.72 -25.15 24.10
CA TYR H 18 -5.77 -24.30 24.65
C TYR H 18 -7.02 -25.10 25.01
N SER H 19 -7.18 -26.31 24.47
CA SER H 19 -8.32 -27.14 24.82
C SER H 19 -8.14 -27.74 26.21
N ARG H 20 -7.02 -28.43 26.44
CA ARG H 20 -6.75 -28.96 27.77
C ARG H 20 -6.62 -27.83 28.78
N LEU H 21 -6.11 -26.68 28.37
CA LEU H 21 -6.02 -25.53 29.26
C LEU H 21 -7.38 -25.20 29.86
N LEU H 22 -8.41 -25.16 29.02
CA LEU H 22 -9.76 -24.89 29.52
C LEU H 22 -10.32 -26.11 30.25
N ARG H 23 -9.76 -27.27 30.03
CA ARG H 23 -10.21 -28.44 30.75
C ARG H 23 -9.53 -28.56 32.10
N GLU H 24 -8.63 -27.63 32.39
CA GLU H 24 -8.00 -27.62 33.69
C GLU H 24 -8.58 -26.49 34.48
N ARG H 25 -9.74 -25.99 34.09
CA ARG H 25 -10.45 -24.89 34.76
C ARG H 25 -9.60 -23.71 34.70
N ILE H 26 -8.88 -23.63 33.62
CA ILE H 26 -7.92 -22.52 33.52
C ILE H 26 -8.27 -21.72 32.27
N VAL H 27 -8.39 -20.41 32.43
CA VAL H 27 -8.65 -19.49 31.33
C VAL H 27 -7.45 -18.55 31.22
N CYS H 28 -7.02 -18.28 29.99
CA CYS H 28 -5.85 -17.46 29.73
C CYS H 28 -6.25 -16.24 28.92
N VAL H 29 -6.17 -15.06 29.55
CA VAL H 29 -6.40 -13.81 28.85
C VAL H 29 -5.07 -13.31 28.30
N MET H 30 -4.71 -13.80 27.11
CA MET H 30 -3.44 -13.47 26.49
C MET H 30 -3.63 -12.37 25.45
N GLY H 31 -2.56 -11.61 25.22
CA GLY H 31 -2.58 -10.56 24.23
C GLY H 31 -3.59 -9.48 24.56
N PRO H 32 -3.75 -8.51 23.66
CA PRO H 32 -4.72 -7.43 23.89
C PRO H 32 -6.12 -7.98 24.07
N ILE H 33 -6.92 -7.26 24.87
CA ILE H 33 -8.30 -7.65 25.14
C ILE H 33 -9.20 -6.93 24.13
N ASP H 34 -9.94 -7.71 23.36
CA ASP H 34 -10.85 -7.19 22.34
C ASP H 34 -12.22 -7.83 22.54
N ASP H 35 -13.16 -7.48 21.66
CA ASP H 35 -14.51 -8.01 21.75
C ASP H 35 -14.51 -9.53 21.65
N SER H 36 -13.78 -10.08 20.67
CA SER H 36 -13.76 -11.52 20.49
C SER H 36 -13.11 -12.21 21.68
N VAL H 37 -11.96 -11.69 22.12
CA VAL H 37 -11.25 -12.31 23.25
C VAL H 37 -12.12 -12.24 24.51
N ALA H 38 -12.79 -11.11 24.72
CA ALA H 38 -13.64 -10.97 25.90
C ALA H 38 -14.82 -11.94 25.83
N SER H 39 -15.43 -12.07 24.65
CA SER H 39 -16.52 -13.03 24.50
C SER H 39 -16.05 -14.44 24.79
N LEU H 40 -14.85 -14.79 24.29
CA LEU H 40 -14.31 -16.12 24.54
C LEU H 40 -14.07 -16.34 26.03
N VAL H 41 -13.50 -15.34 26.72
CA VAL H 41 -13.24 -15.48 28.14
C VAL H 41 -14.55 -15.64 28.91
N ILE H 42 -15.57 -14.86 28.53
CA ILE H 42 -16.87 -14.96 29.19
C ILE H 42 -17.47 -16.34 28.99
N ALA H 43 -17.39 -16.85 27.76
CA ALA H 43 -17.93 -18.18 27.47
C ALA H 43 -17.20 -19.24 28.27
N GLN H 44 -15.87 -19.13 28.36
CA GLN H 44 -15.10 -20.11 29.11
C GLN H 44 -15.44 -20.07 30.60
N LEU H 45 -15.56 -18.86 31.16
CA LEU H 45 -15.92 -18.73 32.56
C LEU H 45 -17.28 -19.32 32.84
N LEU H 46 -18.27 -19.03 31.98
CA LEU H 46 -19.60 -19.56 32.19
C LEU H 46 -19.65 -21.07 32.01
N PHE H 47 -18.86 -21.61 31.07
CA PHE H 47 -18.80 -23.06 30.90
C PHE H 47 -18.18 -23.73 32.12
N LEU H 48 -17.12 -23.14 32.66
CA LEU H 48 -16.50 -23.70 33.86
C LEU H 48 -17.45 -23.61 35.05
N GLN H 49 -18.25 -22.54 35.14
CA GLN H 49 -19.27 -22.49 36.17
C GLN H 49 -20.30 -23.60 35.98
N SER H 50 -20.75 -23.80 34.75
CA SER H 50 -21.69 -24.88 34.47
C SER H 50 -21.13 -26.23 34.91
N GLU H 51 -19.87 -26.49 34.60
CA GLU H 51 -19.25 -27.74 35.02
C GLU H 51 -19.30 -27.90 36.53
N SER H 52 -18.95 -26.85 37.26
CA SER H 52 -19.00 -26.87 38.72
C SER H 52 -18.92 -25.44 39.23
N ASN H 53 -19.89 -25.07 40.08
CA ASN H 53 -19.92 -23.72 40.63
C ASN H 53 -19.07 -23.57 41.88
N LYS H 54 -18.68 -24.68 42.51
CA LYS H 54 -17.86 -24.61 43.72
C LYS H 54 -16.37 -24.61 43.39
N LYS H 55 -15.96 -25.44 42.45
CA LYS H 55 -14.55 -25.54 42.11
C LYS H 55 -14.04 -24.19 41.62
N PRO H 56 -12.78 -23.84 41.91
CA PRO H 56 -12.26 -22.54 41.48
C PRO H 56 -11.97 -22.51 39.98
N ILE H 57 -11.65 -21.31 39.49
CA ILE H 57 -11.29 -21.08 38.10
C ILE H 57 -10.04 -20.21 38.09
N HIS H 58 -9.00 -20.65 37.38
CA HIS H 58 -7.74 -19.94 37.30
C HIS H 58 -7.72 -19.05 36.06
N MET H 59 -7.34 -17.79 36.24
CA MET H 59 -7.29 -16.81 35.16
C MET H 59 -5.85 -16.31 35.04
N TYR H 60 -5.14 -16.78 34.02
CA TYR H 60 -3.80 -16.29 33.72
C TYR H 60 -3.90 -15.00 32.94
N ILE H 61 -3.20 -13.97 33.40
CA ILE H 61 -3.30 -12.62 32.83
C ILE H 61 -1.93 -12.22 32.30
N ASN H 62 -1.81 -12.22 30.96
CA ASN H 62 -0.65 -11.65 30.27
C ASN H 62 -1.19 -10.84 29.08
N SER H 63 -1.47 -9.55 29.34
CA SER H 63 -2.06 -8.68 28.34
C SER H 63 -1.50 -7.27 28.45
N PRO H 64 -1.23 -6.60 27.32
CA PRO H 64 -0.80 -5.20 27.38
C PRO H 64 -1.94 -4.21 27.49
N GLY H 65 -3.18 -4.68 27.62
CA GLY H 65 -4.32 -3.79 27.71
C GLY H 65 -5.48 -4.26 26.84
N GLY H 66 -6.25 -3.33 26.31
CA GLY H 66 -7.35 -3.66 25.43
C GLY H 66 -8.48 -2.67 25.59
N VAL H 67 -9.66 -3.08 25.13
CA VAL H 67 -10.84 -2.22 25.19
C VAL H 67 -11.32 -2.15 26.64
N VAL H 68 -11.76 -0.97 27.05
CA VAL H 68 -12.24 -0.79 28.43
C VAL H 68 -13.54 -1.55 28.63
N THR H 69 -14.47 -1.43 27.68
CA THR H 69 -15.75 -2.13 27.80
C THR H 69 -15.56 -3.64 27.82
N ALA H 70 -14.60 -4.15 27.05
CA ALA H 70 -14.33 -5.59 27.05
C ALA H 70 -13.84 -6.06 28.41
N GLY H 71 -12.89 -5.33 28.99
CA GLY H 71 -12.40 -5.70 30.32
C GLY H 71 -13.49 -5.59 31.37
N LEU H 72 -14.36 -4.59 31.25
CA LEU H 72 -15.46 -4.46 32.19
C LEU H 72 -16.46 -5.60 32.04
N ALA H 73 -16.69 -6.06 30.81
CA ALA H 73 -17.54 -7.23 30.61
C ALA H 73 -16.92 -8.46 31.25
N ILE H 74 -15.61 -8.65 31.08
CA ILE H 74 -14.94 -9.78 31.69
C ILE H 74 -15.06 -9.70 33.21
N TYR H 75 -14.91 -8.49 33.77
CA TYR H 75 -15.02 -8.30 35.21
C TYR H 75 -16.42 -8.62 35.70
N ASP H 76 -17.44 -8.15 34.96
CA ASP H 76 -18.82 -8.43 35.34
C ASP H 76 -19.11 -9.92 35.28
N THR H 77 -18.55 -10.63 34.30
CA THR H 77 -18.74 -12.07 34.23
C THR H 77 -18.05 -12.76 35.40
N MET H 78 -16.84 -12.31 35.75
CA MET H 78 -16.13 -12.89 36.90
C MET H 78 -16.92 -12.69 38.18
N GLN H 79 -17.47 -11.50 38.38
CA GLN H 79 -18.22 -11.22 39.60
C GLN H 79 -19.58 -11.92 39.61
N TYR H 80 -20.16 -12.15 38.43
CA TYR H 80 -21.48 -12.77 38.36
C TYR H 80 -21.43 -14.23 38.76
N ILE H 81 -20.43 -14.96 38.24
CA ILE H 81 -20.33 -16.39 38.55
C ILE H 81 -19.91 -16.58 40.01
N LEU H 82 -20.42 -17.65 40.61
CA LEU H 82 -20.16 -17.92 42.03
C LEU H 82 -18.80 -18.59 42.27
N ASN H 83 -18.10 -18.99 41.21
CA ASN H 83 -16.84 -19.66 41.40
C ASN H 83 -15.78 -18.67 41.88
N PRO H 84 -14.91 -19.07 42.82
CA PRO H 84 -13.80 -18.18 43.20
C PRO H 84 -12.76 -18.14 42.10
N ILE H 85 -12.32 -16.92 41.76
CA ILE H 85 -11.43 -16.68 40.63
C ILE H 85 -10.03 -16.48 41.17
N CYS H 86 -9.12 -17.39 40.84
CA CYS H 86 -7.71 -17.28 41.20
C CYS H 86 -6.98 -16.61 40.05
N THR H 87 -6.66 -15.33 40.22
CA THR H 87 -5.92 -14.59 39.20
C THR H 87 -4.44 -14.87 39.35
N TRP H 88 -3.75 -15.02 38.20
CA TRP H 88 -2.33 -15.31 38.16
C TRP H 88 -1.67 -14.37 37.16
N CYS H 89 -0.88 -13.43 37.66
CA CYS H 89 -0.14 -12.50 36.81
C CYS H 89 1.10 -13.20 36.27
N VAL H 90 1.10 -13.52 34.98
CA VAL H 90 2.23 -14.20 34.36
C VAL H 90 2.80 -13.29 33.27
N GLY H 91 4.05 -12.85 33.47
CA GLY H 91 4.69 -11.98 32.52
C GLY H 91 4.42 -10.52 32.79
N GLN H 92 3.17 -10.10 32.65
CA GLN H 92 2.77 -8.73 32.92
C GLN H 92 1.26 -8.64 33.01
N ALA H 93 0.79 -7.69 33.80
CA ALA H 93 -0.64 -7.41 33.96
C ALA H 93 -0.82 -5.91 33.72
N ALA H 94 -1.16 -5.54 32.50
CA ALA H 94 -1.35 -4.15 32.12
C ALA H 94 -2.60 -3.59 32.78
N SER H 95 -2.90 -2.33 32.47
CA SER H 95 -4.01 -1.64 33.11
C SER H 95 -5.29 -2.47 33.07
N MET H 96 -5.80 -2.75 31.87
CA MET H 96 -7.07 -3.45 31.76
C MET H 96 -6.98 -4.84 32.37
N GLY H 97 -5.84 -5.53 32.19
CA GLY H 97 -5.65 -6.80 32.86
C GLY H 97 -5.48 -6.65 34.36
N SER H 98 -4.85 -5.56 34.80
CA SER H 98 -4.65 -5.35 36.22
C SER H 98 -5.97 -5.38 36.99
N LEU H 99 -7.00 -4.73 36.46
CA LEU H 99 -8.32 -4.84 37.06
C LEU H 99 -8.71 -6.31 37.20
N LEU H 100 -8.63 -7.07 36.10
CA LEU H 100 -8.93 -8.49 36.18
C LEU H 100 -8.02 -9.18 37.19
N LEU H 101 -6.78 -8.70 37.33
CA LEU H 101 -5.87 -9.25 38.33
C LEU H 101 -6.32 -8.84 39.73
N ALA H 102 -6.78 -7.60 39.88
CA ALA H 102 -7.24 -7.13 41.18
C ALA H 102 -8.64 -7.65 41.50
N ALA H 103 -9.42 -7.98 40.47
CA ALA H 103 -10.78 -8.47 40.65
C ALA H 103 -10.84 -9.91 41.15
N GLY H 104 -9.69 -10.55 41.36
CA GLY H 104 -9.68 -11.91 41.82
C GLY H 104 -10.23 -12.06 43.23
N THR H 105 -10.50 -13.30 43.60
CA THR H 105 -11.04 -13.57 44.93
C THR H 105 -10.03 -13.14 46.00
N PRO H 106 -10.47 -12.50 47.09
CA PRO H 106 -9.53 -12.13 48.15
C PRO H 106 -8.74 -13.31 48.67
N GLY H 107 -7.41 -13.25 48.53
CA GLY H 107 -6.55 -14.31 48.96
C GLY H 107 -6.17 -15.31 47.88
N MET H 108 -6.43 -14.99 46.60
CA MET H 108 -6.09 -15.91 45.52
C MET H 108 -5.49 -15.17 44.33
N ARG H 109 -4.97 -13.96 44.53
CA ARG H 109 -4.35 -13.17 43.47
C ARG H 109 -2.84 -13.33 43.57
N HIS H 110 -2.28 -14.20 42.73
CA HIS H 110 -0.86 -14.52 42.76
C HIS H 110 -0.14 -13.87 41.59
N SER H 111 1.18 -13.73 41.75
CA SER H 111 2.03 -13.16 40.72
C SER H 111 3.43 -13.73 40.84
N LEU H 112 4.06 -13.94 39.70
CA LEU H 112 5.42 -14.48 39.67
C LEU H 112 6.43 -13.38 39.96
N PRO H 113 7.68 -13.75 40.28
CA PRO H 113 8.65 -12.74 40.72
C PRO H 113 8.92 -11.65 39.69
N ASN H 114 9.04 -12.00 38.42
CA ASN H 114 9.40 -11.04 37.38
C ASN H 114 8.19 -10.47 36.66
N SER H 115 6.97 -10.79 37.10
CA SER H 115 5.78 -10.23 36.48
C SER H 115 5.66 -8.74 36.79
N ARG H 116 5.00 -8.01 35.91
CA ARG H 116 4.84 -6.57 36.02
C ARG H 116 3.36 -6.21 36.08
N ILE H 117 3.01 -5.32 37.00
CA ILE H 117 1.64 -4.86 37.19
C ILE H 117 1.60 -3.37 36.91
N MET H 118 0.54 -2.92 36.23
CA MET H 118 0.33 -1.51 35.93
C MET H 118 -1.15 -1.21 35.93
N ILE H 119 -1.55 -0.10 36.55
CA ILE H 119 -2.94 0.31 36.61
C ILE H 119 -3.18 1.68 36.01
N HIS H 120 -2.19 2.24 35.29
CA HIS H 120 -2.30 3.60 34.79
C HIS H 120 -3.58 3.81 34.00
N GLN H 121 -3.95 2.83 33.17
CA GLN H 121 -5.15 2.91 32.35
C GLN H 121 -5.07 4.11 31.42
N PRO H 122 -4.13 4.11 30.46
CA PRO H 122 -4.02 5.25 29.54
C PRO H 122 -5.17 5.29 28.54
N SER H 123 -6.06 6.26 28.69
CA SER H 123 -7.20 6.42 27.80
C SER H 123 -7.41 7.88 27.43
N ILE H 135 -13.98 10.38 19.51
CA ILE H 135 -13.59 9.88 20.82
C ILE H 135 -14.67 10.24 21.84
N GLN H 136 -15.01 9.27 22.70
CA GLN H 136 -16.07 9.45 23.68
C GLN H 136 -15.51 9.86 25.04
N ALA H 137 -15.00 11.09 25.12
CA ALA H 137 -14.38 11.61 26.34
C ALA H 137 -15.21 11.33 27.58
N GLU H 138 -16.48 11.76 27.58
CA GLU H 138 -17.31 11.58 28.75
C GLU H 138 -17.47 10.10 29.11
N GLU H 139 -17.62 9.25 28.10
CA GLU H 139 -17.78 7.83 28.35
C GLU H 139 -16.51 7.23 28.96
N ILE H 140 -15.34 7.60 28.43
CA ILE H 140 -14.11 7.05 28.98
C ILE H 140 -13.86 7.58 30.39
N MET H 141 -14.29 8.81 30.69
CA MET H 141 -14.15 9.31 32.06
C MET H 141 -15.08 8.56 33.01
N LYS H 142 -16.32 8.29 32.59
CA LYS H 142 -17.22 7.52 33.43
C LYS H 142 -16.72 6.10 33.63
N LEU H 143 -16.11 5.52 32.59
CA LEU H 143 -15.50 4.21 32.73
C LEU H 143 -14.31 4.26 33.70
N LYS H 144 -13.53 5.34 33.66
CA LYS H 144 -12.45 5.50 34.62
C LYS H 144 -12.99 5.60 36.03
N LYS H 145 -14.12 6.27 36.22
CA LYS H 145 -14.73 6.35 37.55
C LYS H 145 -15.21 4.99 38.00
N GLN H 146 -15.84 4.21 37.12
CA GLN H 146 -16.23 2.85 37.45
C GLN H 146 -15.01 2.02 37.84
N LEU H 147 -13.89 2.22 37.13
CA LEU H 147 -12.67 1.51 37.47
C LEU H 147 -12.14 1.93 38.84
N TYR H 148 -12.20 3.23 39.15
CA TYR H 148 -11.85 3.69 40.48
C TYR H 148 -12.66 2.97 41.53
N ASN H 149 -13.98 2.88 41.31
CA ASN H 149 -14.85 2.22 42.27
C ASN H 149 -14.48 0.75 42.43
N ILE H 150 -14.24 0.05 41.31
CA ILE H 150 -13.92 -1.37 41.37
C ILE H 150 -12.61 -1.59 42.11
N TYR H 151 -11.60 -0.75 41.86
CA TYR H 151 -10.31 -0.87 42.53
C TYR H 151 -10.47 -0.61 44.03
N ALA H 152 -11.21 0.45 44.38
CA ALA H 152 -11.44 0.74 45.79
C ALA H 152 -12.14 -0.43 46.48
N LYS H 153 -13.06 -1.08 45.76
CA LYS H 153 -13.76 -2.22 46.35
C LYS H 153 -12.82 -3.40 46.57
N HIS H 154 -12.09 -3.80 45.53
CA HIS H 154 -11.32 -5.04 45.58
C HIS H 154 -10.02 -4.89 46.37
N THR H 155 -9.24 -3.85 46.12
CA THR H 155 -7.97 -3.66 46.81
C THR H 155 -8.13 -3.11 48.22
N LYS H 156 -9.36 -2.81 48.65
CA LYS H 156 -9.61 -2.26 49.98
C LYS H 156 -8.85 -0.95 50.19
N GLN H 157 -8.89 -0.09 49.17
CA GLN H 157 -8.23 1.20 49.21
C GLN H 157 -9.24 2.29 48.90
N SER H 158 -8.91 3.52 49.31
CA SER H 158 -9.77 4.66 49.06
C SER H 158 -9.64 5.12 47.60
N LEU H 159 -10.68 5.81 47.12
CA LEU H 159 -10.66 6.31 45.76
C LEU H 159 -9.53 7.31 45.54
N GLN H 160 -9.22 8.13 46.55
CA GLN H 160 -8.18 9.14 46.39
C GLN H 160 -6.83 8.50 46.10
N VAL H 161 -6.43 7.51 46.90
CA VAL H 161 -5.13 6.88 46.70
C VAL H 161 -5.11 6.11 45.37
N ILE H 162 -6.22 5.47 45.01
CA ILE H 162 -6.27 4.75 43.74
C ILE H 162 -6.04 5.71 42.58
N GLU H 163 -6.74 6.86 42.60
CA GLU H 163 -6.57 7.84 41.53
C GLU H 163 -5.15 8.40 41.51
N SER H 164 -4.61 8.75 42.67
CA SER H 164 -3.26 9.29 42.72
C SER H 164 -2.24 8.27 42.24
N ALA H 165 -2.52 6.99 42.45
CA ALA H 165 -1.58 5.94 42.02
C ALA H 165 -1.65 5.74 40.52
N MET H 166 -2.83 5.49 39.98
CA MET H 166 -2.97 5.22 38.56
C MET H 166 -2.84 6.48 37.71
N GLU H 167 -2.73 7.66 38.33
CA GLU H 167 -2.40 8.85 37.57
C GLU H 167 -0.97 8.81 37.06
N ARG H 168 -0.11 8.03 37.72
CA ARG H 168 1.27 7.87 37.28
C ARG H 168 1.38 6.69 36.32
N ASP H 169 2.22 6.85 35.30
CA ASP H 169 2.45 5.79 34.32
C ASP H 169 3.70 5.03 34.75
N ARG H 170 3.50 3.89 35.41
CA ARG H 170 4.60 3.09 35.93
C ARG H 170 4.11 1.69 36.21
N TYR H 171 5.06 0.76 36.30
CA TYR H 171 4.77 -0.65 36.56
C TYR H 171 5.13 -0.99 38.01
N MET H 172 4.21 -1.63 38.71
CA MET H 172 4.45 -2.05 40.08
C MET H 172 5.05 -3.45 40.11
N SER H 173 5.90 -3.69 41.11
CA SER H 173 6.49 -4.99 41.31
C SER H 173 5.52 -5.89 42.06
N PRO H 174 5.76 -7.21 42.08
CA PRO H 174 4.85 -8.10 42.80
C PRO H 174 4.66 -7.71 44.25
N MET H 175 5.74 -7.37 44.97
CA MET H 175 5.60 -6.97 46.37
C MET H 175 4.87 -5.63 46.47
N GLU H 176 5.16 -4.70 45.56
CA GLU H 176 4.47 -3.41 45.58
C GLU H 176 2.96 -3.60 45.34
N ALA H 177 2.59 -4.39 44.33
CA ALA H 177 1.19 -4.64 44.06
C ALA H 177 0.53 -5.46 45.17
N GLN H 178 1.30 -6.26 45.90
CA GLN H 178 0.74 -7.01 47.02
C GLN H 178 0.46 -6.12 48.21
N GLU H 179 1.39 -5.21 48.54
CA GLU H 179 1.16 -4.29 49.64
C GLU H 179 0.16 -3.20 49.29
N PHE H 180 -0.03 -2.95 47.99
CA PHE H 180 -1.00 -1.95 47.55
C PHE H 180 -2.42 -2.50 47.53
N GLY H 181 -2.59 -3.82 47.51
CA GLY H 181 -3.89 -4.44 47.49
C GLY H 181 -4.27 -5.11 46.19
N ILE H 182 -3.43 -5.02 45.16
CA ILE H 182 -3.75 -5.67 43.89
C ILE H 182 -3.46 -7.16 43.95
N LEU H 183 -2.44 -7.57 44.71
CA LEU H 183 -2.06 -8.96 44.84
C LEU H 183 -2.19 -9.41 46.29
N ASP H 184 -2.14 -10.72 46.48
CA ASP H 184 -2.21 -11.32 47.81
C ASP H 184 -0.95 -12.13 48.13
N LYS H 185 -0.46 -12.92 47.19
CA LYS H 185 0.72 -13.74 47.39
C LYS H 185 1.68 -13.56 46.22
N VAL H 186 2.96 -13.78 46.50
CA VAL H 186 4.02 -13.71 45.48
C VAL H 186 4.81 -15.01 45.60
N LEU H 187 4.48 -15.97 44.75
CA LEU H 187 5.11 -17.29 44.80
C LEU H 187 6.28 -17.37 43.84
N VAL H 188 7.31 -18.11 44.25
CA VAL H 188 8.47 -18.38 43.40
C VAL H 188 8.39 -19.82 42.93
N HIS H 189 7.95 -20.71 43.82
CA HIS H 189 7.79 -22.11 43.54
C HIS H 189 6.51 -22.58 44.21
N PRO H 190 5.93 -23.69 43.75
CA PRO H 190 4.72 -24.19 44.39
C PRO H 190 4.99 -24.52 45.85
N PRO H 191 3.95 -24.56 46.68
CA PRO H 191 4.16 -24.79 48.11
C PRO H 191 4.80 -26.15 48.37
N GLN H 192 5.99 -26.12 48.95
CA GLN H 192 6.73 -27.34 49.24
C GLN H 192 6.30 -27.92 50.59
N ILE I 1 5.58 -28.93 7.18
CA ILE I 1 5.22 -29.58 8.47
C ILE I 1 4.40 -30.83 8.21
N PRO I 2 5.06 -31.93 7.87
CA PRO I 2 4.33 -33.17 7.56
C PRO I 2 4.01 -33.97 8.81
N ILE I 3 3.08 -34.90 8.64
CA ILE I 3 2.63 -35.78 9.72
C ILE I 3 3.60 -36.95 9.84
N VAL I 4 3.95 -37.30 11.08
CA VAL I 4 4.85 -38.41 11.35
C VAL I 4 4.10 -39.47 12.14
N VAL I 5 4.58 -40.71 12.04
CA VAL I 5 3.97 -41.83 12.73
C VAL I 5 4.99 -42.49 13.65
N ARG I 13 0.81 -42.15 16.43
CA ARG I 13 -0.56 -42.28 15.94
C ARG I 13 -1.01 -41.01 15.22
N ALA I 14 -0.48 -40.80 14.02
CA ALA I 14 -0.81 -39.64 13.20
C ALA I 14 -0.52 -38.34 13.95
N TYR I 15 0.72 -38.21 14.40
CA TYR I 15 1.18 -37.03 15.11
C TYR I 15 1.96 -36.12 14.18
N ASP I 16 1.92 -34.82 14.46
CA ASP I 16 2.67 -33.84 13.71
C ASP I 16 4.09 -33.73 14.26
N ILE I 17 4.95 -33.06 13.48
CA ILE I 17 6.34 -32.86 13.92
C ILE I 17 6.37 -32.21 15.29
N TYR I 18 5.78 -31.01 15.41
CA TYR I 18 5.75 -30.31 16.69
C TYR I 18 4.89 -31.00 17.73
N SER I 19 4.08 -31.98 17.34
CA SER I 19 3.28 -32.74 18.28
C SER I 19 4.10 -33.85 18.95
N ARG I 20 4.72 -34.71 18.16
CA ARG I 20 5.61 -35.72 18.72
C ARG I 20 6.80 -35.07 19.40
N LEU I 21 7.24 -33.91 18.91
CA LEU I 21 8.31 -33.17 19.58
C LEU I 21 7.96 -32.91 21.04
N LEU I 22 6.77 -32.36 21.29
CA LEU I 22 6.34 -32.13 22.67
C LEU I 22 6.07 -33.43 23.39
N ARG I 23 5.85 -34.50 22.67
CA ARG I 23 5.67 -35.79 23.31
C ARG I 23 6.98 -36.43 23.69
N GLU I 24 8.08 -35.74 23.42
CA GLU I 24 9.38 -36.24 23.82
C GLU I 24 9.89 -35.32 24.86
N ARG I 25 9.02 -34.68 25.63
CA ARG I 25 9.39 -33.73 26.68
C ARG I 25 10.23 -32.67 26.12
N ILE I 26 10.10 -32.48 24.83
CA ILE I 26 11.01 -31.51 24.23
C ILE I 26 10.23 -30.27 23.84
N VAL I 27 10.52 -29.16 24.50
CA VAL I 27 9.96 -27.87 24.15
C VAL I 27 10.97 -27.13 23.28
N CYS I 28 10.47 -26.24 22.43
CA CYS I 28 11.32 -25.50 21.50
C CYS I 28 10.89 -24.05 21.45
N VAL I 29 11.86 -23.15 21.59
CA VAL I 29 11.62 -21.73 21.41
C VAL I 29 12.28 -21.30 20.11
N MET I 30 11.52 -21.32 19.02
CA MET I 30 12.03 -20.97 17.70
C MET I 30 11.45 -19.63 17.27
N GLY I 31 12.29 -18.84 16.61
CA GLY I 31 11.89 -17.53 16.15
C GLY I 31 11.74 -16.54 17.28
N PRO I 32 11.31 -15.32 16.95
CA PRO I 32 11.16 -14.30 18.00
C PRO I 32 10.19 -14.74 19.08
N ILE I 33 10.47 -14.32 20.31
CA ILE I 33 9.62 -14.62 21.45
C ILE I 33 8.56 -13.54 21.56
N ASP I 34 7.29 -13.95 21.60
CA ASP I 34 6.17 -13.03 21.66
C ASP I 34 5.16 -13.54 22.69
N ASP I 35 4.04 -12.84 22.80
CA ASP I 35 3.02 -13.21 23.78
C ASP I 35 2.48 -14.60 23.49
N SER I 36 2.11 -14.87 22.23
CA SER I 36 1.54 -16.16 21.88
C SER I 36 2.57 -17.27 22.05
N VAL I 37 3.80 -17.05 21.56
CA VAL I 37 4.84 -18.06 21.68
C VAL I 37 5.15 -18.33 23.15
N ALA I 38 5.22 -17.28 23.95
CA ALA I 38 5.50 -17.45 25.37
C ALA I 38 4.38 -18.21 26.07
N SER I 39 3.13 -17.89 25.74
CA SER I 39 2.00 -18.61 26.31
C SER I 39 2.06 -20.08 25.94
N LEU I 40 2.38 -20.38 24.68
CA LEU I 40 2.48 -21.76 24.24
C LEU I 40 3.60 -22.49 25.00
N VAL I 41 4.75 -21.83 25.16
CA VAL I 41 5.87 -22.45 25.86
C VAL I 41 5.49 -22.72 27.32
N ILE I 42 4.79 -21.77 27.95
CA ILE I 42 4.38 -21.95 29.33
C ILE I 42 3.41 -23.12 29.44
N ALA I 43 2.44 -23.19 28.53
CA ALA I 43 1.48 -24.29 28.55
C ALA I 43 2.19 -25.62 28.37
N GLN I 44 3.16 -25.68 27.45
CA GLN I 44 3.89 -26.93 27.22
C GLN I 44 4.70 -27.33 28.46
N LEU I 45 5.37 -26.35 29.09
CA LEU I 45 6.14 -26.65 30.29
C LEU I 45 5.24 -27.18 31.40
N LEU I 46 4.08 -26.54 31.59
CA LEU I 46 3.16 -26.99 32.63
C LEU I 46 2.59 -28.37 32.32
N PHE I 47 2.30 -28.64 31.05
CA PHE I 47 1.81 -29.97 30.68
C PHE I 47 2.87 -31.03 30.93
N LEU I 48 4.12 -30.73 30.59
CA LEU I 48 5.19 -31.69 30.84
C LEU I 48 5.40 -31.92 32.33
N GLN I 49 5.27 -30.85 33.13
CA GLN I 49 5.33 -31.02 34.58
C GLN I 49 4.20 -31.92 35.06
N SER I 50 2.99 -31.70 34.56
CA SER I 50 1.87 -32.55 34.94
C SER I 50 2.14 -34.01 34.60
N GLU I 51 2.64 -34.27 33.38
CA GLU I 51 2.99 -35.63 33.01
C GLU I 51 4.00 -36.22 33.97
N SER I 52 5.02 -35.45 34.34
CA SER I 52 6.02 -35.90 35.31
C SER I 52 6.77 -34.70 35.83
N ASN I 53 6.74 -34.50 37.15
CA ASN I 53 7.42 -33.36 37.76
C ASN I 53 8.89 -33.63 38.03
N LYS I 54 9.36 -34.85 37.83
CA LYS I 54 10.75 -35.22 38.09
C LYS I 54 11.54 -35.44 36.82
N LYS I 55 10.90 -35.87 35.74
CA LYS I 55 11.62 -36.09 34.49
C LYS I 55 12.08 -34.74 33.91
N PRO I 56 13.22 -34.70 33.23
CA PRO I 56 13.70 -33.43 32.69
C PRO I 56 12.87 -32.96 31.50
N ILE I 57 13.08 -31.70 31.14
CA ILE I 57 12.42 -31.07 30.00
C ILE I 57 13.48 -30.37 29.16
N HIS I 58 13.49 -30.65 27.87
CA HIS I 58 14.48 -30.09 26.95
C HIS I 58 13.90 -28.86 26.26
N MET I 59 14.67 -27.78 26.25
CA MET I 59 14.25 -26.51 25.66
C MET I 59 15.28 -26.13 24.59
N TYR I 60 14.90 -26.29 23.33
CA TYR I 60 15.76 -25.86 22.23
C TYR I 60 15.57 -24.38 21.97
N ILE I 61 16.67 -23.65 21.88
CA ILE I 61 16.65 -22.20 21.73
C ILE I 61 17.31 -21.83 20.42
N ASN I 62 16.52 -21.30 19.49
CA ASN I 62 17.03 -20.76 18.23
C ASN I 62 16.29 -19.45 17.93
N SER I 63 16.12 -18.61 18.96
CA SER I 63 15.36 -17.39 18.85
C SER I 63 16.28 -16.19 18.70
N PRO I 64 15.98 -15.23 17.82
CA PRO I 64 16.80 -14.03 17.71
C PRO I 64 16.41 -12.93 18.67
N GLY I 65 15.58 -13.22 19.67
CA GLY I 65 15.14 -12.23 20.64
C GLY I 65 13.64 -12.30 20.87
N GLY I 66 13.06 -11.16 21.23
CA GLY I 66 11.64 -11.07 21.45
C GLY I 66 11.33 -10.04 22.52
N VAL I 67 10.12 -10.14 23.07
CA VAL I 67 9.67 -9.21 24.10
C VAL I 67 10.32 -9.59 25.42
N VAL I 68 10.69 -8.57 26.21
CA VAL I 68 11.33 -8.82 27.50
C VAL I 68 10.35 -9.48 28.46
N THR I 69 9.11 -8.98 28.52
CA THR I 69 8.12 -9.54 29.43
C THR I 69 7.81 -10.98 29.07
N ALA I 70 7.79 -11.33 27.79
CA ALA I 70 7.53 -12.70 27.39
C ALA I 70 8.64 -13.64 27.85
N GLY I 71 9.90 -13.24 27.62
CA GLY I 71 11.01 -14.05 28.08
C GLY I 71 11.02 -14.18 29.59
N LEU I 72 10.66 -13.11 30.30
CA LEU I 72 10.60 -13.19 31.75
C LEU I 72 9.47 -14.10 32.23
N ALA I 73 8.35 -14.12 31.51
CA ALA I 73 7.29 -15.06 31.83
C ALA I 73 7.78 -16.49 31.64
N ILE I 74 8.47 -16.76 30.53
CA ILE I 74 9.00 -18.09 30.29
C ILE I 74 9.99 -18.47 31.40
N TYR I 75 10.82 -17.51 31.82
CA TYR I 75 11.81 -17.77 32.87
C TYR I 75 11.11 -18.08 34.19
N ASP I 76 10.09 -17.30 34.53
CA ASP I 76 9.35 -17.55 35.77
C ASP I 76 8.67 -18.90 35.75
N THR I 77 8.15 -19.30 34.58
CA THR I 77 7.54 -20.63 34.47
C THR I 77 8.59 -21.73 34.64
N MET I 78 9.77 -21.54 34.03
CA MET I 78 10.84 -22.53 34.18
C MET I 78 11.26 -22.65 35.64
N GLN I 79 11.35 -21.52 36.34
CA GLN I 79 11.77 -21.57 37.74
C GLN I 79 10.67 -22.16 38.62
N TYR I 80 9.41 -21.89 38.29
CA TYR I 80 8.31 -22.41 39.10
C TYR I 80 8.22 -23.92 39.03
N ILE I 81 8.31 -24.48 37.83
CA ILE I 81 8.23 -25.93 37.68
C ILE I 81 9.45 -26.59 38.31
N LEU I 82 9.22 -27.72 38.97
CA LEU I 82 10.29 -28.45 39.65
C LEU I 82 11.12 -29.31 38.71
N ASN I 83 10.76 -29.37 37.43
CA ASN I 83 11.50 -30.23 36.51
C ASN I 83 12.85 -29.60 36.18
N PRO I 84 13.92 -30.39 36.09
CA PRO I 84 15.20 -29.84 35.62
C PRO I 84 15.14 -29.58 34.12
N ILE I 85 15.54 -28.37 33.73
CA ILE I 85 15.40 -27.90 32.36
C ILE I 85 16.76 -27.95 31.69
N CYS I 86 16.87 -28.73 30.62
CA CYS I 86 18.08 -28.81 29.82
C CYS I 86 17.93 -27.86 28.64
N THR I 87 18.66 -26.75 28.67
CA THR I 87 18.59 -25.73 27.63
C THR I 87 19.64 -26.01 26.59
N TRP I 88 19.20 -26.31 25.36
CA TRP I 88 20.09 -26.62 24.24
C TRP I 88 20.08 -25.47 23.27
N CYS I 89 21.21 -24.78 23.14
CA CYS I 89 21.36 -23.69 22.19
C CYS I 89 21.61 -24.28 20.80
N VAL I 90 20.59 -24.26 19.96
CA VAL I 90 20.68 -24.81 18.61
C VAL I 90 20.58 -23.64 17.61
N GLY I 91 21.64 -23.42 16.85
CA GLY I 91 21.68 -22.33 15.90
C GLY I 91 22.16 -21.04 16.52
N GLN I 92 21.39 -20.47 17.44
CA GLN I 92 21.78 -19.25 18.13
C GLN I 92 20.90 -19.07 19.35
N ALA I 93 21.38 -18.24 20.27
CA ALA I 93 20.62 -17.86 21.47
C ALA I 93 20.83 -16.37 21.67
N ALA I 94 19.82 -15.58 21.30
CA ALA I 94 19.88 -14.13 21.42
C ALA I 94 19.70 -13.74 22.88
N SER I 95 19.58 -12.43 23.13
CA SER I 95 19.54 -11.93 24.49
C SER I 95 18.53 -12.69 25.34
N MET I 96 17.24 -12.57 24.99
CA MET I 96 16.22 -13.24 25.78
C MET I 96 16.41 -14.74 25.82
N GLY I 97 16.53 -15.38 24.66
CA GLY I 97 16.88 -16.79 24.63
C GLY I 97 18.10 -17.09 25.47
N SER I 98 19.11 -16.22 25.41
CA SER I 98 20.30 -16.46 26.22
C SER I 98 19.96 -16.55 27.69
N LEU I 99 19.09 -15.66 28.17
CA LEU I 99 18.59 -15.80 29.54
C LEU I 99 17.94 -17.16 29.73
N LEU I 100 17.01 -17.50 28.83
CA LEU I 100 16.42 -18.84 28.86
C LEU I 100 17.50 -19.91 28.74
N LEU I 101 18.59 -19.61 28.03
CA LEU I 101 19.71 -20.54 27.95
C LEU I 101 20.50 -20.55 29.25
N ALA I 102 20.65 -19.38 29.88
CA ALA I 102 21.36 -19.31 31.15
C ALA I 102 20.49 -19.77 32.31
N ALA I 103 19.17 -19.70 32.15
CA ALA I 103 18.24 -20.12 33.18
C ALA I 103 18.14 -21.63 33.32
N GLY I 104 18.87 -22.40 32.53
CA GLY I 104 18.83 -23.84 32.61
C GLY I 104 19.40 -24.36 33.91
N THR I 105 19.11 -25.63 34.18
CA THR I 105 19.60 -26.25 35.40
C THR I 105 21.12 -26.30 35.39
N PRO I 106 21.79 -26.00 36.50
CA PRO I 106 23.26 -26.08 36.52
C PRO I 106 23.73 -27.47 36.13
N GLY I 107 24.56 -27.52 35.08
CA GLY I 107 25.07 -28.77 34.57
C GLY I 107 24.27 -29.38 33.45
N MET I 108 23.31 -28.64 32.88
CA MET I 108 22.49 -29.17 31.80
C MET I 108 22.28 -28.15 30.68
N ARG I 109 23.13 -27.12 30.61
CA ARG I 109 23.04 -26.09 29.58
C ARG I 109 24.03 -26.46 28.47
N HIS I 110 23.52 -26.98 27.37
CA HIS I 110 24.34 -27.48 26.28
C HIS I 110 24.25 -26.55 25.06
N SER I 111 25.26 -26.64 24.21
CA SER I 111 25.32 -25.84 23.00
C SER I 111 26.12 -26.58 21.95
N LEU I 112 25.76 -26.36 20.68
CA LEU I 112 26.43 -27.00 19.57
C LEU I 112 27.65 -26.19 19.13
N PRO I 113 28.55 -26.78 18.35
CA PRO I 113 29.80 -26.08 18.01
C PRO I 113 29.59 -24.73 17.34
N ASN I 114 28.69 -24.65 16.35
CA ASN I 114 28.49 -23.42 15.60
C ASN I 114 27.37 -22.55 16.16
N SER I 115 26.82 -22.89 17.32
CA SER I 115 25.78 -22.06 17.93
C SER I 115 26.37 -20.72 18.38
N ARG I 116 25.52 -19.71 18.43
CA ARG I 116 25.91 -18.35 18.79
C ARG I 116 25.12 -17.89 20.00
N ILE I 117 25.81 -17.28 20.96
CA ILE I 117 25.20 -16.77 22.18
C ILE I 117 25.42 -15.26 22.23
N MET I 118 24.44 -14.53 22.74
CA MET I 118 24.52 -13.07 22.87
C MET I 118 23.59 -12.63 23.98
N ILE I 119 24.11 -11.82 24.90
CA ILE I 119 23.31 -11.30 26.02
C ILE I 119 23.19 -9.79 25.99
N HIS I 120 23.47 -9.14 24.84
CA HIS I 120 23.46 -7.68 24.79
C HIS I 120 22.12 -7.11 25.26
N GLN I 121 21.02 -7.73 24.84
CA GLN I 121 19.69 -7.26 25.22
C GLN I 121 19.48 -5.84 24.72
N PRO I 122 19.45 -5.63 23.40
CA PRO I 122 19.22 -4.28 22.86
C PRO I 122 17.76 -3.87 23.01
N SER I 123 17.52 -2.81 23.77
CA SER I 123 16.17 -2.32 24.00
C SER I 123 16.20 -0.86 24.45
N ILE I 135 6.07 3.65 25.22
CA ILE I 135 7.46 3.47 25.63
C ILE I 135 7.63 3.98 27.05
N GLN I 136 8.29 3.17 27.89
CA GLN I 136 8.54 3.52 29.29
C GLN I 136 10.01 3.22 29.59
N ALA I 137 10.78 4.27 29.86
CA ALA I 137 12.20 4.10 30.14
C ALA I 137 12.42 3.37 31.46
N GLU I 138 11.77 3.82 32.53
CA GLU I 138 11.98 3.22 33.83
C GLU I 138 11.58 1.75 33.84
N GLU I 139 10.50 1.41 33.14
CA GLU I 139 10.05 0.01 33.11
C GLU I 139 11.11 -0.88 32.48
N ILE I 140 11.60 -0.53 31.29
CA ILE I 140 12.60 -1.36 30.63
C ILE I 140 13.90 -1.36 31.42
N MET I 141 14.21 -0.25 32.11
CA MET I 141 15.43 -0.22 32.91
C MET I 141 15.33 -1.17 34.10
N LYS I 142 14.18 -1.19 34.78
CA LYS I 142 14.00 -2.14 35.88
C LYS I 142 13.97 -3.57 35.37
N LEU I 143 13.42 -3.79 34.17
CA LEU I 143 13.47 -5.12 33.56
C LEU I 143 14.92 -5.54 33.30
N LYS I 144 15.74 -4.61 32.82
CA LYS I 144 17.14 -4.89 32.58
C LYS I 144 17.87 -5.19 33.89
N LYS I 145 17.50 -4.48 34.95
CA LYS I 145 18.07 -4.77 36.27
C LYS I 145 17.70 -6.18 36.72
N GLN I 146 16.44 -6.57 36.50
CA GLN I 146 16.02 -7.93 36.82
C GLN I 146 16.80 -8.95 36.01
N LEU I 147 17.06 -8.64 34.74
CA LEU I 147 17.87 -9.53 33.91
C LEU I 147 19.28 -9.66 34.46
N TYR I 148 19.88 -8.53 34.87
CA TYR I 148 21.19 -8.55 35.50
C TYR I 148 21.19 -9.46 36.71
N ASN I 149 20.15 -9.35 37.55
CA ASN I 149 20.07 -10.17 38.75
C ASN I 149 19.95 -11.65 38.39
N ILE I 150 19.12 -11.96 37.39
CA ILE I 150 18.94 -13.36 36.99
C ILE I 150 20.25 -13.93 36.46
N TYR I 151 20.99 -13.15 35.68
CA TYR I 151 22.27 -13.62 35.16
C TYR I 151 23.27 -13.83 36.30
N ALA I 152 23.37 -12.86 37.21
CA ALA I 152 24.26 -13.01 38.35
C ALA I 152 23.91 -14.25 39.16
N LYS I 153 22.63 -14.57 39.25
CA LYS I 153 22.21 -15.76 39.99
C LYS I 153 22.62 -17.04 39.27
N HIS I 154 22.24 -17.16 38.00
CA HIS I 154 22.42 -18.43 37.30
C HIS I 154 23.87 -18.67 36.90
N THR I 155 24.50 -17.69 36.24
CA THR I 155 25.87 -17.85 35.79
C THR I 155 26.89 -17.77 36.91
N LYS I 156 26.46 -17.55 38.16
CA LYS I 156 27.37 -17.43 39.30
C LYS I 156 28.40 -16.33 39.07
N GLN I 157 27.94 -15.22 38.51
CA GLN I 157 28.78 -14.06 38.23
C GLN I 157 28.28 -12.86 39.04
N SER I 158 29.02 -11.76 38.97
CA SER I 158 28.69 -10.54 39.67
C SER I 158 27.86 -9.62 38.77
N LEU I 159 27.31 -8.57 39.38
CA LEU I 159 26.49 -7.63 38.63
C LEU I 159 27.34 -6.79 37.69
N GLN I 160 28.53 -6.38 38.14
CA GLN I 160 29.37 -5.51 37.33
C GLN I 160 29.80 -6.19 36.04
N VAL I 161 30.27 -7.44 36.14
CA VAL I 161 30.73 -8.15 34.96
C VAL I 161 29.57 -8.41 34.01
N ILE I 162 28.38 -8.71 34.55
CA ILE I 162 27.21 -8.94 33.71
C ILE I 162 26.83 -7.66 32.96
N GLU I 163 26.85 -6.54 33.66
CA GLU I 163 26.55 -5.26 33.01
C GLU I 163 27.56 -4.95 31.93
N SER I 164 28.84 -5.21 32.21
CA SER I 164 29.89 -4.94 31.22
C SER I 164 29.73 -5.83 29.99
N ALA I 165 29.35 -7.09 30.19
CA ALA I 165 29.19 -8.01 29.07
C ALA I 165 27.96 -7.64 28.24
N MET I 166 26.82 -7.44 28.90
CA MET I 166 25.59 -7.10 28.19
C MET I 166 25.64 -5.72 27.55
N GLU I 167 26.60 -4.88 27.94
CA GLU I 167 26.72 -3.56 27.31
C GLU I 167 27.39 -3.65 25.94
N ARG I 168 28.12 -4.73 25.67
CA ARG I 168 28.79 -4.94 24.40
C ARG I 168 27.86 -5.71 23.47
N ASP I 169 27.60 -5.14 22.28
CA ASP I 169 26.74 -5.78 21.30
C ASP I 169 27.59 -6.71 20.45
N ARG I 170 27.71 -7.95 20.89
CA ARG I 170 28.52 -8.94 20.19
C ARG I 170 28.10 -10.33 20.63
N TYR I 171 28.29 -11.30 19.74
CA TYR I 171 27.99 -12.69 20.03
C TYR I 171 29.18 -13.37 20.70
N MET I 172 28.92 -14.52 21.30
CA MET I 172 29.93 -15.30 22.00
C MET I 172 29.93 -16.73 21.47
N SER I 173 31.10 -17.36 21.53
CA SER I 173 31.24 -18.74 21.09
C SER I 173 30.83 -19.70 22.21
N PRO I 174 30.57 -20.97 21.86
CA PRO I 174 30.17 -21.93 22.91
C PRO I 174 31.15 -22.02 24.06
N MET I 175 32.46 -22.05 23.78
CA MET I 175 33.44 -22.13 24.86
C MET I 175 33.49 -20.84 25.67
N GLU I 176 33.35 -19.69 25.00
CA GLU I 176 33.33 -18.42 25.73
C GLU I 176 32.14 -18.35 26.67
N ALA I 177 30.96 -18.74 26.19
CA ALA I 177 29.78 -18.77 27.05
C ALA I 177 29.86 -19.83 28.13
N GLN I 178 30.58 -20.92 27.89
CA GLN I 178 30.75 -21.95 28.91
C GLN I 178 31.66 -21.46 30.02
N GLU I 179 32.77 -20.81 29.67
CA GLU I 179 33.67 -20.29 30.68
C GLU I 179 33.11 -19.05 31.37
N PHE I 180 32.18 -18.35 30.72
CA PHE I 180 31.56 -17.18 31.33
C PHE I 180 30.48 -17.57 32.31
N GLY I 181 29.87 -18.75 32.14
CA GLY I 181 28.82 -19.24 33.02
C GLY I 181 27.48 -19.43 32.35
N ILE I 182 27.33 -19.03 31.09
CA ILE I 182 26.05 -19.19 30.41
C ILE I 182 25.83 -20.64 30.03
N LEU I 183 26.90 -21.36 29.67
CA LEU I 183 26.83 -22.75 29.26
C LEU I 183 27.60 -23.63 30.23
N ASP I 184 27.36 -24.93 30.14
CA ASP I 184 28.03 -25.93 30.96
C ASP I 184 28.82 -26.92 30.13
N LYS I 185 28.24 -27.42 29.04
CA LYS I 185 28.88 -28.39 28.16
C LYS I 185 28.75 -27.95 26.71
N VAL I 186 29.71 -28.37 25.89
CA VAL I 186 29.72 -28.08 24.46
C VAL I 186 29.89 -29.42 23.76
N LEU I 187 28.79 -30.02 23.35
CA LEU I 187 28.80 -31.33 22.71
C LEU I 187 28.89 -31.18 21.20
N VAL I 188 29.57 -32.14 20.57
CA VAL I 188 29.67 -32.21 19.11
C VAL I 188 28.88 -33.42 18.65
N HIS I 189 29.00 -34.52 19.38
CA HIS I 189 28.27 -35.74 19.10
C HIS I 189 27.80 -36.35 20.41
N PRO I 190 26.81 -37.24 20.41
CA PRO I 190 26.39 -37.88 21.65
C PRO I 190 27.57 -38.60 22.31
N PRO I 191 28.01 -38.14 23.49
CA PRO I 191 29.20 -38.74 24.12
C PRO I 191 28.95 -40.18 24.53
N GLN I 192 29.61 -41.11 23.84
CA GLN I 192 29.56 -42.53 24.22
C GLN I 192 30.93 -43.16 24.02
N ILE J 1 -0.09 -30.20 -3.78
CA ILE J 1 0.27 -31.09 -2.64
C ILE J 1 -0.86 -32.09 -2.40
N PRO J 2 -1.02 -33.04 -3.30
CA PRO J 2 -2.11 -34.02 -3.17
C PRO J 2 -1.77 -35.10 -2.15
N ILE J 3 -2.75 -35.96 -1.91
CA ILE J 3 -2.60 -37.08 -0.98
C ILE J 3 -2.18 -38.31 -1.78
N VAL J 4 -1.18 -39.02 -1.27
CA VAL J 4 -0.67 -40.23 -1.91
C VAL J 4 -1.00 -41.42 -1.04
N VAL J 5 -1.08 -42.60 -1.67
CA VAL J 5 -1.39 -43.83 -0.96
C VAL J 5 -0.34 -44.89 -1.29
N ARG J 13 -1.70 -45.24 3.82
CA ARG J 13 -2.74 -44.91 4.77
C ARG J 13 -3.03 -43.41 4.76
N ALA J 14 -3.45 -42.90 3.60
CA ALA J 14 -3.78 -41.49 3.42
C ALA J 14 -2.60 -40.61 3.83
N TYR J 15 -1.50 -40.78 3.12
CA TYR J 15 -0.28 -40.03 3.38
C TYR J 15 -0.16 -38.85 2.43
N ASP J 16 0.35 -37.74 2.96
CA ASP J 16 0.71 -36.59 2.14
C ASP J 16 2.05 -36.85 1.45
N ILE J 17 2.26 -36.17 0.32
CA ILE J 17 3.47 -36.39 -0.46
C ILE J 17 4.71 -36.15 0.42
N TYR J 18 4.70 -35.06 1.19
CA TYR J 18 5.81 -34.80 2.10
C TYR J 18 5.83 -35.77 3.28
N SER J 19 4.67 -36.24 3.73
CA SER J 19 4.63 -37.22 4.82
C SER J 19 5.35 -38.50 4.42
N ARG J 20 4.95 -39.07 3.28
CA ARG J 20 5.64 -40.27 2.79
C ARG J 20 7.09 -39.98 2.44
N LEU J 21 7.36 -38.78 1.88
CA LEU J 21 8.73 -38.39 1.60
C LEU J 21 9.61 -38.51 2.84
N LEU J 22 9.15 -37.96 3.96
CA LEU J 22 9.89 -38.07 5.20
C LEU J 22 9.91 -39.52 5.69
N ARG J 23 8.98 -40.34 5.23
CA ARG J 23 8.98 -41.75 5.61
C ARG J 23 9.93 -42.56 4.73
N GLU J 24 10.61 -41.91 3.81
CA GLU J 24 11.59 -42.62 3.02
C GLU J 24 12.95 -42.22 3.49
N ARG J 25 13.08 -41.66 4.69
CA ARG J 25 14.34 -41.23 5.30
C ARG J 25 14.89 -40.15 4.49
N ILE J 26 14.02 -39.30 4.02
CA ILE J 26 14.46 -38.28 3.09
C ILE J 26 13.97 -36.93 3.60
N VAL J 27 14.90 -35.99 3.74
CA VAL J 27 14.59 -34.62 4.14
C VAL J 27 14.98 -33.70 2.99
N CYS J 28 14.09 -32.76 2.67
CA CYS J 28 14.28 -31.85 1.54
C CYS J 28 14.32 -30.41 2.04
N VAL J 29 15.47 -29.76 1.90
CA VAL J 29 15.60 -28.34 2.25
C VAL J 29 15.28 -27.58 0.97
N MET J 30 13.99 -27.34 0.76
CA MET J 30 13.49 -26.65 -0.43
C MET J 30 13.26 -25.19 -0.13
N GLY J 31 13.72 -24.33 -1.04
CA GLY J 31 13.53 -22.90 -0.91
C GLY J 31 14.52 -22.29 0.06
N PRO J 32 14.35 -21.00 0.37
CA PRO J 32 15.24 -20.34 1.32
C PRO J 32 15.21 -21.03 2.67
N ILE J 33 16.35 -20.97 3.37
CA ILE J 33 16.50 -21.60 4.67
C ILE J 33 16.24 -20.53 5.73
N ASP J 34 15.15 -20.68 6.48
CA ASP J 34 14.76 -19.78 7.54
C ASP J 34 14.72 -20.54 8.87
N ASP J 35 14.31 -19.83 9.92
CA ASP J 35 14.24 -20.44 11.24
C ASP J 35 13.25 -21.60 11.27
N SER J 36 12.08 -21.42 10.67
CA SER J 36 11.07 -22.48 10.65
C SER J 36 11.55 -23.67 9.84
N VAL J 37 12.13 -23.41 8.66
CA VAL J 37 12.64 -24.50 7.84
C VAL J 37 13.77 -25.22 8.56
N ALA J 38 14.63 -24.46 9.25
CA ALA J 38 15.71 -25.08 10.01
C ALA J 38 15.17 -25.98 11.12
N SER J 39 14.18 -25.49 11.87
CA SER J 39 13.58 -26.29 12.92
C SER J 39 12.96 -27.56 12.35
N LEU J 40 12.26 -27.43 11.22
CA LEU J 40 11.64 -28.60 10.61
C LEU J 40 12.69 -29.62 10.18
N VAL J 41 13.78 -29.15 9.57
CA VAL J 41 14.82 -30.06 9.10
C VAL J 41 15.48 -30.75 10.29
N ILE J 42 15.73 -30.00 11.37
CA ILE J 42 16.34 -30.59 12.55
C ILE J 42 15.42 -31.66 13.14
N ALA J 43 14.12 -31.33 13.24
CA ALA J 43 13.17 -32.30 13.77
C ALA J 43 13.13 -33.56 12.93
N GLN J 44 13.12 -33.40 11.60
CA GLN J 44 13.06 -34.56 10.71
C GLN J 44 14.32 -35.40 10.85
N LEU J 45 15.49 -34.76 10.90
CA LEU J 45 16.74 -35.50 11.04
C LEU J 45 16.76 -36.28 12.35
N LEU J 46 16.38 -35.63 13.45
CA LEU J 46 16.39 -36.31 14.74
C LEU J 46 15.35 -37.42 14.81
N PHE J 47 14.19 -37.24 14.16
CA PHE J 47 13.20 -38.30 14.12
C PHE J 47 13.71 -39.50 13.33
N LEU J 48 14.36 -39.25 12.19
CA LEU J 48 14.93 -40.35 11.42
C LEU J 48 16.03 -41.05 12.20
N GLN J 49 16.82 -40.30 12.97
CA GLN J 49 17.80 -40.93 13.85
C GLN J 49 17.11 -41.83 14.87
N SER J 50 16.06 -41.33 15.50
CA SER J 50 15.31 -42.14 16.47
C SER J 50 14.81 -43.43 15.82
N GLU J 51 14.24 -43.33 14.62
CA GLU J 51 13.77 -44.52 13.93
C GLU J 51 14.90 -45.53 13.76
N SER J 52 16.06 -45.08 13.32
CA SER J 52 17.22 -45.95 13.15
C SER J 52 18.47 -45.09 13.02
N ASN J 53 19.46 -45.34 13.86
CA ASN J 53 20.70 -44.59 13.82
C ASN J 53 21.70 -45.14 12.80
N LYS J 54 21.49 -46.38 12.32
CA LYS J 54 22.41 -46.97 11.36
C LYS J 54 22.01 -46.62 9.93
N LYS J 55 20.72 -46.71 9.62
CA LYS J 55 20.27 -46.46 8.26
C LYS J 55 20.63 -45.03 7.85
N PRO J 56 20.92 -44.80 6.57
CA PRO J 56 21.28 -43.44 6.14
C PRO J 56 20.07 -42.53 6.04
N ILE J 57 20.36 -41.25 5.83
CA ILE J 57 19.34 -40.22 5.65
C ILE J 57 19.71 -39.40 4.42
N HIS J 58 18.77 -39.26 3.49
CA HIS J 58 18.99 -38.53 2.25
C HIS J 58 18.52 -37.09 2.41
N MET J 59 19.39 -36.15 2.05
CA MET J 59 19.10 -34.72 2.15
C MET J 59 19.15 -34.13 0.75
N TYR J 60 17.97 -33.85 0.19
CA TYR J 60 17.89 -33.17 -1.09
C TYR J 60 18.00 -31.66 -0.87
N ILE J 61 18.87 -31.01 -1.63
CA ILE J 61 19.20 -29.60 -1.43
C ILE J 61 18.86 -28.85 -2.71
N ASN J 62 17.82 -28.00 -2.62
CA ASN J 62 17.47 -27.05 -3.67
C ASN J 62 17.10 -25.74 -2.97
N SER J 63 18.10 -24.88 -2.77
CA SER J 63 17.91 -23.63 -2.04
C SER J 63 18.64 -22.49 -2.76
N PRO J 64 18.01 -21.33 -2.90
CA PRO J 64 18.72 -20.16 -3.45
C PRO J 64 19.52 -19.37 -2.42
N GLY J 65 19.58 -19.83 -1.17
CA GLY J 65 20.30 -19.12 -0.13
C GLY J 65 19.81 -19.51 1.25
N GLY J 66 19.52 -18.50 2.08
CA GLY J 66 18.98 -18.72 3.41
C GLY J 66 19.75 -17.92 4.44
N VAL J 67 19.54 -18.28 5.70
CA VAL J 67 20.19 -17.62 6.83
C VAL J 67 21.41 -18.42 7.22
N VAL J 68 22.52 -17.73 7.48
CA VAL J 68 23.76 -18.41 7.86
C VAL J 68 23.54 -19.21 9.13
N THR J 69 22.85 -18.61 10.11
CA THR J 69 22.60 -19.30 11.38
C THR J 69 21.76 -20.56 11.17
N ALA J 70 20.76 -20.49 10.28
CA ALA J 70 19.94 -21.66 10.02
C ALA J 70 20.74 -22.78 9.39
N GLY J 71 21.57 -22.45 8.39
CA GLY J 71 22.43 -23.46 7.78
C GLY J 71 23.40 -24.06 8.77
N LEU J 72 23.96 -23.23 9.66
CA LEU J 72 24.88 -23.75 10.66
C LEU J 72 24.17 -24.64 11.66
N ALA J 73 22.93 -24.31 12.01
CA ALA J 73 22.15 -25.18 12.88
C ALA J 73 21.90 -26.53 12.21
N ILE J 74 21.51 -26.51 10.94
CA ILE J 74 21.29 -27.76 10.22
C ILE J 74 22.58 -28.56 10.14
N TYR J 75 23.71 -27.88 9.94
CA TYR J 75 25.00 -28.57 9.86
C TYR J 75 25.35 -29.21 11.20
N ASP J 76 25.15 -28.48 12.30
CA ASP J 76 25.43 -29.04 13.61
C ASP J 76 24.53 -30.23 13.91
N THR J 77 23.26 -30.17 13.49
CA THR J 77 22.37 -31.31 13.67
C THR J 77 22.83 -32.50 12.86
N MET J 78 23.25 -32.27 11.62
CA MET J 78 23.77 -33.36 10.79
C MET J 78 24.99 -34.00 11.42
N GLN J 79 25.93 -33.18 11.91
CA GLN J 79 27.14 -33.72 12.51
C GLN J 79 26.85 -34.43 13.83
N TYR J 80 25.84 -33.96 14.56
CA TYR J 80 25.51 -34.56 15.85
C TYR J 80 24.98 -35.98 15.67
N ILE J 81 24.00 -36.15 14.78
CA ILE J 81 23.40 -37.47 14.59
C ILE J 81 24.42 -38.42 13.98
N LEU J 82 24.35 -39.69 14.39
CA LEU J 82 25.30 -40.69 13.92
C LEU J 82 24.96 -41.22 12.54
N ASN J 83 23.78 -40.91 12.01
CA ASN J 83 23.38 -41.43 10.72
C ASN J 83 24.23 -40.81 9.62
N PRO J 84 24.67 -41.59 8.63
CA PRO J 84 25.37 -41.00 7.49
C PRO J 84 24.40 -40.26 6.59
N ILE J 85 24.81 -39.06 6.17
CA ILE J 85 23.95 -38.15 5.41
C ILE J 85 24.37 -38.20 3.96
N CYS J 86 23.44 -38.60 3.09
CA CYS J 86 23.66 -38.63 1.65
C CYS J 86 23.07 -37.35 1.06
N THR J 87 23.93 -36.41 0.69
CA THR J 87 23.47 -35.13 0.16
C THR J 87 23.29 -35.22 -1.36
N TRP J 88 22.12 -34.80 -1.84
CA TRP J 88 21.79 -34.82 -3.26
C TRP J 88 21.45 -33.41 -3.70
N CYS J 89 22.28 -32.83 -4.54
CA CYS J 89 22.04 -31.49 -5.08
C CYS J 89 21.06 -31.60 -6.25
N VAL J 90 19.85 -31.08 -6.05
CA VAL J 90 18.81 -31.16 -7.07
C VAL J 90 18.44 -29.74 -7.49
N GLY J 91 18.71 -29.39 -8.75
CA GLY J 91 18.40 -28.07 -9.25
C GLY J 91 19.52 -27.08 -9.03
N GLN J 92 19.82 -26.79 -7.76
CA GLN J 92 20.90 -25.87 -7.44
C GLN J 92 21.23 -25.99 -5.97
N ALA J 93 22.38 -25.43 -5.59
CA ALA J 93 22.84 -25.41 -4.19
C ALA J 93 23.54 -24.08 -3.98
N ALA J 94 22.88 -23.19 -3.23
CA ALA J 94 23.42 -21.87 -2.94
C ALA J 94 24.47 -21.98 -1.86
N SER J 95 24.89 -20.83 -1.32
CA SER J 95 25.91 -20.79 -0.28
C SER J 95 25.62 -21.78 0.84
N MET J 96 24.48 -21.62 1.53
CA MET J 96 24.14 -22.54 2.60
C MET J 96 23.74 -23.90 2.04
N GLY J 97 23.04 -23.92 0.91
CA GLY J 97 22.73 -25.19 0.27
C GLY J 97 23.98 -25.98 -0.07
N SER J 98 24.95 -25.32 -0.71
CA SER J 98 26.22 -25.98 -1.03
C SER J 98 27.02 -26.34 0.22
N LEU J 99 26.90 -25.55 1.29
CA LEU J 99 27.58 -25.92 2.53
C LEU J 99 27.01 -27.20 3.10
N LEU J 100 25.68 -27.29 3.19
CA LEU J 100 25.06 -28.53 3.64
C LEU J 100 25.36 -29.68 2.69
N LEU J 101 25.50 -29.39 1.40
CA LEU J 101 25.86 -30.42 0.43
C LEU J 101 27.23 -30.99 0.73
N ALA J 102 28.24 -30.12 0.87
CA ALA J 102 29.59 -30.58 1.18
C ALA J 102 29.65 -31.25 2.54
N ALA J 103 28.75 -30.90 3.45
CA ALA J 103 28.73 -31.45 4.79
C ALA J 103 28.27 -32.91 4.83
N GLY J 104 27.89 -33.48 3.70
CA GLY J 104 27.45 -34.85 3.68
C GLY J 104 28.57 -35.83 3.98
N THR J 105 28.19 -37.06 4.24
CA THR J 105 29.17 -38.10 4.54
C THR J 105 30.08 -38.32 3.33
N PRO J 106 31.38 -38.50 3.53
CA PRO J 106 32.26 -38.77 2.39
C PRO J 106 31.81 -40.01 1.62
N GLY J 107 31.97 -39.95 0.30
CA GLY J 107 31.56 -41.04 -0.56
C GLY J 107 30.07 -41.14 -0.81
N MET J 108 29.28 -40.17 -0.32
CA MET J 108 27.84 -40.21 -0.52
C MET J 108 27.27 -38.85 -0.91
N ARG J 109 28.10 -37.89 -1.28
CA ARG J 109 27.65 -36.56 -1.71
C ARG J 109 27.42 -36.61 -3.21
N HIS J 110 26.16 -36.69 -3.60
CA HIS J 110 25.77 -36.84 -5.00
C HIS J 110 25.25 -35.52 -5.56
N SER J 111 24.97 -35.52 -6.86
CA SER J 111 24.43 -34.37 -7.55
C SER J 111 23.96 -34.78 -8.94
N LEU J 112 22.95 -34.09 -9.45
CA LEU J 112 22.41 -34.38 -10.76
C LEU J 112 23.22 -33.67 -11.84
N PRO J 113 23.08 -34.10 -13.10
CA PRO J 113 23.95 -33.56 -14.16
C PRO J 113 23.83 -32.06 -14.35
N ASN J 114 22.64 -31.48 -14.20
CA ASN J 114 22.42 -30.07 -14.47
C ASN J 114 22.32 -29.23 -13.21
N SER J 115 22.60 -29.80 -12.04
CA SER J 115 22.55 -29.03 -10.81
C SER J 115 23.66 -27.99 -10.78
N ARG J 116 23.42 -26.90 -10.05
CA ARG J 116 24.35 -25.79 -9.93
C ARG J 116 24.79 -25.65 -8.47
N ILE J 117 26.09 -25.51 -8.26
CA ILE J 117 26.68 -25.36 -6.93
C ILE J 117 27.32 -23.98 -6.85
N MET J 118 27.14 -23.31 -5.71
CA MET J 118 27.74 -22.01 -5.45
C MET J 118 28.09 -21.92 -3.97
N ILE J 119 29.36 -21.60 -3.68
CA ILE J 119 29.82 -21.42 -2.31
C ILE J 119 30.23 -19.99 -2.02
N HIS J 120 29.85 -19.04 -2.88
CA HIS J 120 30.32 -17.66 -2.73
C HIS J 120 29.99 -17.09 -1.36
N GLN J 121 28.83 -17.43 -0.81
CA GLN J 121 28.41 -16.90 0.48
C GLN J 121 28.36 -15.37 0.41
N PRO J 122 27.43 -14.80 -0.35
CA PRO J 122 27.39 -13.34 -0.50
C PRO J 122 26.92 -12.64 0.77
N SER J 123 27.82 -12.46 1.73
CA SER J 123 27.49 -11.80 2.98
C SER J 123 28.76 -11.33 3.69
N ILE J 135 22.44 -5.41 12.37
CA ILE J 135 23.61 -5.78 11.56
C ILE J 135 24.83 -5.85 12.47
N GLN J 136 25.54 -6.98 12.42
CA GLN J 136 26.75 -7.21 13.21
C GLN J 136 27.84 -7.72 12.28
N ALA J 137 28.82 -6.87 11.99
CA ALA J 137 29.91 -7.25 11.09
C ALA J 137 30.75 -8.37 11.69
N GLU J 138 31.18 -8.21 12.94
CA GLU J 138 32.03 -9.20 13.58
C GLU J 138 31.33 -10.55 13.65
N GLU J 139 30.03 -10.56 13.92
CA GLU J 139 29.28 -11.81 14.00
C GLU J 139 29.32 -12.55 12.67
N ILE J 140 28.91 -11.88 11.59
CA ILE J 140 28.88 -12.54 10.28
C ILE J 140 30.28 -12.92 9.85
N MET J 141 31.30 -12.17 10.26
CA MET J 141 32.67 -12.51 9.89
C MET J 141 33.14 -13.77 10.60
N LYS J 142 32.84 -13.89 11.89
CA LYS J 142 33.15 -15.12 12.61
C LYS J 142 32.37 -16.29 12.03
N LEU J 143 31.13 -16.05 11.60
CA LEU J 143 30.36 -17.10 10.95
C LEU J 143 31.03 -17.53 9.65
N LYS J 144 31.52 -16.58 8.86
CA LYS J 144 32.21 -16.92 7.62
C LYS J 144 33.50 -17.69 7.91
N LYS J 145 34.19 -17.35 9.00
CA LYS J 145 35.38 -18.10 9.39
C LYS J 145 35.01 -19.53 9.75
N GLN J 146 33.92 -19.71 10.49
CA GLN J 146 33.44 -21.05 10.81
C GLN J 146 33.10 -21.82 9.53
N LEU J 147 32.50 -21.14 8.55
CA LEU J 147 32.21 -21.78 7.28
C LEU J 147 33.48 -22.20 6.57
N TYR J 148 34.49 -21.32 6.56
CA TYR J 148 35.78 -21.68 5.98
C TYR J 148 36.34 -22.94 6.63
N ASN J 149 36.28 -23.00 7.97
CA ASN J 149 36.78 -24.16 8.67
C ASN J 149 36.00 -25.43 8.31
N ILE J 150 34.67 -25.31 8.22
CA ILE J 150 33.84 -26.47 7.89
C ILE J 150 34.19 -26.97 6.48
N TYR J 151 34.36 -26.03 5.54
CA TYR J 151 34.72 -26.42 4.18
C TYR J 151 36.08 -27.09 4.14
N ALA J 152 37.07 -26.50 4.82
CA ALA J 152 38.39 -27.11 4.87
C ALA J 152 38.34 -28.51 5.46
N LYS J 153 37.46 -28.70 6.45
CA LYS J 153 37.33 -30.03 7.06
C LYS J 153 36.72 -31.03 6.08
N HIS J 154 35.57 -30.70 5.51
CA HIS J 154 34.80 -31.65 4.71
C HIS J 154 35.38 -31.86 3.31
N THR J 155 35.64 -30.80 2.56
CA THR J 155 36.18 -30.92 1.21
C THR J 155 37.67 -31.25 1.19
N LYS J 156 38.30 -31.38 2.35
CA LYS J 156 39.72 -31.71 2.45
C LYS J 156 40.61 -30.66 1.79
N GLN J 157 40.09 -29.45 1.59
CA GLN J 157 40.85 -28.36 1.00
C GLN J 157 41.42 -27.46 2.09
N SER J 158 42.36 -26.62 1.69
CA SER J 158 42.98 -25.67 2.63
C SER J 158 42.12 -24.43 2.76
N LEU J 159 42.30 -23.73 3.89
CA LEU J 159 41.54 -22.50 4.13
C LEU J 159 41.83 -21.45 3.07
N GLN J 160 43.08 -21.35 2.63
CA GLN J 160 43.43 -20.31 1.65
C GLN J 160 42.68 -20.51 0.34
N VAL J 161 42.74 -21.72 -0.22
CA VAL J 161 42.06 -21.97 -1.48
C VAL J 161 40.55 -21.87 -1.30
N ILE J 162 40.02 -22.30 -0.15
CA ILE J 162 38.59 -22.19 0.10
C ILE J 162 38.16 -20.72 0.04
N GLU J 163 38.89 -19.85 0.76
CA GLU J 163 38.54 -18.44 0.78
C GLU J 163 38.70 -17.81 -0.59
N SER J 164 39.78 -18.15 -1.31
CA SER J 164 39.98 -17.59 -2.64
C SER J 164 38.90 -18.06 -3.60
N ALA J 165 38.34 -19.25 -3.36
CA ALA J 165 37.30 -19.77 -4.23
C ALA J 165 35.97 -19.06 -3.96
N MET J 166 35.53 -19.03 -2.70
CA MET J 166 34.26 -18.40 -2.38
C MET J 166 34.36 -16.88 -2.31
N GLU J 167 35.53 -16.31 -2.60
CA GLU J 167 35.60 -14.86 -2.81
C GLU J 167 35.07 -14.49 -4.18
N ARG J 168 34.94 -15.46 -5.08
CA ARG J 168 34.39 -15.24 -6.42
C ARG J 168 32.91 -15.56 -6.41
N ASP J 169 32.13 -14.74 -7.14
CA ASP J 169 30.69 -14.95 -7.26
C ASP J 169 30.40 -15.68 -8.56
N ARG J 170 30.37 -17.00 -8.48
CA ARG J 170 30.15 -17.85 -9.64
C ARG J 170 29.57 -19.18 -9.20
N TYR J 171 29.00 -19.90 -10.16
CA TYR J 171 28.41 -21.22 -9.91
C TYR J 171 29.32 -22.31 -10.45
N MET J 172 29.53 -23.34 -9.65
CA MET J 172 30.31 -24.49 -10.07
C MET J 172 29.42 -25.57 -10.64
N SER J 173 29.94 -26.28 -11.64
CA SER J 173 29.21 -27.39 -12.23
C SER J 173 29.38 -28.64 -11.35
N PRO J 174 28.51 -29.63 -11.53
CA PRO J 174 28.65 -30.86 -10.71
C PRO J 174 30.03 -31.49 -10.81
N MET J 175 30.60 -31.54 -12.02
CA MET J 175 31.92 -32.12 -12.18
C MET J 175 32.98 -31.23 -11.52
N GLU J 176 32.87 -29.92 -11.67
CA GLU J 176 33.80 -29.01 -11.02
C GLU J 176 33.68 -29.10 -9.51
N ALA J 177 32.46 -29.10 -8.99
CA ALA J 177 32.26 -29.26 -7.55
C ALA J 177 32.79 -30.59 -7.04
N GLN J 178 32.74 -31.64 -7.87
CA GLN J 178 33.33 -32.92 -7.49
C GLN J 178 34.85 -32.81 -7.45
N GLU J 179 35.44 -32.13 -8.43
CA GLU J 179 36.88 -31.91 -8.41
C GLU J 179 37.30 -31.04 -7.23
N PHE J 180 36.51 -30.01 -6.92
CA PHE J 180 36.81 -29.12 -5.81
C PHE J 180 36.63 -29.80 -4.46
N GLY J 181 36.02 -30.98 -4.40
CA GLY J 181 35.80 -31.69 -3.17
C GLY J 181 34.43 -31.51 -2.55
N ILE J 182 33.55 -30.75 -3.19
CA ILE J 182 32.21 -30.57 -2.64
C ILE J 182 31.33 -31.78 -2.92
N LEU J 183 31.60 -32.50 -4.00
CA LEU J 183 30.81 -33.66 -4.39
C LEU J 183 31.71 -34.89 -4.51
N ASP J 184 31.10 -36.06 -4.34
CA ASP J 184 31.79 -37.33 -4.49
C ASP J 184 31.39 -38.07 -5.76
N LYS J 185 30.14 -37.89 -6.21
CA LYS J 185 29.65 -38.55 -7.41
C LYS J 185 28.72 -37.60 -8.16
N VAL J 186 28.63 -37.79 -9.47
CA VAL J 186 27.72 -37.05 -10.33
C VAL J 186 26.95 -38.10 -11.12
N LEU J 187 25.78 -38.48 -10.62
CA LEU J 187 25.00 -39.54 -11.25
C LEU J 187 24.08 -38.98 -12.32
N VAL J 188 24.03 -39.68 -13.46
CA VAL J 188 23.06 -39.39 -14.50
C VAL J 188 21.87 -40.33 -14.45
N HIS J 189 22.08 -41.58 -14.08
CA HIS J 189 21.02 -42.58 -13.92
C HIS J 189 21.40 -43.47 -12.76
N PRO J 190 20.43 -44.15 -12.15
CA PRO J 190 20.75 -45.04 -11.05
C PRO J 190 21.71 -46.13 -11.50
N PRO J 191 22.45 -46.75 -10.58
CA PRO J 191 23.43 -47.77 -10.99
C PRO J 191 22.78 -48.93 -11.72
N GLN J 192 23.16 -49.10 -12.99
CA GLN J 192 22.59 -50.15 -13.82
C GLN J 192 23.40 -51.43 -13.71
N ILE K 1 -12.01 -27.15 -6.87
CA ILE K 1 -11.21 -28.36 -6.53
C ILE K 1 -12.05 -29.29 -5.66
N PRO K 2 -13.05 -29.92 -6.25
CA PRO K 2 -13.94 -30.81 -5.49
C PRO K 2 -13.30 -32.17 -5.24
N ILE K 3 -14.01 -32.99 -4.47
CA ILE K 3 -13.58 -34.34 -4.14
C ILE K 3 -14.27 -35.30 -5.09
N VAL K 4 -13.50 -36.21 -5.68
CA VAL K 4 -14.01 -37.21 -6.60
C VAL K 4 -13.89 -38.58 -5.96
N VAL K 5 -14.79 -39.49 -6.36
CA VAL K 5 -14.80 -40.84 -5.84
C VAL K 5 -14.84 -41.84 -7.00
N ARG K 13 -12.08 -43.39 -3.31
CA ARG K 13 -12.26 -43.38 -1.86
C ARG K 13 -11.99 -42.00 -1.29
N ALA K 14 -12.88 -41.05 -1.59
CA ALA K 14 -12.77 -39.68 -1.12
C ALA K 14 -11.42 -39.08 -1.51
N TYR K 15 -11.16 -39.11 -2.81
CA TYR K 15 -9.92 -38.58 -3.37
C TYR K 15 -10.17 -37.24 -4.03
N ASP K 16 -9.20 -36.33 -3.90
CA ASP K 16 -9.25 -35.06 -4.58
C ASP K 16 -8.96 -35.25 -6.07
N ILE K 17 -9.31 -34.24 -6.86
CA ILE K 17 -9.10 -34.33 -8.30
C ILE K 17 -7.63 -34.55 -8.61
N TYR K 18 -6.74 -33.78 -7.99
CA TYR K 18 -5.31 -33.94 -8.20
C TYR K 18 -4.75 -35.21 -7.59
N SER K 19 -5.31 -35.67 -6.46
CA SER K 19 -4.85 -36.94 -5.89
C SER K 19 -5.12 -38.09 -6.84
N ARG K 20 -6.34 -38.16 -7.39
CA ARG K 20 -6.64 -39.21 -8.36
C ARG K 20 -5.86 -39.01 -9.65
N LEU K 21 -5.62 -37.75 -10.05
CA LEU K 21 -4.78 -37.49 -11.21
C LEU K 21 -3.40 -38.11 -11.03
N LEU K 22 -2.79 -37.90 -9.86
CA LEU K 22 -1.49 -38.50 -9.59
C LEU K 22 -1.59 -40.02 -9.49
N ARG K 23 -2.79 -40.51 -9.24
CA ARG K 23 -3.00 -41.95 -9.19
C ARG K 23 -3.24 -42.54 -10.54
N GLU K 24 -3.17 -41.70 -11.57
CA GLU K 24 -3.30 -42.20 -12.93
C GLU K 24 -1.96 -42.10 -13.59
N ARG K 25 -0.88 -41.98 -12.82
CA ARG K 25 0.49 -41.89 -13.32
C ARG K 25 0.64 -40.67 -14.10
N ILE K 26 0.05 -39.62 -13.60
CA ILE K 26 0.03 -38.38 -14.36
C ILE K 26 0.49 -37.25 -13.45
N VAL K 27 1.44 -36.44 -13.93
CA VAL K 27 1.97 -35.30 -13.21
C VAL K 27 1.78 -34.06 -14.06
N CYS K 28 0.96 -33.13 -13.58
CA CYS K 28 0.60 -31.93 -14.33
C CYS K 28 1.41 -30.76 -13.81
N VAL K 29 2.29 -30.23 -14.64
CA VAL K 29 3.09 -29.05 -14.30
C VAL K 29 2.27 -27.84 -14.76
N MET K 30 1.37 -27.41 -13.89
CA MET K 30 0.45 -26.31 -14.20
C MET K 30 0.98 -25.01 -13.60
N GLY K 31 0.84 -23.93 -14.37
CA GLY K 31 1.26 -22.62 -13.92
C GLY K 31 2.77 -22.45 -13.95
N PRO K 32 3.25 -21.31 -13.47
CA PRO K 32 4.70 -21.08 -13.43
C PRO K 32 5.42 -22.16 -12.64
N ILE K 33 6.64 -22.47 -13.06
CA ILE K 33 7.45 -23.50 -12.43
C ILE K 33 8.38 -22.82 -11.43
N ASP K 34 8.12 -23.01 -10.14
CA ASP K 34 8.94 -22.47 -9.06
C ASP K 34 9.54 -23.62 -8.26
N ASP K 35 10.24 -23.26 -7.18
CA ASP K 35 10.90 -24.27 -6.36
C ASP K 35 9.89 -25.26 -5.78
N SER K 36 8.76 -24.75 -5.28
CA SER K 36 7.76 -25.64 -4.68
C SER K 36 7.16 -26.57 -5.72
N VAL K 37 6.73 -26.03 -6.86
CA VAL K 37 6.15 -26.86 -7.91
C VAL K 37 7.18 -27.85 -8.44
N ALA K 38 8.44 -27.41 -8.55
CA ALA K 38 9.49 -28.32 -9.02
C ALA K 38 9.68 -29.47 -8.05
N SER K 39 9.75 -29.17 -6.76
CA SER K 39 9.91 -30.23 -5.76
C SER K 39 8.71 -31.17 -5.79
N LEU K 40 7.50 -30.63 -5.94
CA LEU K 40 6.32 -31.47 -6.01
C LEU K 40 6.36 -32.40 -7.21
N VAL K 41 6.75 -31.86 -8.37
CA VAL K 41 6.81 -32.68 -9.59
C VAL K 41 7.87 -33.77 -9.43
N ILE K 42 9.02 -33.42 -8.85
CA ILE K 42 10.07 -34.40 -8.64
C ILE K 42 9.59 -35.51 -7.72
N ALA K 43 8.92 -35.14 -6.62
CA ALA K 43 8.42 -36.14 -5.68
C ALA K 43 7.39 -37.04 -6.34
N GLN K 44 6.49 -36.45 -7.14
CA GLN K 44 5.47 -37.25 -7.80
C GLN K 44 6.09 -38.21 -8.81
N LEU K 45 7.08 -37.73 -9.57
CA LEU K 45 7.74 -38.61 -10.54
C LEU K 45 8.45 -39.76 -9.84
N LEU K 46 9.16 -39.47 -8.74
CA LEU K 46 9.86 -40.53 -8.03
C LEU K 46 8.88 -41.50 -7.39
N PHE K 47 7.74 -41.01 -6.92
CA PHE K 47 6.72 -41.89 -6.36
C PHE K 47 6.15 -42.81 -7.43
N LEU K 48 5.85 -42.26 -8.61
CA LEU K 48 5.36 -43.09 -9.70
C LEU K 48 6.40 -44.12 -10.13
N GLN K 49 7.68 -43.74 -10.09
CA GLN K 49 8.75 -44.70 -10.33
C GLN K 49 8.69 -45.83 -9.31
N SER K 50 8.64 -45.48 -8.02
CA SER K 50 8.56 -46.49 -6.98
C SER K 50 7.38 -47.42 -7.18
N GLU K 51 6.22 -46.88 -7.57
CA GLU K 51 5.06 -47.72 -7.83
C GLU K 51 5.33 -48.73 -8.92
N SER K 52 5.91 -48.29 -10.04
CA SER K 52 6.26 -49.18 -11.13
C SER K 52 7.26 -48.47 -12.03
N ASN K 53 8.44 -49.05 -12.21
CA ASN K 53 9.46 -48.46 -13.06
C ASN K 53 9.27 -48.78 -14.54
N LYS K 54 8.30 -49.61 -14.88
CA LYS K 54 8.05 -50.01 -16.27
C LYS K 54 6.89 -49.24 -16.90
N LYS K 55 5.82 -48.99 -16.15
CA LYS K 55 4.66 -48.31 -16.71
C LYS K 55 5.04 -46.87 -17.09
N PRO K 56 4.41 -46.30 -18.10
CA PRO K 56 4.73 -44.93 -18.50
C PRO K 56 4.18 -43.92 -17.50
N ILE K 57 4.71 -42.70 -17.59
CA ILE K 57 4.29 -41.58 -16.76
C ILE K 57 3.91 -40.44 -17.69
N HIS K 58 2.66 -39.98 -17.58
CA HIS K 58 2.17 -38.88 -18.39
C HIS K 58 2.47 -37.55 -17.70
N MET K 59 2.86 -36.56 -18.48
CA MET K 59 3.21 -35.24 -17.98
C MET K 59 2.48 -34.19 -18.82
N TYR K 60 1.45 -33.58 -18.24
CA TYR K 60 0.75 -32.49 -18.89
C TYR K 60 1.50 -31.18 -18.66
N ILE K 61 1.84 -30.49 -19.73
CA ILE K 61 2.68 -29.30 -19.67
C ILE K 61 1.83 -28.11 -20.11
N ASN K 62 1.47 -27.25 -19.15
CA ASN K 62 0.76 -26.00 -19.43
C ASN K 62 1.29 -24.97 -18.44
N SER K 63 2.31 -24.21 -18.87
CA SER K 63 2.96 -23.23 -18.02
C SER K 63 3.39 -22.02 -18.85
N PRO K 64 3.27 -20.81 -18.33
CA PRO K 64 3.74 -19.63 -19.05
C PRO K 64 5.21 -19.32 -18.87
N GLY K 65 5.98 -20.21 -18.25
CA GLY K 65 7.40 -19.98 -18.02
C GLY K 65 7.91 -20.78 -16.83
N GLY K 66 8.62 -20.10 -15.93
CA GLY K 66 9.14 -20.72 -14.72
C GLY K 66 10.59 -20.34 -14.51
N VAL K 67 11.25 -21.09 -13.63
CA VAL K 67 12.65 -20.87 -13.28
C VAL K 67 13.50 -21.85 -14.08
N VAL K 68 14.69 -21.41 -14.50
CA VAL K 68 15.57 -22.26 -15.28
C VAL K 68 16.06 -23.43 -14.45
N THR K 69 16.50 -23.17 -13.21
CA THR K 69 16.98 -24.24 -12.34
C THR K 69 15.87 -25.22 -12.01
N ALA K 70 14.64 -24.73 -11.83
CA ALA K 70 13.51 -25.62 -11.56
C ALA K 70 13.27 -26.57 -12.73
N GLY K 71 13.22 -26.02 -13.95
CA GLY K 71 13.05 -26.86 -15.11
C GLY K 71 14.19 -27.85 -15.30
N LEU K 72 15.41 -27.43 -14.99
CA LEU K 72 16.55 -28.34 -15.10
C LEU K 72 16.45 -29.46 -14.07
N ALA K 73 15.99 -29.14 -12.86
CA ALA K 73 15.78 -30.19 -11.86
C ALA K 73 14.71 -31.17 -12.31
N ILE K 74 13.61 -30.66 -12.86
CA ILE K 74 12.56 -31.54 -13.35
C ILE K 74 13.09 -32.42 -14.47
N TYR K 75 13.91 -31.85 -15.37
CA TYR K 75 14.47 -32.62 -16.47
C TYR K 75 15.42 -33.70 -15.95
N ASP K 76 16.25 -33.36 -14.97
CA ASP K 76 17.17 -34.35 -14.40
C ASP K 76 16.40 -35.48 -13.73
N THR K 77 15.31 -35.14 -13.03
CA THR K 77 14.49 -36.20 -12.42
C THR K 77 13.85 -37.08 -13.48
N MET K 78 13.33 -36.47 -14.56
CA MET K 78 12.74 -37.25 -15.64
C MET K 78 13.75 -38.21 -16.24
N GLN K 79 14.95 -37.71 -16.55
CA GLN K 79 15.97 -38.56 -17.16
C GLN K 79 16.50 -39.60 -16.18
N TYR K 80 16.44 -39.32 -14.88
CA TYR K 80 16.96 -40.26 -13.89
C TYR K 80 16.07 -41.49 -13.78
N ILE K 81 14.75 -41.29 -13.68
CA ILE K 81 13.83 -42.42 -13.55
C ILE K 81 13.77 -43.18 -14.86
N LEU K 82 13.63 -44.51 -14.75
CA LEU K 82 13.61 -45.38 -15.92
C LEU K 82 12.23 -45.51 -16.54
N ASN K 83 11.29 -44.62 -16.20
CA ASN K 83 9.94 -44.70 -16.75
C ASN K 83 9.86 -43.86 -18.02
N PRO K 84 9.22 -44.37 -19.09
CA PRO K 84 9.07 -43.55 -20.31
C PRO K 84 8.08 -42.42 -20.08
N ILE K 85 8.52 -41.19 -20.34
CA ILE K 85 7.71 -40.00 -20.05
C ILE K 85 6.96 -39.62 -21.31
N CYS K 86 5.63 -39.61 -21.22
CA CYS K 86 4.76 -39.16 -22.31
C CYS K 86 4.38 -37.72 -22.02
N THR K 87 5.01 -36.78 -22.74
CA THR K 87 4.79 -35.35 -22.52
C THR K 87 3.67 -34.88 -23.43
N TRP K 88 2.58 -34.42 -22.82
CA TRP K 88 1.42 -33.90 -23.54
C TRP K 88 1.32 -32.40 -23.31
N CYS K 89 1.37 -31.63 -24.40
CA CYS K 89 1.26 -30.18 -24.32
C CYS K 89 -0.22 -29.82 -24.40
N VAL K 90 -0.78 -29.35 -23.29
CA VAL K 90 -2.19 -29.05 -23.20
C VAL K 90 -2.39 -27.55 -23.01
N GLY K 91 -2.58 -26.83 -24.12
CA GLY K 91 -2.87 -25.41 -24.07
C GLY K 91 -1.71 -24.53 -24.49
N GLN K 92 -0.51 -24.86 -24.04
CA GLN K 92 0.67 -24.07 -24.38
C GLN K 92 1.90 -24.75 -23.79
N ALA K 93 3.08 -24.27 -24.20
CA ALA K 93 4.35 -24.76 -23.67
C ALA K 93 5.34 -23.61 -23.73
N ALA K 94 5.65 -23.04 -22.57
CA ALA K 94 6.60 -21.95 -22.50
C ALA K 94 8.02 -22.47 -22.68
N SER K 95 9.01 -21.59 -22.47
CA SER K 95 10.40 -21.96 -22.62
C SER K 95 10.72 -23.23 -21.85
N MET K 96 10.56 -23.20 -20.52
CA MET K 96 10.84 -24.39 -19.71
C MET K 96 9.79 -25.47 -19.95
N GLY K 97 8.54 -25.07 -20.15
CA GLY K 97 7.52 -26.05 -20.49
C GLY K 97 7.83 -26.77 -21.80
N SER K 98 8.21 -26.01 -22.82
CA SER K 98 8.57 -26.62 -24.10
C SER K 98 9.82 -27.47 -23.97
N LEU K 99 10.76 -27.06 -23.12
CA LEU K 99 11.96 -27.87 -22.89
C LEU K 99 11.59 -29.21 -22.28
N LEU K 100 10.78 -29.20 -21.22
CA LEU K 100 10.33 -30.45 -20.63
C LEU K 100 9.54 -31.28 -21.63
N LEU K 101 8.79 -30.61 -22.52
CA LEU K 101 8.06 -31.32 -23.57
C LEU K 101 9.02 -32.06 -24.48
N ALA K 102 10.06 -31.38 -24.96
CA ALA K 102 11.05 -32.03 -25.82
C ALA K 102 11.84 -33.08 -25.06
N ALA K 103 11.91 -32.98 -23.73
CA ALA K 103 12.66 -33.92 -22.91
C ALA K 103 11.95 -35.25 -22.74
N GLY K 104 10.82 -35.47 -23.40
CA GLY K 104 10.10 -36.72 -23.30
C GLY K 104 10.75 -37.83 -24.09
N THR K 105 10.19 -39.02 -23.94
CA THR K 105 10.72 -40.18 -24.65
C THR K 105 10.48 -40.04 -26.14
N PRO K 106 11.45 -40.38 -26.99
CA PRO K 106 11.20 -40.32 -28.44
C PRO K 106 10.01 -41.19 -28.83
N GLY K 107 9.05 -40.58 -29.52
CA GLY K 107 7.84 -41.27 -29.94
C GLY K 107 6.68 -41.16 -28.98
N MET K 108 6.82 -40.37 -27.91
CA MET K 108 5.75 -40.18 -26.94
C MET K 108 5.53 -38.70 -26.60
N ARG K 109 6.06 -37.80 -27.41
CA ARG K 109 5.91 -36.36 -27.19
C ARG K 109 4.76 -35.88 -28.07
N HIS K 110 3.55 -35.95 -27.51
CA HIS K 110 2.34 -35.59 -28.23
C HIS K 110 1.95 -34.15 -27.89
N SER K 111 0.79 -33.74 -28.42
CA SER K 111 0.27 -32.40 -28.18
C SER K 111 -1.16 -32.35 -28.70
N LEU K 112 -1.76 -31.16 -28.63
CA LEU K 112 -3.11 -30.92 -29.08
C LEU K 112 -3.13 -29.91 -30.23
N PRO K 113 -4.23 -29.82 -30.98
CA PRO K 113 -4.25 -28.94 -32.16
C PRO K 113 -3.97 -27.48 -31.83
N ASN K 114 -4.60 -26.93 -30.80
CA ASN K 114 -4.45 -25.53 -30.45
C ASN K 114 -3.39 -25.30 -29.36
N SER K 115 -2.42 -26.20 -29.24
CA SER K 115 -1.35 -26.06 -28.28
C SER K 115 -0.19 -25.30 -28.92
N ARG K 116 0.32 -24.30 -28.21
CA ARG K 116 1.38 -23.43 -28.70
C ARG K 116 2.69 -23.75 -27.97
N ILE K 117 3.78 -23.87 -28.72
CA ILE K 117 5.09 -24.20 -28.17
C ILE K 117 6.01 -23.01 -28.40
N MET K 118 6.72 -22.61 -27.35
CA MET K 118 7.67 -21.49 -27.40
C MET K 118 8.97 -21.93 -26.75
N ILE K 119 10.09 -21.65 -27.41
CA ILE K 119 11.42 -22.00 -26.91
C ILE K 119 12.33 -20.78 -26.85
N HIS K 120 11.76 -19.56 -26.80
CA HIS K 120 12.58 -18.36 -26.83
C HIS K 120 13.50 -18.29 -25.62
N GLN K 121 12.99 -18.62 -24.44
CA GLN K 121 13.77 -18.53 -23.21
C GLN K 121 14.25 -17.10 -23.02
N PRO K 122 13.34 -16.16 -22.74
CA PRO K 122 13.76 -14.75 -22.63
C PRO K 122 14.57 -14.48 -21.37
N SER K 123 15.84 -14.87 -21.39
CA SER K 123 16.73 -14.66 -20.25
C SER K 123 18.18 -14.87 -20.65
N ILE K 135 20.57 -10.69 -10.55
CA ILE K 135 20.74 -11.68 -11.59
C ILE K 135 22.21 -12.05 -11.73
N GLN K 136 22.47 -13.13 -12.47
CA GLN K 136 23.82 -13.63 -12.72
C GLN K 136 23.94 -13.90 -14.22
N ALA K 137 24.55 -12.95 -14.95
CA ALA K 137 24.63 -13.06 -16.40
C ALA K 137 25.32 -14.36 -16.83
N GLU K 138 26.52 -14.60 -16.30
CA GLU K 138 27.27 -15.79 -16.70
C GLU K 138 26.54 -17.07 -16.33
N GLU K 139 25.89 -17.08 -15.15
CA GLU K 139 25.17 -18.27 -14.73
C GLU K 139 24.02 -18.58 -15.68
N ILE K 140 23.19 -17.59 -15.98
CA ILE K 140 22.06 -17.84 -16.88
C ILE K 140 22.55 -18.16 -18.29
N MET K 141 23.70 -17.59 -18.69
CA MET K 141 24.25 -17.91 -20.01
C MET K 141 24.67 -19.38 -20.08
N LYS K 142 25.38 -19.86 -19.06
CA LYS K 142 25.77 -21.27 -19.04
C LYS K 142 24.55 -22.17 -18.92
N LEU K 143 23.53 -21.73 -18.19
CA LEU K 143 22.29 -22.51 -18.11
C LEU K 143 21.63 -22.61 -19.47
N LYS K 144 21.60 -21.52 -20.22
CA LYS K 144 21.00 -21.54 -21.55
C LYS K 144 21.84 -22.36 -22.52
N LYS K 145 23.15 -22.41 -22.31
CA LYS K 145 23.99 -23.31 -23.09
C LYS K 145 23.66 -24.76 -22.79
N GLN K 146 23.45 -25.09 -21.51
CA GLN K 146 22.99 -26.43 -21.15
C GLN K 146 21.65 -26.73 -21.80
N LEU K 147 20.77 -25.74 -21.88
CA LEU K 147 19.48 -25.94 -22.54
C LEU K 147 19.67 -26.21 -24.03
N TYR K 148 20.58 -25.46 -24.67
CA TYR K 148 20.93 -25.75 -26.06
C TYR K 148 21.38 -27.19 -26.23
N ASN K 149 22.24 -27.65 -25.33
CA ASN K 149 22.75 -29.01 -25.41
C ASN K 149 21.61 -30.02 -25.25
N ILE K 150 20.73 -29.80 -24.28
CA ILE K 150 19.62 -30.72 -24.05
C ILE K 150 18.72 -30.77 -25.28
N TYR K 151 18.45 -29.61 -25.88
CA TYR K 151 17.63 -29.57 -27.09
C TYR K 151 18.30 -30.33 -28.22
N ALA K 152 19.59 -30.09 -28.46
CA ALA K 152 20.30 -30.81 -29.51
C ALA K 152 20.27 -32.32 -29.25
N LYS K 153 20.29 -32.72 -27.99
CA LYS K 153 20.24 -34.15 -27.67
C LYS K 153 18.87 -34.72 -27.99
N HIS K 154 17.80 -34.14 -27.43
CA HIS K 154 16.48 -34.74 -27.54
C HIS K 154 15.87 -34.50 -28.92
N THR K 155 15.91 -33.27 -29.42
CA THR K 155 15.29 -32.95 -30.69
C THR K 155 16.09 -33.48 -31.89
N LYS K 156 17.25 -34.07 -31.67
CA LYS K 156 18.09 -34.59 -32.76
C LYS K 156 18.42 -33.47 -33.75
N GLN K 157 18.79 -32.32 -33.23
CA GLN K 157 19.15 -31.16 -34.04
C GLN K 157 20.56 -30.70 -33.66
N SER K 158 21.05 -29.68 -34.36
CA SER K 158 22.36 -29.12 -34.11
C SER K 158 22.26 -27.93 -33.17
N LEU K 159 23.42 -27.47 -32.69
CA LEU K 159 23.45 -26.35 -31.76
C LEU K 159 23.11 -25.04 -32.46
N GLN K 160 23.59 -24.86 -33.69
CA GLN K 160 23.35 -23.61 -34.41
C GLN K 160 21.86 -23.39 -34.65
N VAL K 161 21.17 -24.42 -35.14
CA VAL K 161 19.75 -24.28 -35.44
C VAL K 161 18.96 -24.04 -34.15
N ILE K 162 19.34 -24.73 -33.07
CA ILE K 162 18.65 -24.55 -31.80
C ILE K 162 18.83 -23.12 -31.30
N GLU K 163 20.05 -22.58 -31.41
CA GLU K 163 20.29 -21.21 -30.98
C GLU K 163 19.49 -20.23 -31.84
N SER K 164 19.48 -20.45 -33.16
CA SER K 164 18.73 -19.56 -34.04
C SER K 164 17.23 -19.59 -33.74
N ALA K 165 16.72 -20.77 -33.38
CA ALA K 165 15.29 -20.88 -33.08
C ALA K 165 14.97 -20.23 -31.74
N MET K 166 15.77 -20.49 -30.71
CA MET K 166 15.53 -19.91 -29.40
C MET K 166 15.80 -18.40 -29.38
N GLU K 167 16.53 -17.88 -30.37
CA GLU K 167 16.76 -16.44 -30.43
C GLU K 167 15.52 -15.69 -30.92
N ARG K 168 14.62 -16.37 -31.62
CA ARG K 168 13.40 -15.75 -32.12
C ARG K 168 12.32 -15.81 -31.05
N ASP K 169 11.71 -14.66 -30.75
CA ASP K 169 10.63 -14.58 -29.76
C ASP K 169 9.29 -14.80 -30.48
N ARG K 170 8.98 -16.07 -30.69
CA ARG K 170 7.76 -16.45 -31.40
C ARG K 170 7.33 -17.83 -30.93
N TYR K 171 6.04 -18.10 -31.09
CA TYR K 171 5.48 -19.40 -30.78
C TYR K 171 5.51 -20.30 -32.01
N MET K 172 5.26 -21.59 -31.78
CA MET K 172 5.25 -22.59 -32.85
C MET K 172 3.98 -23.43 -32.74
N SER K 173 3.50 -23.89 -33.90
CA SER K 173 2.31 -24.72 -33.94
C SER K 173 2.68 -26.18 -33.69
N PRO K 174 1.69 -27.02 -33.36
CA PRO K 174 2.01 -28.44 -33.14
C PRO K 174 2.74 -29.10 -34.29
N MET K 175 2.34 -28.80 -35.54
CA MET K 175 3.02 -29.40 -36.68
C MET K 175 4.44 -28.85 -36.84
N GLU K 176 4.62 -27.56 -36.61
CA GLU K 176 5.96 -26.98 -36.68
C GLU K 176 6.86 -27.61 -35.62
N ALA K 177 6.35 -27.74 -34.39
CA ALA K 177 7.13 -28.37 -33.32
C ALA K 177 7.38 -29.85 -33.60
N GLN K 178 6.47 -30.52 -34.30
CA GLN K 178 6.67 -31.92 -34.64
C GLN K 178 7.76 -32.09 -35.69
N GLU K 179 7.74 -31.24 -36.73
CA GLU K 179 8.77 -31.31 -37.77
C GLU K 179 10.11 -30.76 -37.29
N PHE K 180 10.11 -29.93 -36.25
CA PHE K 180 11.38 -29.40 -35.73
C PHE K 180 12.06 -30.37 -34.80
N GLY K 181 11.30 -31.29 -34.19
CA GLY K 181 11.84 -32.28 -33.28
C GLY K 181 11.32 -32.18 -31.87
N ILE K 182 10.60 -31.11 -31.52
CA ILE K 182 10.07 -30.96 -30.17
C ILE K 182 8.97 -31.97 -29.92
N LEU K 183 8.10 -32.18 -30.91
CA LEU K 183 6.98 -33.12 -30.80
C LEU K 183 7.19 -34.29 -31.76
N ASP K 184 6.39 -35.34 -31.54
CA ASP K 184 6.41 -36.53 -32.36
C ASP K 184 5.08 -36.78 -33.05
N LYS K 185 3.97 -36.58 -32.36
CA LYS K 185 2.65 -36.78 -32.91
C LYS K 185 1.76 -35.59 -32.58
N VAL K 186 0.74 -35.37 -33.40
CA VAL K 186 -0.24 -34.31 -33.20
C VAL K 186 -1.61 -34.97 -33.28
N LEU K 187 -2.16 -35.33 -32.13
CA LEU K 187 -3.43 -36.02 -32.07
C LEU K 187 -4.58 -35.03 -31.89
N VAL K 188 -5.74 -35.38 -32.45
CA VAL K 188 -6.97 -34.63 -32.29
C VAL K 188 -7.98 -35.42 -31.47
N HIS K 189 -8.12 -36.70 -31.75
CA HIS K 189 -8.98 -37.62 -31.02
C HIS K 189 -8.22 -38.92 -30.80
N PRO K 190 -8.59 -39.69 -29.78
CA PRO K 190 -7.89 -40.96 -29.53
C PRO K 190 -8.03 -41.89 -30.72
N PRO K 191 -6.93 -42.22 -31.41
CA PRO K 191 -7.04 -43.07 -32.60
C PRO K 191 -7.53 -44.48 -32.30
N GLN K 192 -8.67 -44.85 -32.89
CA GLN K 192 -9.20 -46.20 -32.77
C GLN K 192 -9.65 -46.71 -34.13
N ILE L 1 10.78 19.96 -20.36
CA ILE L 1 10.01 21.20 -20.63
C ILE L 1 10.90 22.42 -20.42
N PRO L 2 11.86 22.63 -21.31
CA PRO L 2 12.78 23.76 -21.17
C PRO L 2 12.14 25.06 -21.63
N ILE L 3 12.87 26.15 -21.39
CA ILE L 3 12.43 27.49 -21.78
C ILE L 3 12.98 27.79 -23.17
N VAL L 4 12.10 28.26 -24.05
CA VAL L 4 12.47 28.59 -25.42
C VAL L 4 12.35 30.09 -25.61
N VAL L 5 12.81 30.56 -26.77
CA VAL L 5 12.77 31.98 -27.11
C VAL L 5 11.95 32.21 -28.38
N ARG L 13 10.78 35.89 -25.35
CA ARG L 13 11.03 36.56 -24.08
C ARG L 13 10.88 35.57 -22.92
N ALA L 14 11.77 34.59 -22.86
CA ALA L 14 11.76 33.58 -21.80
C ALA L 14 10.40 32.88 -21.74
N TYR L 15 10.02 32.27 -22.85
CA TYR L 15 8.74 31.59 -22.98
C TYR L 15 8.93 30.09 -22.85
N ASP L 16 8.01 29.44 -22.14
CA ASP L 16 7.98 27.99 -22.07
C ASP L 16 7.52 27.42 -23.41
N ILE L 17 7.92 26.18 -23.67
CA ILE L 17 7.60 25.55 -24.96
C ILE L 17 6.09 25.54 -25.17
N TYR L 18 5.33 25.15 -24.14
CA TYR L 18 3.88 25.17 -24.24
C TYR L 18 3.33 26.58 -24.29
N SER L 19 4.07 27.57 -23.81
CA SER L 19 3.61 28.95 -23.89
C SER L 19 3.73 29.48 -25.31
N ARG L 20 4.92 29.35 -25.91
CA ARG L 20 5.08 29.73 -27.31
C ARG L 20 4.18 28.91 -28.21
N LEU L 21 3.89 27.67 -27.82
CA LEU L 21 2.96 26.84 -28.59
C LEU L 21 1.60 27.51 -28.69
N LEU L 22 1.06 27.95 -27.56
CA LEU L 22 -0.21 28.68 -27.58
C LEU L 22 -0.06 30.03 -28.27
N ARG L 23 1.13 30.54 -28.37
CA ARG L 23 1.33 31.79 -29.09
C ARG L 23 1.41 31.58 -30.60
N GLU L 24 1.31 30.33 -31.04
CA GLU L 24 1.28 30.04 -32.47
C GLU L 24 -0.08 29.52 -32.76
N ARG L 25 -1.08 29.96 -32.00
CA ARG L 25 -2.47 29.58 -32.17
C ARG L 25 -2.63 28.13 -32.21
N ILE L 26 -1.82 27.47 -31.43
CA ILE L 26 -1.87 26.02 -31.43
C ILE L 26 -2.36 25.56 -30.08
N VAL L 27 -3.50 24.87 -30.06
CA VAL L 27 -4.07 24.33 -28.84
C VAL L 27 -4.01 22.81 -28.91
N CYS L 28 -2.93 22.23 -28.39
CA CYS L 28 -2.72 20.80 -28.49
C CYS L 28 -3.51 20.07 -27.40
N VAL L 29 -4.23 19.02 -27.79
CA VAL L 29 -4.93 18.17 -26.85
C VAL L 29 -4.15 16.86 -26.73
N MET L 30 -3.26 16.79 -25.75
CA MET L 30 -2.39 15.64 -25.55
C MET L 30 -2.84 14.87 -24.33
N GLY L 31 -2.59 13.56 -24.33
CA GLY L 31 -2.93 12.70 -23.22
C GLY L 31 -4.43 12.58 -23.03
N PRO L 32 -4.84 11.85 -22.00
CA PRO L 32 -6.27 11.69 -21.72
C PRO L 32 -6.94 13.04 -21.50
N ILE L 33 -8.19 13.14 -21.95
CA ILE L 33 -8.98 14.36 -21.83
C ILE L 33 -9.76 14.29 -20.52
N ASP L 34 -9.40 15.13 -19.57
CA ASP L 34 -10.06 15.21 -18.27
C ASP L 34 -10.66 16.61 -18.09
N ASP L 35 -11.26 16.83 -16.91
CA ASP L 35 -11.90 18.10 -16.63
C ASP L 35 -10.90 19.25 -16.72
N SER L 36 -9.72 19.07 -16.10
CA SER L 36 -8.72 20.13 -16.12
C SER L 36 -8.21 20.39 -17.53
N VAL L 37 -7.91 19.32 -18.27
CA VAL L 37 -7.40 19.47 -19.63
C VAL L 37 -8.46 20.13 -20.51
N ALA L 38 -9.72 19.75 -20.34
CA ALA L 38 -10.80 20.34 -21.14
C ALA L 38 -10.96 21.82 -20.81
N SER L 39 -10.91 22.17 -19.53
CA SER L 39 -11.00 23.58 -19.14
C SER L 39 -9.84 24.37 -19.74
N LEU L 40 -8.64 23.79 -19.72
CA LEU L 40 -7.48 24.47 -20.28
C LEU L 40 -7.66 24.68 -21.79
N VAL L 41 -8.13 23.65 -22.49
CA VAL L 41 -8.32 23.77 -23.94
C VAL L 41 -9.37 24.82 -24.24
N ILE L 42 -10.45 24.85 -23.46
CA ILE L 42 -11.51 25.84 -23.68
C ILE L 42 -10.97 27.24 -23.44
N ALA L 43 -10.21 27.43 -22.36
CA ALA L 43 -9.64 28.73 -22.08
C ALA L 43 -8.70 29.18 -23.18
N GLN L 44 -7.88 28.26 -23.70
CA GLN L 44 -6.95 28.61 -24.76
C GLN L 44 -7.69 28.97 -26.04
N LEU L 45 -8.74 28.21 -26.37
CA LEU L 45 -9.53 28.52 -27.56
C LEU L 45 -10.17 29.89 -27.45
N LEU L 46 -10.76 30.19 -26.30
CA LEU L 46 -11.43 31.49 -26.12
C LEU L 46 -10.41 32.63 -26.11
N PHE L 47 -9.22 32.39 -25.55
CA PHE L 47 -8.18 33.42 -25.57
C PHE L 47 -7.70 33.68 -26.99
N LEU L 48 -7.53 32.62 -27.79
CA LEU L 48 -7.14 32.81 -29.19
C LEU L 48 -8.23 33.54 -29.97
N GLN L 49 -9.50 33.24 -29.68
CA GLN L 49 -10.58 34.01 -30.29
C GLN L 49 -10.49 35.48 -29.91
N SER L 50 -10.24 35.76 -28.63
CA SER L 50 -10.09 37.14 -28.19
C SER L 50 -8.96 37.84 -28.93
N GLU L 51 -7.80 37.18 -29.06
CA GLU L 51 -6.70 37.76 -29.82
C GLU L 51 -7.11 38.00 -31.26
N SER L 52 -7.85 37.07 -31.86
CA SER L 52 -8.34 37.20 -33.22
C SER L 52 -9.45 36.21 -33.49
N ASN L 53 -10.61 36.70 -33.95
CA ASN L 53 -11.75 35.83 -34.19
C ASN L 53 -11.79 35.30 -35.62
N LYS L 54 -10.92 35.78 -36.51
CA LYS L 54 -10.91 35.34 -37.90
C LYS L 54 -9.73 34.42 -38.20
N LYS L 55 -8.59 34.63 -37.54
CA LYS L 55 -7.43 33.78 -37.79
C LYS L 55 -7.72 32.36 -37.36
N PRO L 56 -7.16 31.35 -38.04
CA PRO L 56 -7.44 29.97 -37.66
C PRO L 56 -6.76 29.58 -36.36
N ILE L 57 -7.18 28.44 -35.81
CA ILE L 57 -6.61 27.87 -34.59
C ILE L 57 -6.30 26.41 -34.87
N HIS L 58 -5.06 26.00 -34.57
CA HIS L 58 -4.61 24.64 -34.82
C HIS L 58 -4.75 23.82 -33.55
N MET L 59 -5.21 22.58 -33.69
CA MET L 59 -5.44 21.68 -32.56
C MET L 59 -4.76 20.34 -32.89
N TYR L 60 -3.66 20.06 -32.20
CA TYR L 60 -2.99 18.77 -32.36
C TYR L 60 -3.62 17.75 -31.42
N ILE L 61 -4.01 16.60 -31.98
CA ILE L 61 -4.73 15.56 -31.23
C ILE L 61 -3.85 14.33 -31.14
N ASN L 62 -3.42 13.99 -29.91
CA ASN L 62 -2.67 12.78 -29.63
C ASN L 62 -3.21 12.17 -28.33
N SER L 63 -4.54 12.15 -28.20
CA SER L 63 -5.18 11.71 -26.97
C SER L 63 -5.73 10.29 -27.13
N PRO L 64 -5.51 9.42 -26.14
CA PRO L 64 -6.10 8.08 -26.21
C PRO L 64 -7.55 8.00 -25.74
N GLY L 65 -8.18 9.13 -25.47
CA GLY L 65 -9.55 9.15 -25.00
C GLY L 65 -9.77 10.14 -23.88
N GLY L 66 -10.76 9.90 -23.03
CA GLY L 66 -11.03 10.78 -21.91
C GLY L 66 -12.51 10.76 -21.56
N VAL L 67 -12.92 11.78 -20.81
CA VAL L 67 -14.30 11.90 -20.37
C VAL L 67 -15.15 12.35 -21.54
N VAL L 68 -16.35 11.75 -21.67
CA VAL L 68 -17.24 12.10 -22.77
C VAL L 68 -17.71 13.55 -22.64
N THR L 69 -18.13 13.93 -21.43
CA THR L 69 -18.61 15.29 -21.22
C THR L 69 -17.51 16.31 -21.48
N ALA L 70 -16.27 15.98 -21.11
CA ALA L 70 -15.15 16.90 -21.37
C ALA L 70 -14.94 17.12 -22.86
N GLY L 71 -14.91 16.03 -23.64
CA GLY L 71 -14.74 16.17 -25.07
C GLY L 71 -15.90 16.90 -25.71
N LEU L 72 -17.12 16.67 -25.22
CA LEU L 72 -18.27 17.39 -25.75
C LEU L 72 -18.21 18.87 -25.42
N ALA L 73 -17.67 19.22 -24.24
CA ALA L 73 -17.46 20.62 -23.91
C ALA L 73 -16.44 21.25 -24.85
N ILE L 74 -15.35 20.53 -25.10
CA ILE L 74 -14.34 21.04 -26.04
C ILE L 74 -14.96 21.25 -27.42
N TYR L 75 -15.82 20.31 -27.83
CA TYR L 75 -16.48 20.43 -29.13
C TYR L 75 -17.41 21.64 -29.17
N ASP L 76 -18.20 21.82 -28.11
CA ASP L 76 -19.10 22.96 -28.05
C ASP L 76 -18.32 24.27 -28.10
N THR L 77 -17.17 24.32 -27.43
CA THR L 77 -16.34 25.53 -27.48
C THR L 77 -15.79 25.75 -28.88
N MET L 78 -15.30 24.68 -29.52
CA MET L 78 -14.79 24.81 -30.88
C MET L 78 -15.86 25.32 -31.83
N GLN L 79 -17.10 24.84 -31.67
CA GLN L 79 -18.18 25.27 -32.55
C GLN L 79 -18.65 26.69 -32.20
N TYR L 80 -18.53 27.08 -30.94
CA TYR L 80 -19.00 28.40 -30.52
C TYR L 80 -18.13 29.51 -31.12
N ILE L 81 -16.81 29.36 -31.02
CA ILE L 81 -15.91 30.40 -31.52
C ILE L 81 -15.98 30.46 -33.04
N LEU L 82 -15.86 31.66 -33.59
CA LEU L 82 -15.94 31.86 -35.02
C LEU L 82 -14.67 31.46 -35.75
N ASN L 83 -13.59 31.18 -35.03
CA ASN L 83 -12.34 30.85 -35.68
C ASN L 83 -12.43 29.46 -36.33
N PRO L 84 -11.89 29.28 -37.53
CA PRO L 84 -11.85 27.94 -38.13
C PRO L 84 -10.77 27.10 -37.45
N ILE L 85 -11.13 25.85 -37.15
CA ILE L 85 -10.29 24.95 -36.37
C ILE L 85 -9.64 23.95 -37.31
N CYS L 86 -8.30 23.98 -37.39
CA CYS L 86 -7.54 23.00 -38.16
C CYS L 86 -7.09 21.89 -37.22
N THR L 87 -7.70 20.72 -37.33
CA THR L 87 -7.43 19.60 -36.45
C THR L 87 -6.38 18.70 -37.10
N TRP L 88 -5.21 18.61 -36.47
CA TRP L 88 -4.10 17.80 -36.96
C TRP L 88 -3.97 16.57 -36.09
N CYS L 89 -4.15 15.40 -36.69
CA CYS L 89 -4.00 14.14 -35.96
C CYS L 89 -2.52 13.76 -35.95
N VAL L 90 -1.84 14.06 -34.84
CA VAL L 90 -0.43 13.73 -34.69
C VAL L 90 -0.31 12.63 -33.65
N GLY L 91 -0.05 11.41 -34.09
CA GLY L 91 -0.01 10.26 -33.20
C GLY L 91 -1.24 9.39 -33.34
N GLN L 92 -2.15 9.48 -32.39
CA GLN L 92 -3.42 8.76 -32.47
C GLN L 92 -4.55 9.69 -32.07
N ALA L 93 -5.66 9.60 -32.80
CA ALA L 93 -6.89 10.33 -32.50
C ALA L 93 -7.92 9.30 -32.05
N ALA L 94 -7.96 9.04 -30.75
CA ALA L 94 -8.85 8.04 -30.18
C ALA L 94 -10.29 8.52 -30.28
N SER L 95 -11.20 7.70 -29.75
CA SER L 95 -12.63 7.99 -29.87
C SER L 95 -12.95 9.43 -29.51
N MET L 96 -12.71 9.82 -28.26
CA MET L 96 -13.09 11.15 -27.82
C MET L 96 -12.32 12.24 -28.57
N GLY L 97 -11.05 11.97 -28.89
CA GLY L 97 -10.30 12.88 -29.73
C GLY L 97 -10.76 12.86 -31.17
N SER L 98 -11.18 11.68 -31.66
CA SER L 98 -11.62 11.56 -33.05
C SER L 98 -12.75 12.53 -33.36
N LEU L 99 -13.73 12.65 -32.45
CA LEU L 99 -14.75 13.68 -32.61
C LEU L 99 -14.11 15.04 -32.81
N LEU L 100 -13.22 15.44 -31.91
CA LEU L 100 -12.51 16.71 -32.06
C LEU L 100 -11.77 16.76 -33.39
N LEU L 101 -11.26 15.61 -33.87
CA LEU L 101 -10.63 15.57 -35.18
C LEU L 101 -11.66 15.73 -36.28
N ALA L 102 -12.82 15.07 -36.14
CA ALA L 102 -13.86 15.17 -37.14
C ALA L 102 -14.59 16.50 -37.04
N ALA L 103 -14.58 17.12 -35.87
CA ALA L 103 -15.25 18.39 -35.65
C ALA L 103 -14.53 19.57 -36.28
N GLY L 104 -13.38 19.33 -36.92
CA GLY L 104 -12.64 20.41 -37.55
C GLY L 104 -13.41 21.04 -38.69
N THR L 105 -12.91 22.19 -39.13
CA THR L 105 -13.55 22.90 -40.23
C THR L 105 -13.49 22.06 -41.50
N PRO L 106 -14.59 22.00 -42.28
CA PRO L 106 -14.52 21.23 -43.54
C PRO L 106 -13.39 21.69 -44.44
N GLY L 107 -12.45 20.78 -44.70
CA GLY L 107 -11.29 21.09 -45.52
C GLY L 107 -10.04 21.46 -44.75
N MET L 108 -10.04 21.32 -43.42
CA MET L 108 -8.90 21.65 -42.60
C MET L 108 -8.53 20.54 -41.62
N ARG L 109 -9.13 19.36 -41.76
CA ARG L 109 -8.83 18.22 -40.90
C ARG L 109 -7.73 17.40 -41.56
N HIS L 110 -6.54 17.42 -40.96
CA HIS L 110 -5.36 16.80 -41.56
C HIS L 110 -4.80 15.74 -40.62
N SER L 111 -3.99 14.86 -41.18
CA SER L 111 -3.39 13.76 -40.43
C SER L 111 -2.08 13.36 -41.09
N LEU L 112 -1.19 12.78 -40.28
CA LEU L 112 0.11 12.34 -40.75
C LEU L 112 0.03 10.90 -41.25
N PRO L 113 1.04 10.44 -42.00
CA PRO L 113 0.95 9.10 -42.60
C PRO L 113 0.74 7.98 -41.61
N ASN L 114 1.48 7.96 -40.51
CA ASN L 114 1.42 6.85 -39.55
C ASN L 114 0.44 7.11 -38.41
N SER L 115 -0.38 8.16 -38.51
CA SER L 115 -1.35 8.45 -37.45
C SER L 115 -2.46 7.40 -37.44
N ARG L 116 -3.12 7.26 -36.30
CA ARG L 116 -4.18 6.29 -36.10
C ARG L 116 -5.45 7.00 -35.65
N ILE L 117 -6.58 6.63 -36.24
CA ILE L 117 -7.88 7.21 -35.92
C ILE L 117 -8.81 6.09 -35.47
N MET L 118 -9.63 6.36 -34.46
CA MET L 118 -10.58 5.40 -33.95
C MET L 118 -11.80 6.13 -33.40
N ILE L 119 -12.99 5.63 -33.72
CA ILE L 119 -14.25 6.21 -33.24
C ILE L 119 -15.09 5.20 -32.46
N HIS L 120 -14.51 4.07 -32.05
CA HIS L 120 -15.29 3.03 -31.38
C HIS L 120 -16.04 3.57 -30.17
N GLN L 121 -15.41 4.48 -29.42
CA GLN L 121 -16.00 5.02 -28.21
C GLN L 121 -16.30 3.89 -27.23
N PRO L 122 -15.27 3.30 -26.60
CA PRO L 122 -15.52 2.15 -25.73
C PRO L 122 -16.17 2.53 -24.40
N SER L 123 -17.48 2.73 -24.43
CA SER L 123 -18.25 3.09 -23.25
C SER L 123 -19.55 2.30 -23.21
N ILE L 135 -22.58 5.72 -12.12
CA ILE L 135 -22.80 5.15 -13.44
C ILE L 135 -24.24 5.37 -13.87
N GLN L 136 -24.43 5.89 -15.09
CA GLN L 136 -25.75 6.17 -15.64
C GLN L 136 -25.77 5.67 -17.09
N ALA L 137 -26.49 4.57 -17.31
CA ALA L 137 -26.56 3.99 -18.65
C ALA L 137 -27.26 4.92 -19.63
N GLU L 138 -28.42 5.45 -19.23
CA GLU L 138 -29.17 6.35 -20.11
C GLU L 138 -28.36 7.59 -20.44
N GLU L 139 -27.60 8.11 -19.46
CA GLU L 139 -26.76 9.28 -19.71
C GLU L 139 -25.75 8.98 -20.81
N ILE L 140 -24.98 7.90 -20.66
CA ILE L 140 -23.95 7.61 -21.64
C ILE L 140 -24.57 7.25 -22.99
N MET L 141 -25.78 6.69 -22.99
CA MET L 141 -26.45 6.40 -24.26
C MET L 141 -26.86 7.68 -24.97
N LYS L 142 -27.41 8.65 -24.23
CA LYS L 142 -27.73 9.93 -24.84
C LYS L 142 -26.48 10.64 -25.33
N LEU L 143 -25.37 10.48 -24.60
CA LEU L 143 -24.10 11.04 -25.07
C LEU L 143 -23.65 10.37 -26.36
N LYS L 144 -23.82 9.05 -26.45
CA LYS L 144 -23.48 8.34 -27.68
C LYS L 144 -24.36 8.81 -28.84
N LYS L 145 -25.63 9.08 -28.58
CA LYS L 145 -26.51 9.57 -29.63
C LYS L 145 -26.10 10.97 -30.08
N GLN L 146 -25.72 11.83 -29.13
CA GLN L 146 -25.21 13.14 -29.49
C GLN L 146 -23.93 13.02 -30.34
N LEU L 147 -23.06 12.08 -29.98
CA LEU L 147 -21.85 11.85 -30.77
C LEU L 147 -22.20 11.38 -32.18
N TYR L 148 -23.18 10.47 -32.29
CA TYR L 148 -23.63 10.03 -33.61
C TYR L 148 -24.12 11.20 -34.44
N ASN L 149 -24.92 12.07 -33.83
CA ASN L 149 -25.43 13.24 -34.54
C ASN L 149 -24.29 14.16 -34.99
N ILE L 150 -23.32 14.39 -34.11
CA ILE L 150 -22.20 15.26 -34.45
C ILE L 150 -21.40 14.67 -35.61
N TYR L 151 -21.15 13.36 -35.58
CA TYR L 151 -20.42 12.71 -36.66
C TYR L 151 -21.20 12.82 -37.96
N ALA L 152 -22.49 12.52 -37.93
CA ALA L 152 -23.30 12.64 -39.14
C ALA L 152 -23.28 14.07 -39.68
N LYS L 153 -23.22 15.06 -38.79
CA LYS L 153 -23.16 16.44 -39.23
C LYS L 153 -21.82 16.75 -39.90
N HIS L 154 -20.72 16.47 -39.22
CA HIS L 154 -19.40 16.84 -39.73
C HIS L 154 -18.90 15.89 -40.80
N THR L 155 -19.11 14.59 -40.64
CA THR L 155 -18.64 13.61 -41.60
C THR L 155 -19.50 13.54 -42.86
N LYS L 156 -20.64 14.23 -42.87
CA LYS L 156 -21.57 14.18 -44.01
C LYS L 156 -21.99 12.73 -44.29
N GLN L 157 -22.17 11.95 -43.24
CA GLN L 157 -22.59 10.57 -43.31
C GLN L 157 -23.94 10.40 -42.62
N SER L 158 -24.44 9.17 -42.64
CA SER L 158 -25.72 8.85 -42.02
C SER L 158 -25.51 8.30 -40.61
N LEU L 159 -26.61 8.21 -39.86
CA LEU L 159 -26.53 7.70 -38.50
C LEU L 159 -26.24 6.20 -38.49
N GLN L 160 -26.78 5.46 -39.46
CA GLN L 160 -26.60 4.02 -39.47
C GLN L 160 -25.14 3.65 -39.69
N VAL L 161 -24.50 4.27 -40.67
CA VAL L 161 -23.10 3.95 -40.97
C VAL L 161 -22.21 4.36 -39.80
N ILE L 162 -22.53 5.48 -39.14
CA ILE L 162 -21.74 5.92 -37.99
C ILE L 162 -21.89 4.92 -36.84
N GLU L 163 -23.12 4.48 -36.58
CA GLU L 163 -23.34 3.51 -35.51
C GLU L 163 -22.63 2.19 -35.82
N SER L 164 -22.60 1.80 -37.09
CA SER L 164 -21.92 0.57 -37.47
C SER L 164 -20.41 0.70 -37.30
N ALA L 165 -19.84 1.84 -37.71
CA ALA L 165 -18.40 2.03 -37.59
C ALA L 165 -17.98 2.11 -36.12
N MET L 166 -18.66 2.92 -35.34
CA MET L 166 -18.34 3.06 -33.92
C MET L 166 -18.61 1.79 -33.13
N GLU L 167 -19.34 0.82 -33.70
CA GLU L 167 -19.58 -0.44 -33.01
C GLU L 167 -18.41 -1.40 -33.14
N ARG L 168 -17.48 -1.15 -34.06
CA ARG L 168 -16.32 -2.01 -34.27
C ARG L 168 -15.10 -1.40 -33.57
N ASP L 169 -14.36 -2.24 -32.84
CA ASP L 169 -13.15 -1.80 -32.15
C ASP L 169 -11.98 -1.95 -33.10
N ARG L 170 -11.66 -0.87 -33.81
CA ARG L 170 -10.57 -0.89 -34.77
C ARG L 170 -10.11 0.54 -35.01
N TYR L 171 -8.91 0.66 -35.58
CA TYR L 171 -8.31 1.95 -35.89
C TYR L 171 -8.33 2.19 -37.39
N MET L 172 -8.82 3.34 -37.80
CA MET L 172 -8.83 3.70 -39.21
C MET L 172 -7.51 4.37 -39.59
N SER L 173 -7.06 4.10 -40.82
CA SER L 173 -5.85 4.72 -41.31
C SER L 173 -6.16 6.11 -41.85
N PRO L 174 -5.15 6.99 -41.96
CA PRO L 174 -5.41 8.34 -42.49
C PRO L 174 -6.10 8.30 -43.85
N MET L 175 -5.63 7.46 -44.77
CA MET L 175 -6.26 7.39 -46.09
C MET L 175 -7.68 6.86 -45.98
N GLU L 176 -7.91 5.89 -45.10
CA GLU L 176 -9.26 5.35 -44.91
C GLU L 176 -10.18 6.41 -44.32
N ALA L 177 -9.73 7.08 -43.25
CA ALA L 177 -10.53 8.13 -42.64
C ALA L 177 -10.74 9.32 -43.56
N GLN L 178 -9.90 9.50 -44.57
CA GLN L 178 -10.07 10.61 -45.50
C GLN L 178 -11.33 10.43 -46.35
N GLU L 179 -11.61 9.20 -46.78
CA GLU L 179 -12.80 8.91 -47.57
C GLU L 179 -14.00 8.53 -46.71
N PHE L 180 -13.97 8.87 -45.42
CA PHE L 180 -15.08 8.58 -44.51
C PHE L 180 -15.69 9.82 -43.88
N GLY L 181 -15.06 10.99 -43.99
CA GLY L 181 -15.58 12.21 -43.39
C GLY L 181 -14.85 12.67 -42.16
N ILE L 182 -13.96 11.85 -41.59
CA ILE L 182 -13.21 12.28 -40.41
C ILE L 182 -12.05 13.18 -40.81
N LEU L 183 -11.38 12.87 -41.92
CA LEU L 183 -10.25 13.62 -42.40
C LEU L 183 -10.55 14.19 -43.78
N ASP L 184 -9.77 15.20 -44.15
CA ASP L 184 -9.87 15.84 -45.46
C ASP L 184 -8.60 15.67 -46.29
N LYS L 185 -7.44 15.93 -45.71
CA LYS L 185 -6.16 15.79 -46.39
C LYS L 185 -5.24 14.89 -45.58
N VAL L 186 -4.37 14.18 -46.30
CA VAL L 186 -3.37 13.31 -45.69
C VAL L 186 -2.02 13.76 -46.25
N LEU L 187 -1.35 14.65 -45.52
CA LEU L 187 -0.10 15.23 -45.98
C LEU L 187 1.10 14.46 -45.43
N VAL L 188 2.16 14.41 -46.23
CA VAL L 188 3.43 13.82 -45.83
C VAL L 188 4.49 14.89 -45.57
N HIS L 189 4.50 15.94 -46.37
CA HIS L 189 5.41 17.07 -46.23
C HIS L 189 4.63 18.34 -46.49
N PRO L 190 5.10 19.49 -46.01
CA PRO L 190 4.40 20.73 -46.28
C PRO L 190 4.31 20.98 -47.77
N PRO L 191 3.37 21.81 -48.21
CA PRO L 191 3.20 22.04 -49.65
C PRO L 191 4.44 22.63 -50.29
N GLN L 192 5.04 21.88 -51.22
CA GLN L 192 6.25 22.32 -51.90
C GLN L 192 5.90 23.10 -53.16
N ILE M 1 20.41 19.09 -12.26
CA ILE M 1 19.94 19.99 -13.35
C ILE M 1 20.27 21.43 -13.01
N PRO M 2 21.56 21.78 -13.04
CA PRO M 2 21.97 23.14 -12.68
C PRO M 2 21.76 24.11 -13.83
N ILE M 3 22.00 25.38 -13.53
CA ILE M 3 21.89 26.46 -14.51
C ILE M 3 23.25 26.66 -15.16
N VAL M 4 23.26 26.77 -16.49
CA VAL M 4 24.48 26.96 -17.25
C VAL M 4 24.45 28.35 -17.88
N VAL M 5 25.59 28.76 -18.42
CA VAL M 5 25.71 30.06 -19.06
C VAL M 5 26.45 29.91 -20.39
N ARG M 13 22.46 33.17 -20.87
CA ARG M 13 21.74 34.11 -20.01
C ARG M 13 20.80 33.36 -19.06
N ALA M 14 21.37 32.75 -18.03
CA ALA M 14 20.61 31.99 -17.04
C ALA M 14 19.79 30.88 -17.71
N TYR M 15 20.49 30.02 -18.44
CA TYR M 15 19.88 28.92 -19.16
C TYR M 15 20.11 27.61 -18.41
N ASP M 16 19.10 26.74 -18.44
CA ASP M 16 19.22 25.42 -17.85
C ASP M 16 20.00 24.50 -18.79
N ILE M 17 20.48 23.38 -18.23
CA ILE M 17 21.27 22.46 -19.04
C ILE M 17 20.44 21.90 -20.19
N TYR M 18 19.13 21.87 -20.05
CA TYR M 18 18.24 21.40 -21.11
C TYR M 18 17.71 22.51 -21.99
N SER M 19 17.90 23.78 -21.61
CA SER M 19 17.47 24.89 -22.44
C SER M 19 18.52 25.23 -23.49
N ARG M 20 19.76 25.50 -23.07
CA ARG M 20 20.85 25.68 -24.02
C ARG M 20 20.98 24.48 -24.95
N LEU M 21 20.65 23.29 -24.45
CA LEU M 21 20.66 22.11 -25.30
C LEU M 21 19.79 22.31 -26.54
N LEU M 22 18.56 22.78 -26.34
CA LEU M 22 17.68 23.04 -27.48
C LEU M 22 18.14 24.26 -28.26
N ARG M 23 18.93 25.10 -27.62
CA ARG M 23 19.49 26.25 -28.31
C ARG M 23 20.69 25.88 -29.14
N GLU M 24 21.05 24.61 -29.12
CA GLU M 24 22.16 24.15 -29.94
C GLU M 24 21.56 23.23 -30.98
N ARG M 25 20.29 23.40 -31.29
CA ARG M 25 19.58 22.59 -32.28
C ARG M 25 19.66 21.18 -31.93
N ILE M 26 19.82 20.95 -30.66
CA ILE M 26 20.03 19.57 -30.25
C ILE M 26 18.81 19.10 -29.47
N VAL M 27 18.09 18.14 -30.03
CA VAL M 27 16.98 17.48 -29.35
C VAL M 27 17.48 16.17 -28.78
N CYS M 28 16.82 15.69 -27.73
CA CYS M 28 17.23 14.47 -27.04
C CYS M 28 16.00 13.67 -26.66
N VAL M 29 16.05 12.37 -26.97
CA VAL M 29 15.01 11.43 -26.55
C VAL M 29 15.60 10.54 -25.47
N MET M 30 15.45 10.93 -24.21
CA MET M 30 15.99 10.20 -23.08
C MET M 30 14.87 9.51 -22.32
N GLY M 31 15.12 8.27 -21.89
CA GLY M 31 14.16 7.50 -21.15
C GLY M 31 13.05 6.97 -22.04
N PRO M 32 12.07 6.29 -21.43
CA PRO M 32 10.97 5.74 -22.23
C PRO M 32 10.24 6.83 -22.99
N ILE M 33 9.76 6.48 -24.19
CA ILE M 33 9.02 7.41 -25.03
C ILE M 33 7.54 7.30 -24.67
N ASP M 34 6.94 8.43 -24.30
CA ASP M 34 5.54 8.48 -23.92
C ASP M 34 4.89 9.68 -24.60
N ASP M 35 3.61 9.90 -24.29
CA ASP M 35 2.87 10.99 -24.93
C ASP M 35 3.52 12.34 -24.64
N SER M 36 3.86 12.59 -23.37
CA SER M 36 4.44 13.88 -23.00
C SER M 36 5.79 14.09 -23.67
N VAL M 37 6.67 13.09 -23.57
CA VAL M 37 8.00 13.21 -24.18
C VAL M 37 7.89 13.36 -25.68
N ALA M 38 6.95 12.63 -26.30
CA ALA M 38 6.78 12.73 -27.74
C ALA M 38 6.29 14.12 -28.14
N SER M 39 5.32 14.67 -27.40
CA SER M 39 4.85 16.02 -27.67
C SER M 39 5.98 17.02 -27.52
N LEU M 40 6.81 16.86 -26.48
CA LEU M 40 7.93 17.76 -26.28
C LEU M 40 8.91 17.68 -27.45
N VAL M 41 9.22 16.46 -27.90
CA VAL M 41 10.16 16.29 -29.01
C VAL M 41 9.59 16.92 -30.28
N ILE M 42 8.29 16.73 -30.51
CA ILE M 42 7.65 17.32 -31.70
C ILE M 42 7.72 18.84 -31.63
N ALA M 43 7.41 19.41 -30.47
CA ALA M 43 7.46 20.86 -30.32
C ALA M 43 8.88 21.37 -30.55
N GLN M 44 9.88 20.68 -30.01
CA GLN M 44 11.26 21.10 -30.18
C GLN M 44 11.68 21.03 -31.64
N LEU M 45 11.32 19.94 -32.33
CA LEU M 45 11.67 19.80 -33.73
C LEU M 45 11.04 20.92 -34.56
N LEU M 46 9.75 21.19 -34.34
CA LEU M 46 9.07 22.24 -35.11
C LEU M 46 9.62 23.62 -34.78
N PHE M 47 9.98 23.86 -33.51
CA PHE M 47 10.58 25.15 -33.16
C PHE M 47 11.94 25.32 -33.83
N LEU M 48 12.74 24.25 -33.87
CA LEU M 48 14.03 24.33 -34.54
C LEU M 48 13.87 24.55 -36.03
N GLN M 49 12.85 23.93 -36.64
CA GLN M 49 12.54 24.21 -38.04
C GLN M 49 12.20 25.69 -38.22
N SER M 50 11.34 26.22 -37.35
CA SER M 50 10.98 27.63 -37.43
C SER M 50 12.22 28.51 -37.34
N GLU M 51 13.12 28.22 -36.39
CA GLU M 51 14.35 29.00 -36.27
C GLU M 51 15.15 28.93 -37.57
N SER M 52 15.29 27.74 -38.14
CA SER M 52 16.02 27.57 -39.39
C SER M 52 15.63 26.23 -40.00
N ASN M 53 15.10 26.28 -41.23
CA ASN M 53 14.73 25.06 -41.94
C ASN M 53 15.89 24.43 -42.67
N LYS M 54 17.03 25.12 -42.77
CA LYS M 54 18.19 24.61 -43.47
C LYS M 54 19.19 23.93 -42.54
N LYS M 55 19.44 24.52 -41.38
CA LYS M 55 20.43 23.95 -40.46
C LYS M 55 19.95 22.58 -39.96
N PRO M 56 20.86 21.67 -39.67
CA PRO M 56 20.45 20.33 -39.21
C PRO M 56 19.94 20.38 -37.78
N ILE M 57 19.35 19.26 -37.36
CA ILE M 57 18.84 19.07 -36.01
C ILE M 57 19.39 17.76 -35.49
N HIS M 58 20.00 17.79 -34.30
CA HIS M 58 20.62 16.62 -33.69
C HIS M 58 19.64 15.98 -32.73
N MET M 59 19.48 14.66 -32.84
CA MET M 59 18.58 13.89 -31.99
C MET M 59 19.40 12.82 -31.27
N TYR M 60 19.65 13.03 -29.97
CA TYR M 60 20.34 12.04 -29.17
C TYR M 60 19.34 11.01 -28.66
N ILE M 61 19.65 9.74 -28.87
CA ILE M 61 18.74 8.65 -28.54
C ILE M 61 19.40 7.77 -27.47
N ASN M 62 18.82 7.77 -26.27
CA ASN M 62 19.24 6.89 -25.19
C ASN M 62 17.99 6.33 -24.50
N SER M 63 17.00 5.94 -25.30
CA SER M 63 15.71 5.51 -24.81
C SER M 63 15.60 3.99 -24.86
N PRO M 64 15.06 3.34 -23.83
CA PRO M 64 14.87 1.89 -23.89
C PRO M 64 13.57 1.47 -24.58
N GLY M 65 12.86 2.40 -25.22
CA GLY M 65 11.62 2.10 -25.89
C GLY M 65 10.53 3.10 -25.52
N GLY M 66 9.29 2.64 -25.58
CA GLY M 66 8.15 3.46 -25.21
C GLY M 66 6.94 3.07 -26.03
N VAL M 67 5.97 4.00 -26.08
CA VAL M 67 4.74 3.76 -26.81
C VAL M 67 5.03 3.78 -28.31
N VAL M 68 4.45 2.82 -29.03
CA VAL M 68 4.69 2.74 -30.48
C VAL M 68 4.10 3.96 -31.18
N THR M 69 2.89 4.36 -30.77
CA THR M 69 2.26 5.51 -31.39
C THR M 69 3.07 6.78 -31.16
N ALA M 70 3.67 6.92 -29.98
CA ALA M 70 4.49 8.09 -29.69
C ALA M 70 5.71 8.14 -30.60
N GLY M 71 6.40 7.00 -30.76
CA GLY M 71 7.53 6.95 -31.66
C GLY M 71 7.14 7.22 -33.10
N LEU M 72 5.98 6.71 -33.52
CA LEU M 72 5.52 6.98 -34.88
C LEU M 72 5.19 8.46 -35.08
N ALA M 73 4.63 9.11 -34.05
CA ALA M 73 4.39 10.54 -34.14
C ALA M 73 5.70 11.32 -34.25
N ILE M 74 6.69 10.94 -33.44
CA ILE M 74 7.99 11.59 -33.53
C ILE M 74 8.59 11.40 -34.92
N TYR M 75 8.43 10.19 -35.48
CA TYR M 75 8.96 9.91 -36.82
C TYR M 75 8.25 10.74 -37.88
N ASP M 76 6.93 10.84 -37.78
CA ASP M 76 6.17 11.64 -38.74
C ASP M 76 6.58 13.11 -38.66
N THR M 77 6.83 13.61 -37.44
CA THR M 77 7.29 14.98 -37.31
C THR M 77 8.67 15.16 -37.91
N MET M 78 9.58 14.22 -37.65
CA MET M 78 10.92 14.30 -38.23
C MET M 78 10.85 14.32 -39.76
N GLN M 79 10.00 13.48 -40.34
CA GLN M 79 9.90 13.43 -41.80
C GLN M 79 9.18 14.65 -42.36
N TYR M 80 8.27 15.24 -41.59
CA TYR M 80 7.53 16.39 -42.08
C TYR M 80 8.43 17.60 -42.26
N ILE M 81 9.23 17.91 -41.24
CA ILE M 81 10.11 19.08 -41.30
C ILE M 81 11.19 18.86 -42.36
N LEU M 82 11.62 19.95 -42.98
CA LEU M 82 12.61 19.91 -44.05
C LEU M 82 14.04 19.98 -43.53
N ASN M 83 14.24 19.77 -42.23
CA ASN M 83 15.59 19.84 -41.67
C ASN M 83 16.24 18.46 -41.68
N PRO M 84 17.50 18.35 -42.06
CA PRO M 84 18.18 17.04 -41.98
C PRO M 84 18.44 16.67 -40.52
N ILE M 85 18.06 15.44 -40.16
CA ILE M 85 18.10 14.98 -38.78
C ILE M 85 19.32 14.09 -38.60
N CYS M 86 20.24 14.53 -37.76
CA CYS M 86 21.42 13.74 -37.39
C CYS M 86 21.07 12.95 -36.13
N THR M 87 20.84 11.65 -36.29
CA THR M 87 20.45 10.79 -35.17
C THR M 87 21.71 10.19 -34.55
N TRP M 88 21.99 10.59 -33.31
CA TRP M 88 23.16 10.11 -32.58
C TRP M 88 22.71 9.12 -31.52
N CYS M 89 23.12 7.86 -31.70
CA CYS M 89 22.84 6.82 -30.72
C CYS M 89 23.83 6.93 -29.56
N VAL M 90 23.34 7.35 -28.41
CA VAL M 90 24.18 7.51 -27.23
C VAL M 90 23.70 6.57 -26.13
N GLY M 91 24.56 5.63 -25.74
CA GLY M 91 24.20 4.67 -24.71
C GLY M 91 23.48 3.46 -25.26
N GLN M 92 22.27 3.66 -25.77
CA GLN M 92 21.51 2.57 -26.35
C GLN M 92 20.36 3.15 -27.18
N ALA M 93 20.00 2.43 -28.23
CA ALA M 93 18.86 2.79 -29.08
C ALA M 93 17.97 1.55 -29.18
N ALA M 94 16.96 1.48 -28.33
CA ALA M 94 16.05 0.34 -28.29
C ALA M 94 15.14 0.36 -29.51
N SER M 95 14.17 -0.54 -29.53
CA SER M 95 13.30 -0.72 -30.68
C SER M 95 12.73 0.60 -31.17
N MET M 96 11.90 1.25 -30.34
CA MET M 96 11.21 2.44 -30.80
C MET M 96 12.19 3.58 -31.07
N GLY M 97 13.27 3.67 -30.29
CA GLY M 97 14.32 4.62 -30.60
C GLY M 97 15.10 4.23 -31.84
N SER M 98 15.30 2.93 -32.05
CA SER M 98 16.06 2.49 -33.21
C SER M 98 15.45 2.98 -34.52
N LEU M 99 14.12 2.91 -34.64
CA LEU M 99 13.46 3.52 -35.79
C LEU M 99 13.82 4.99 -35.90
N LEU M 100 13.68 5.74 -34.79
CA LEU M 100 14.10 7.13 -34.79
C LEU M 100 15.58 7.25 -35.14
N LEU M 101 16.39 6.27 -34.77
CA LEU M 101 17.78 6.25 -35.16
C LEU M 101 17.92 5.92 -36.64
N ALA M 102 17.12 4.97 -37.12
CA ALA M 102 17.17 4.61 -38.54
C ALA M 102 16.49 5.66 -39.41
N ALA M 103 15.57 6.43 -38.84
CA ALA M 103 14.83 7.45 -39.57
C ALA M 103 15.68 8.68 -39.87
N GLY M 104 16.96 8.69 -39.49
CA GLY M 104 17.80 9.83 -39.75
C GLY M 104 18.09 10.02 -41.23
N THR M 105 18.67 11.16 -41.54
CA THR M 105 18.99 11.48 -42.92
C THR M 105 20.08 10.54 -43.43
N PRO M 106 20.00 10.05 -44.68
CA PRO M 106 21.08 9.21 -45.21
C PRO M 106 22.44 9.89 -45.12
N GLY M 107 23.35 9.32 -44.35
CA GLY M 107 24.67 9.87 -44.17
C GLY M 107 24.86 10.71 -42.93
N MET M 108 23.91 10.65 -41.98
CA MET M 108 24.02 11.42 -40.74
C MET M 108 23.61 10.60 -39.51
N ARG M 109 23.33 9.31 -39.67
CA ARG M 109 23.00 8.43 -38.55
C ARG M 109 24.30 7.93 -37.94
N HIS M 110 24.63 8.43 -36.76
CA HIS M 110 25.91 8.14 -36.11
C HIS M 110 25.68 7.46 -34.77
N SER M 111 26.71 6.78 -34.28
CA SER M 111 26.63 6.06 -33.02
C SER M 111 28.01 5.99 -32.38
N LEU M 112 28.04 5.84 -31.07
CA LEU M 112 29.28 5.74 -30.33
C LEU M 112 29.74 4.29 -30.23
N PRO M 113 31.00 4.05 -29.86
CA PRO M 113 31.51 2.68 -29.87
C PRO M 113 30.72 1.71 -29.00
N ASN M 114 30.42 2.08 -27.76
CA ASN M 114 29.74 1.18 -26.83
C ASN M 114 28.23 1.29 -26.88
N SER M 115 27.68 2.12 -27.76
CA SER M 115 26.24 2.23 -27.88
C SER M 115 25.64 0.92 -28.40
N ARG M 116 24.38 0.68 -28.05
CA ARG M 116 23.68 -0.55 -28.40
C ARG M 116 22.43 -0.22 -29.19
N ILE M 117 22.19 -0.98 -30.26
CA ILE M 117 21.02 -0.81 -31.12
C ILE M 117 20.21 -2.10 -31.07
N MET M 118 18.90 -1.96 -30.95
CA MET M 118 17.98 -3.10 -30.96
C MET M 118 16.74 -2.73 -31.74
N ILE M 119 16.38 -3.55 -32.73
CA ILE M 119 15.16 -3.34 -33.50
C ILE M 119 14.14 -4.44 -33.29
N HIS M 120 14.25 -5.21 -32.20
CA HIS M 120 13.34 -6.33 -31.99
C HIS M 120 11.89 -5.90 -31.98
N GLN M 121 11.60 -4.74 -31.40
CA GLN M 121 10.22 -4.28 -31.26
C GLN M 121 9.39 -5.37 -30.57
N PRO M 122 9.55 -5.55 -29.26
CA PRO M 122 8.90 -6.69 -28.60
C PRO M 122 7.38 -6.54 -28.53
N SER M 123 6.72 -6.78 -29.67
CA SER M 123 5.26 -6.73 -29.73
C SER M 123 4.65 -8.04 -29.26
N ILE M 135 -4.66 -3.29 -24.94
CA ILE M 135 -4.03 -4.12 -25.95
C ILE M 135 -5.01 -4.40 -27.09
N GLN M 136 -4.50 -4.35 -28.32
CA GLN M 136 -5.32 -4.62 -29.50
C GLN M 136 -4.42 -5.29 -30.54
N ALA M 137 -4.69 -6.56 -30.81
CA ALA M 137 -3.79 -7.35 -31.65
C ALA M 137 -3.68 -6.75 -33.05
N GLU M 138 -4.82 -6.48 -33.70
CA GLU M 138 -4.79 -5.97 -35.07
C GLU M 138 -4.12 -4.60 -35.16
N GLU M 139 -4.36 -3.73 -34.16
CA GLU M 139 -3.75 -2.42 -34.19
C GLU M 139 -2.23 -2.52 -34.08
N ILE M 140 -1.73 -3.32 -33.14
CA ILE M 140 -0.29 -3.46 -32.99
C ILE M 140 0.31 -4.17 -34.21
N MET M 141 -0.46 -5.04 -34.86
CA MET M 141 0.02 -5.67 -36.08
C MET M 141 0.19 -4.65 -37.20
N LYS M 142 -0.81 -3.79 -37.39
CA LYS M 142 -0.69 -2.75 -38.41
C LYS M 142 0.43 -1.77 -38.07
N LEU M 143 0.64 -1.50 -36.78
CA LEU M 143 1.77 -0.66 -36.38
C LEU M 143 3.09 -1.33 -36.72
N LYS M 144 3.19 -2.65 -36.47
CA LYS M 144 4.40 -3.38 -36.82
C LYS M 144 4.63 -3.38 -38.33
N LYS M 145 3.55 -3.46 -39.11
CA LYS M 145 3.69 -3.40 -40.56
C LYS M 145 4.18 -2.03 -41.01
N GLN M 146 3.63 -0.96 -40.43
CA GLN M 146 4.12 0.37 -40.74
C GLN M 146 5.59 0.52 -40.36
N LEU M 147 5.99 -0.06 -39.23
CA LEU M 147 7.40 -0.02 -38.83
C LEU M 147 8.27 -0.79 -39.82
N TYR M 148 7.81 -1.95 -40.27
CA TYR M 148 8.53 -2.70 -41.30
C TYR M 148 8.71 -1.86 -42.54
N ASN M 149 7.65 -1.17 -42.96
CA ASN M 149 7.75 -0.33 -44.16
C ASN M 149 8.75 0.80 -43.95
N ILE M 150 8.71 1.45 -42.78
CA ILE M 150 9.63 2.54 -42.51
C ILE M 150 11.08 2.04 -42.52
N TYR M 151 11.32 0.86 -41.93
CA TYR M 151 12.67 0.31 -41.92
C TYR M 151 13.12 -0.02 -43.33
N ALA M 152 12.26 -0.68 -44.12
CA ALA M 152 12.62 -1.00 -45.49
C ALA M 152 12.92 0.26 -46.29
N LYS M 153 12.21 1.35 -45.99
CA LYS M 153 12.46 2.61 -46.70
C LYS M 153 13.80 3.20 -46.31
N HIS M 154 14.05 3.37 -45.01
CA HIS M 154 15.21 4.11 -44.55
C HIS M 154 16.51 3.30 -44.65
N THR M 155 16.49 2.05 -44.19
CA THR M 155 17.68 1.22 -44.21
C THR M 155 17.97 0.63 -45.59
N LYS M 156 17.11 0.87 -46.57
CA LYS M 156 17.28 0.32 -47.92
C LYS M 156 17.34 -1.21 -47.90
N GLN M 157 16.54 -1.83 -47.04
CA GLN M 157 16.48 -3.27 -46.91
C GLN M 157 15.10 -3.77 -47.31
N SER M 158 15.02 -5.07 -47.58
CA SER M 158 13.76 -5.69 -47.96
C SER M 158 12.91 -6.01 -46.74
N LEU M 159 11.59 -6.06 -46.95
CA LEU M 159 10.68 -6.34 -45.84
C LEU M 159 10.95 -7.72 -45.23
N GLN M 160 11.39 -8.68 -46.04
CA GLN M 160 11.63 -10.03 -45.53
C GLN M 160 12.74 -10.02 -44.49
N VAL M 161 13.90 -9.48 -44.84
CA VAL M 161 15.01 -9.44 -43.88
C VAL M 161 14.67 -8.56 -42.69
N ILE M 162 13.93 -7.47 -42.91
CA ILE M 162 13.52 -6.61 -41.81
C ILE M 162 12.70 -7.40 -40.80
N GLU M 163 11.70 -8.14 -41.29
CA GLU M 163 10.88 -8.94 -40.39
C GLU M 163 11.69 -10.04 -39.72
N SER M 164 12.58 -10.69 -40.46
CA SER M 164 13.40 -11.75 -39.87
C SER M 164 14.26 -11.20 -38.75
N ALA M 165 14.79 -9.98 -38.91
CA ALA M 165 15.58 -9.38 -37.84
C ALA M 165 14.70 -8.95 -36.69
N MET M 166 13.52 -8.41 -36.99
CA MET M 166 12.57 -8.01 -35.94
C MET M 166 12.09 -9.19 -35.11
N GLU M 167 12.11 -10.39 -35.67
CA GLU M 167 11.67 -11.56 -34.92
C GLU M 167 12.69 -11.99 -33.87
N ARG M 168 13.95 -11.58 -34.03
CA ARG M 168 15.01 -11.94 -33.09
C ARG M 168 15.16 -10.84 -32.05
N ASP M 169 15.31 -11.24 -30.78
CA ASP M 169 15.51 -10.30 -29.68
C ASP M 169 17.00 -10.26 -29.35
N ARG M 170 17.66 -9.20 -29.81
CA ARG M 170 19.10 -9.04 -29.60
C ARG M 170 19.49 -7.61 -29.90
N TYR M 171 20.67 -7.23 -29.42
CA TYR M 171 21.22 -5.90 -29.61
C TYR M 171 22.32 -5.95 -30.67
N MET M 172 22.26 -5.02 -31.62
CA MET M 172 23.29 -4.91 -32.64
C MET M 172 24.37 -3.94 -32.21
N SER M 173 25.59 -4.19 -32.69
CA SER M 173 26.71 -3.31 -32.42
C SER M 173 26.71 -2.16 -33.43
N PRO M 174 27.48 -1.10 -33.16
CA PRO M 174 27.52 0.01 -34.12
C PRO M 174 27.90 -0.42 -35.53
N MET M 175 28.88 -1.32 -35.65
CA MET M 175 29.28 -1.78 -36.98
C MET M 175 28.18 -2.62 -37.62
N GLU M 176 27.52 -3.48 -36.84
CA GLU M 176 26.43 -4.29 -37.38
C GLU M 176 25.28 -3.42 -37.83
N ALA M 177 24.89 -2.44 -37.01
CA ALA M 177 23.84 -1.51 -37.41
C ALA M 177 24.27 -0.64 -38.59
N GLN M 178 25.57 -0.42 -38.77
CA GLN M 178 26.05 0.34 -39.92
C GLN M 178 25.94 -0.46 -41.20
N GLU M 179 26.39 -1.72 -41.19
CA GLU M 179 26.28 -2.57 -42.37
C GLU M 179 24.85 -3.04 -42.60
N PHE M 180 24.02 -3.05 -41.55
CA PHE M 180 22.63 -3.44 -41.69
C PHE M 180 21.75 -2.34 -42.28
N GLY M 181 22.20 -1.10 -42.22
CA GLY M 181 21.45 0.02 -42.75
C GLY M 181 20.83 0.93 -41.71
N ILE M 182 21.02 0.65 -40.42
CA ILE M 182 20.46 1.51 -39.38
C ILE M 182 21.38 2.70 -39.13
N LEU M 183 22.68 2.52 -39.31
CA LEU M 183 23.67 3.56 -39.10
C LEU M 183 24.45 3.81 -40.38
N ASP M 184 25.14 4.94 -40.42
CA ASP M 184 25.97 5.34 -41.54
C ASP M 184 27.44 5.43 -41.16
N LYS M 185 27.74 6.13 -40.07
CA LYS M 185 29.11 6.27 -39.58
C LYS M 185 29.20 5.78 -38.13
N VAL M 186 30.40 5.36 -37.75
CA VAL M 186 30.69 4.92 -36.38
C VAL M 186 31.91 5.71 -35.93
N LEU M 187 31.68 6.84 -35.28
CA LEU M 187 32.75 7.72 -34.84
C LEU M 187 33.20 7.37 -33.43
N VAL M 188 34.51 7.51 -33.19
CA VAL M 188 35.09 7.35 -31.86
C VAL M 188 35.55 8.69 -31.30
N HIS M 189 36.10 9.56 -32.14
CA HIS M 189 36.50 10.91 -31.75
C HIS M 189 36.15 11.84 -32.90
N PRO M 190 35.99 13.13 -32.65
CA PRO M 190 35.70 14.07 -33.73
C PRO M 190 36.77 14.03 -34.80
N PRO M 191 36.43 13.60 -36.03
CA PRO M 191 37.45 13.53 -37.08
C PRO M 191 38.06 14.88 -37.41
N GLN M 192 39.38 15.00 -37.23
CA GLN M 192 40.08 16.24 -37.53
C GLN M 192 41.40 15.95 -38.24
N ILE N 1 20.73 22.44 -0.04
CA ILE N 1 21.13 22.98 -1.37
C ILE N 1 20.95 24.50 -1.38
N PRO N 2 21.81 25.20 -0.66
CA PRO N 2 21.70 26.66 -0.59
C PRO N 2 22.31 27.34 -1.81
N ILE N 3 22.12 28.66 -1.88
CA ILE N 3 22.66 29.48 -2.94
C ILE N 3 24.03 29.99 -2.53
N VAL N 4 25.02 29.86 -3.41
CA VAL N 4 26.38 30.29 -3.14
C VAL N 4 26.72 31.45 -4.07
N VAL N 5 27.89 32.05 -3.86
CA VAL N 5 28.35 33.16 -4.66
C VAL N 5 29.74 32.87 -5.20
N ARG N 13 27.09 35.30 -8.65
CA ARG N 13 25.87 36.03 -8.93
C ARG N 13 24.64 35.15 -8.70
N ALA N 14 24.37 34.85 -7.43
CA ALA N 14 23.23 34.02 -7.05
C ALA N 14 23.26 32.68 -7.77
N TYR N 15 24.37 31.97 -7.61
CA TYR N 15 24.58 30.66 -8.21
C TYR N 15 24.31 29.57 -7.18
N ASP N 16 23.67 28.49 -7.63
CA ASP N 16 23.48 27.32 -6.79
C ASP N 16 24.80 26.58 -6.60
N ILE N 17 24.85 25.77 -5.55
CA ILE N 17 26.08 25.04 -5.25
C ILE N 17 26.47 24.17 -6.45
N TYR N 18 25.52 23.40 -6.98
CA TYR N 18 25.80 22.56 -8.13
C TYR N 18 26.03 23.37 -9.40
N SER N 19 25.52 24.59 -9.47
CA SER N 19 25.76 25.44 -10.63
C SER N 19 27.20 25.93 -10.64
N ARG N 20 27.66 26.52 -9.53
CA ARG N 20 29.06 26.92 -9.45
C ARG N 20 29.98 25.72 -9.57
N LEU N 21 29.53 24.55 -9.07
CA LEU N 21 30.31 23.34 -9.22
C LEU N 21 30.63 23.09 -10.68
N LEU N 22 29.61 23.12 -11.54
CA LEU N 22 29.84 22.93 -12.97
C LEU N 22 30.63 24.09 -13.56
N ARG N 23 30.64 25.22 -12.88
CA ARG N 23 31.44 26.34 -13.35
C ARG N 23 32.90 26.24 -12.93
N GLU N 24 33.25 25.17 -12.22
CA GLU N 24 34.64 24.94 -11.85
C GLU N 24 35.03 23.72 -12.59
N ARG N 25 34.43 23.49 -13.75
CA ARG N 25 34.70 22.33 -14.60
C ARG N 25 34.60 21.05 -13.91
N ILE N 26 33.72 21.03 -12.95
CA ILE N 26 33.61 19.86 -12.22
C ILE N 26 32.32 19.25 -12.49
N VAL N 27 32.34 18.01 -12.80
CA VAL N 27 31.15 17.20 -12.97
C VAL N 27 31.11 16.18 -11.84
N CYS N 28 29.96 16.05 -11.20
CA CYS N 28 29.79 15.18 -10.04
C CYS N 28 28.83 14.05 -10.39
N VAL N 29 29.37 12.85 -10.54
CA VAL N 29 28.55 11.66 -10.75
C VAL N 29 28.22 11.06 -9.39
N MET N 30 27.16 11.56 -8.76
CA MET N 30 26.78 11.17 -7.42
C MET N 30 25.57 10.25 -7.47
N GLY N 31 25.51 9.31 -6.52
CA GLY N 31 24.40 8.39 -6.43
C GLY N 31 24.37 7.40 -7.59
N PRO N 32 23.34 6.57 -7.64
CA PRO N 32 23.23 5.62 -8.74
C PRO N 32 23.16 6.32 -10.09
N ILE N 33 23.73 5.67 -11.11
CA ILE N 33 23.76 6.22 -12.46
C ILE N 33 22.55 5.68 -13.22
N ASP N 34 21.70 6.60 -13.66
CA ASP N 34 20.49 6.27 -14.41
C ASP N 34 20.50 7.04 -15.73
N ASP N 35 19.40 6.92 -16.47
CA ASP N 35 19.31 7.59 -17.77
C ASP N 35 19.37 9.10 -17.61
N SER N 36 18.65 9.65 -16.62
CA SER N 36 18.65 11.09 -16.42
C SER N 36 20.01 11.58 -15.97
N VAL N 37 20.62 10.88 -15.01
CA VAL N 37 21.95 11.27 -14.53
C VAL N 37 22.96 11.16 -15.66
N ALA N 38 22.84 10.12 -16.48
CA ALA N 38 23.75 9.95 -17.61
C ALA N 38 23.61 11.10 -18.61
N SER N 39 22.37 11.46 -18.94
CA SER N 39 22.16 12.58 -19.85
C SER N 39 22.71 13.87 -19.27
N LEU N 40 22.52 14.08 -17.97
CA LEU N 40 23.04 15.28 -17.33
C LEU N 40 24.56 15.33 -17.41
N VAL N 41 25.21 14.20 -17.10
CA VAL N 41 26.68 14.15 -17.13
C VAL N 41 27.18 14.40 -18.56
N ILE N 42 26.52 13.79 -19.54
CA ILE N 42 26.93 13.97 -20.93
C ILE N 42 26.79 15.43 -21.34
N ALA N 43 25.67 16.05 -20.98
CA ALA N 43 25.45 17.46 -21.32
C ALA N 43 26.49 18.35 -20.65
N GLN N 44 26.81 18.08 -19.38
CA GLN N 44 27.80 18.89 -18.68
C GLN N 44 29.17 18.72 -19.32
N LEU N 45 29.56 17.50 -19.67
CA LEU N 45 30.84 17.27 -20.31
C LEU N 45 30.92 18.01 -21.64
N LEU N 46 29.87 17.91 -22.46
CA LEU N 46 29.89 18.56 -23.76
C LEU N 46 29.89 20.08 -23.62
N PHE N 47 29.17 20.61 -22.62
CA PHE N 47 29.19 22.05 -22.39
C PHE N 47 30.56 22.52 -21.95
N LEU N 48 31.22 21.75 -21.08
CA LEU N 48 32.57 22.12 -20.66
C LEU N 48 33.54 22.06 -21.84
N GLN N 49 33.38 21.08 -22.73
CA GLN N 49 34.18 21.05 -23.94
C GLN N 49 33.93 22.31 -24.78
N SER N 50 32.66 22.69 -24.93
CA SER N 50 32.33 23.90 -25.68
C SER N 50 33.00 25.13 -25.09
N GLU N 51 32.96 25.26 -23.76
CA GLU N 51 33.64 26.39 -23.12
C GLU N 51 35.14 26.35 -23.39
N SER N 52 35.73 25.15 -23.37
CA SER N 52 37.15 24.99 -23.68
C SER N 52 37.46 23.53 -23.95
N ASN N 53 38.07 23.24 -25.09
CA ASN N 53 38.39 21.87 -25.46
C ASN N 53 39.73 21.40 -24.92
N LYS N 54 40.56 22.31 -24.42
CA LYS N 54 41.88 21.97 -23.90
C LYS N 54 41.94 21.94 -22.38
N LYS N 55 41.16 22.79 -21.71
CA LYS N 55 41.19 22.81 -20.26
C LYS N 55 40.68 21.48 -19.70
N PRO N 56 41.21 21.00 -18.59
CA PRO N 56 40.77 19.71 -18.05
C PRO N 56 39.38 19.79 -17.46
N ILE N 57 38.79 18.62 -17.24
CA ILE N 57 37.47 18.49 -16.63
C ILE N 57 37.58 17.48 -15.49
N HIS N 58 37.11 17.88 -14.31
CA HIS N 58 37.19 17.05 -13.11
C HIS N 58 35.87 16.30 -12.94
N MET N 59 35.96 14.98 -12.79
CA MET N 59 34.80 14.12 -12.61
C MET N 59 34.89 13.47 -11.23
N TYR N 60 34.08 13.97 -10.29
CA TYR N 60 34.00 13.36 -8.97
C TYR N 60 33.07 12.15 -9.02
N ILE N 61 33.55 11.02 -8.55
CA ILE N 61 32.84 9.75 -8.66
C ILE N 61 32.50 9.25 -7.27
N ASN N 62 31.20 9.16 -6.97
CA ASN N 62 30.70 8.53 -5.75
C ASN N 62 29.32 7.94 -6.08
N SER N 63 29.32 6.65 -6.41
CA SER N 63 28.11 5.96 -6.83
C SER N 63 28.13 4.52 -6.32
N PRO N 64 27.00 3.99 -5.85
CA PRO N 64 26.93 2.58 -5.46
C PRO N 64 26.70 1.62 -6.62
N GLY N 65 26.74 2.11 -7.86
CA GLY N 65 26.49 1.27 -9.01
C GLY N 65 25.93 2.06 -10.17
N GLY N 66 24.82 1.60 -10.75
CA GLY N 66 24.14 2.27 -11.83
C GLY N 66 23.81 1.32 -12.94
N VAL N 67 23.46 1.88 -14.10
CA VAL N 67 23.09 1.11 -15.28
C VAL N 67 24.33 0.93 -16.15
N VAL N 68 24.44 -0.25 -16.77
CA VAL N 68 25.61 -0.52 -17.62
C VAL N 68 25.61 0.41 -18.83
N THR N 69 24.47 0.53 -19.50
CA THR N 69 24.39 1.39 -20.68
C THR N 69 24.65 2.86 -20.32
N ALA N 70 24.19 3.30 -19.14
CA ALA N 70 24.44 4.67 -18.72
C ALA N 70 25.93 4.93 -18.52
N GLY N 71 26.62 4.03 -17.81
CA GLY N 71 28.05 4.18 -17.62
C GLY N 71 28.81 4.12 -18.93
N LEU N 72 28.36 3.25 -19.85
CA LEU N 72 29.03 3.17 -21.15
C LEU N 72 28.81 4.45 -21.96
N ALA N 73 27.63 5.05 -21.86
CA ALA N 73 27.39 6.33 -22.51
C ALA N 73 28.30 7.42 -21.94
N ILE N 74 28.40 7.46 -20.61
CA ILE N 74 29.28 8.45 -19.98
C ILE N 74 30.73 8.23 -20.43
N TYR N 75 31.15 6.97 -20.52
CA TYR N 75 32.52 6.67 -20.95
C TYR N 75 32.75 7.09 -22.39
N ASP N 76 31.78 6.80 -23.26
CA ASP N 76 31.91 7.21 -24.66
C ASP N 76 31.97 8.72 -24.79
N THR N 77 31.19 9.44 -23.98
CA THR N 77 31.25 10.90 -24.01
C THR N 77 32.60 11.40 -23.51
N MET N 78 33.13 10.80 -22.44
CA MET N 78 34.43 11.20 -21.93
C MET N 78 35.51 10.98 -22.97
N GLN N 79 35.47 9.85 -23.67
CA GLN N 79 36.50 9.54 -24.67
C GLN N 79 36.32 10.41 -25.92
N TYR N 80 35.08 10.79 -26.23
CA TYR N 80 34.83 11.58 -27.43
C TYR N 80 35.40 12.98 -27.30
N ILE N 81 35.16 13.64 -26.16
CA ILE N 81 35.64 15.00 -25.98
C ILE N 81 37.15 15.00 -25.85
N LEU N 82 37.79 16.05 -26.38
CA LEU N 82 39.24 16.14 -26.37
C LEU N 82 39.81 16.58 -25.03
N ASN N 83 38.96 16.99 -24.10
CA ASN N 83 39.44 17.48 -22.83
C ASN N 83 40.01 16.32 -22.00
N PRO N 84 41.12 16.53 -21.28
CA PRO N 84 41.60 15.48 -20.37
C PRO N 84 40.72 15.42 -19.13
N ILE N 85 40.33 14.20 -18.76
CA ILE N 85 39.38 13.97 -17.68
C ILE N 85 40.13 13.50 -16.44
N CYS N 86 40.09 14.31 -15.40
CA CYS N 86 40.67 13.96 -14.11
C CYS N 86 39.58 13.32 -13.26
N THR N 87 39.66 12.01 -13.09
CA THR N 87 38.66 11.26 -12.34
C THR N 87 39.08 11.19 -10.88
N TRP N 88 38.30 11.82 -10.00
CA TRP N 88 38.58 11.87 -8.57
C TRP N 88 37.58 10.99 -7.85
N CYS N 89 38.08 9.91 -7.24
CA CYS N 89 37.24 9.01 -6.44
C CYS N 89 37.06 9.61 -5.05
N VAL N 90 35.89 10.16 -4.78
CA VAL N 90 35.59 10.76 -3.49
C VAL N 90 34.44 9.99 -2.85
N GLY N 91 34.77 9.01 -2.03
CA GLY N 91 33.77 8.16 -1.41
C GLY N 91 33.94 6.71 -1.79
N GLN N 92 32.99 6.16 -2.55
CA GLN N 92 33.08 4.80 -3.05
C GLN N 92 32.90 4.82 -4.56
N ALA N 93 33.65 3.92 -5.22
CA ALA N 93 33.60 3.77 -6.68
C ALA N 93 33.09 2.36 -6.98
N ALA N 94 31.81 2.26 -7.33
CA ALA N 94 31.19 0.98 -7.61
C ALA N 94 31.60 0.51 -9.01
N SER N 95 30.94 -0.52 -9.52
CA SER N 95 31.25 -1.08 -10.83
C SER N 95 31.38 0.01 -11.88
N MET N 96 30.29 0.73 -12.14
CA MET N 96 30.32 1.79 -13.15
C MET N 96 31.14 2.98 -12.66
N GLY N 97 31.03 3.30 -11.37
CA GLY N 97 31.86 4.35 -10.81
C GLY N 97 33.34 4.06 -11.00
N SER N 98 33.78 2.87 -10.60
CA SER N 98 35.18 2.48 -10.79
C SER N 98 35.58 2.37 -12.25
N LEU N 99 34.64 2.00 -13.13
CA LEU N 99 34.96 1.95 -14.56
C LEU N 99 35.22 3.35 -15.10
N LEU N 100 34.34 4.30 -14.79
CA LEU N 100 34.57 5.68 -15.18
C LEU N 100 35.84 6.23 -14.54
N LEU N 101 36.15 5.77 -13.31
CA LEU N 101 37.38 6.20 -12.66
C LEU N 101 38.60 5.75 -13.43
N ALA N 102 38.66 4.47 -13.80
CA ALA N 102 39.79 3.96 -14.57
C ALA N 102 39.81 4.56 -15.97
N ALA N 103 38.68 5.03 -16.47
CA ALA N 103 38.59 5.60 -17.81
C ALA N 103 39.14 7.03 -17.89
N GLY N 104 39.75 7.53 -16.83
CA GLY N 104 40.30 8.86 -16.85
C GLY N 104 41.60 8.95 -17.62
N THR N 105 42.03 10.18 -17.87
CA THR N 105 43.27 10.41 -18.60
C THR N 105 44.45 9.84 -17.80
N PRO N 106 45.38 9.13 -18.44
CA PRO N 106 46.53 8.61 -17.70
C PRO N 106 47.28 9.72 -16.99
N GLY N 107 47.69 9.44 -15.76
CA GLY N 107 48.41 10.40 -14.94
C GLY N 107 47.54 11.42 -14.26
N MET N 108 46.21 11.28 -14.31
CA MET N 108 45.32 12.24 -13.68
C MET N 108 44.17 11.59 -12.92
N ARG N 109 44.24 10.27 -12.67
CA ARG N 109 43.22 9.57 -11.91
C ARG N 109 43.62 9.58 -10.43
N HIS N 110 42.83 10.26 -9.61
CA HIS N 110 43.15 10.46 -8.21
C HIS N 110 42.07 9.84 -7.32
N SER N 111 42.47 9.54 -6.08
CA SER N 111 41.55 8.99 -5.09
C SER N 111 42.00 9.41 -3.70
N LEU N 112 41.02 9.67 -2.83
CA LEU N 112 41.32 10.09 -1.48
C LEU N 112 41.80 8.90 -0.64
N PRO N 113 42.40 9.16 0.52
CA PRO N 113 43.02 8.05 1.28
C PRO N 113 42.04 6.98 1.70
N ASN N 114 40.80 7.33 2.05
CA ASN N 114 39.84 6.37 2.57
C ASN N 114 38.75 6.00 1.56
N SER N 115 38.94 6.32 0.28
CA SER N 115 37.96 5.96 -0.73
C SER N 115 37.99 4.45 -1.00
N ARG N 116 36.91 3.95 -1.59
CA ARG N 116 36.76 2.53 -1.88
C ARG N 116 36.48 2.36 -3.37
N ILE N 117 37.15 1.39 -3.99
CA ILE N 117 37.01 1.09 -5.41
C ILE N 117 36.55 -0.36 -5.53
N MET N 118 35.63 -0.62 -6.47
CA MET N 118 35.14 -1.96 -6.74
C MET N 118 34.75 -2.05 -8.21
N ILE N 119 35.44 -2.92 -8.96
CA ILE N 119 35.11 -3.15 -10.36
C ILE N 119 34.33 -4.43 -10.56
N HIS N 120 33.86 -5.08 -9.48
CA HIS N 120 33.27 -6.40 -9.58
C HIS N 120 32.20 -6.49 -10.68
N GLN N 121 31.37 -5.45 -10.81
CA GLN N 121 30.28 -5.51 -11.78
C GLN N 121 29.43 -6.75 -11.54
N PRO N 122 28.58 -6.74 -10.50
CA PRO N 122 27.85 -7.98 -10.16
C PRO N 122 26.78 -8.34 -11.19
N SER N 123 27.22 -8.67 -12.40
CA SER N 123 26.32 -9.07 -13.48
C SER N 123 25.67 -10.41 -13.18
N ILE N 135 14.94 -8.88 -19.59
CA ILE N 135 16.28 -9.37 -19.32
C ILE N 135 16.85 -10.05 -20.56
N GLN N 136 18.09 -9.72 -20.90
CA GLN N 136 18.78 -10.31 -22.05
C GLN N 136 20.19 -10.71 -21.60
N ALA N 137 20.40 -12.01 -21.41
CA ALA N 137 21.68 -12.50 -20.91
C ALA N 137 22.80 -12.20 -21.89
N GLU N 138 22.57 -12.45 -23.19
CA GLU N 138 23.62 -12.23 -24.18
C GLU N 138 24.00 -10.76 -24.27
N GLU N 139 23.04 -9.86 -24.19
CA GLU N 139 23.34 -8.44 -24.26
C GLU N 139 24.22 -8.01 -23.09
N ILE N 140 23.84 -8.39 -21.87
CA ILE N 140 24.64 -8.00 -20.71
C ILE N 140 26.00 -8.67 -20.74
N MET N 141 26.09 -9.88 -21.29
CA MET N 141 27.40 -10.53 -21.39
C MET N 141 28.30 -9.81 -22.38
N LYS N 142 27.75 -9.37 -23.52
CA LYS N 142 28.54 -8.60 -24.47
C LYS N 142 28.95 -7.25 -23.87
N LEU N 143 28.07 -6.63 -23.08
CA LEU N 143 28.45 -5.41 -22.38
C LEU N 143 29.58 -5.70 -21.40
N LYS N 144 29.54 -6.85 -20.73
CA LYS N 144 30.60 -7.23 -19.81
C LYS N 144 31.92 -7.41 -20.56
N LYS N 145 31.85 -7.99 -21.76
CA LYS N 145 33.06 -8.13 -22.57
C LYS N 145 33.60 -6.77 -22.98
N GLN N 146 32.69 -5.84 -23.32
CA GLN N 146 33.12 -4.48 -23.64
C GLN N 146 33.80 -3.83 -22.43
N LEU N 147 33.27 -4.06 -21.23
CA LEU N 147 33.91 -3.54 -20.03
C LEU N 147 35.28 -4.17 -19.83
N TYR N 148 35.41 -5.47 -20.07
CA TYR N 148 36.71 -6.13 -20.01
C TYR N 148 37.70 -5.44 -20.94
N ASN N 149 37.27 -5.18 -22.19
CA ASN N 149 38.15 -4.53 -23.16
C ASN N 149 38.54 -3.12 -22.71
N ILE N 150 37.58 -2.37 -22.18
CA ILE N 150 37.87 -1.00 -21.74
C ILE N 150 38.87 -1.02 -20.60
N TYR N 151 38.70 -1.95 -19.65
CA TYR N 151 39.64 -2.07 -18.55
C TYR N 151 41.03 -2.45 -19.06
N ALA N 152 41.10 -3.44 -19.94
CA ALA N 152 42.39 -3.85 -20.50
C ALA N 152 43.06 -2.68 -21.21
N LYS N 153 42.27 -1.83 -21.86
CA LYS N 153 42.84 -0.67 -22.55
C LYS N 153 43.38 0.36 -21.57
N HIS N 154 42.57 0.76 -20.60
CA HIS N 154 42.93 1.88 -19.74
C HIS N 154 43.91 1.50 -18.64
N THR N 155 43.65 0.42 -17.91
CA THR N 155 44.53 0.00 -16.82
C THR N 155 45.79 -0.70 -17.33
N LYS N 156 45.95 -0.86 -18.65
CA LYS N 156 47.11 -1.50 -19.24
C LYS N 156 47.27 -2.95 -18.79
N GLN N 157 46.20 -3.55 -18.28
CA GLN N 157 46.23 -4.93 -17.83
C GLN N 157 45.69 -5.86 -18.90
N SER N 158 45.96 -7.16 -18.74
CA SER N 158 45.50 -8.16 -19.69
C SER N 158 44.05 -8.55 -19.38
N LEU N 159 43.37 -9.05 -20.40
CA LEU N 159 41.98 -9.44 -20.24
C LEU N 159 41.83 -10.55 -19.20
N GLN N 160 42.79 -11.47 -19.13
CA GLN N 160 42.69 -12.57 -18.18
C GLN N 160 42.66 -12.08 -16.74
N VAL N 161 43.63 -11.24 -16.37
CA VAL N 161 43.66 -10.74 -15.00
C VAL N 161 42.46 -9.84 -14.73
N ILE N 162 42.01 -9.08 -15.73
CA ILE N 162 40.82 -8.24 -15.54
C ILE N 162 39.62 -9.11 -15.20
N GLU N 163 39.41 -10.18 -15.97
CA GLU N 163 38.29 -11.07 -15.70
C GLU N 163 38.43 -11.74 -14.33
N SER N 164 39.64 -12.19 -14.00
CA SER N 164 39.85 -12.83 -12.71
C SER N 164 39.54 -11.88 -11.56
N ALA N 165 39.92 -10.61 -11.70
CA ALA N 165 39.64 -9.63 -10.65
C ALA N 165 38.15 -9.32 -10.57
N MET N 166 37.50 -9.14 -11.73
CA MET N 166 36.08 -8.84 -11.76
C MET N 166 35.24 -10.01 -11.30
N GLU N 167 35.78 -11.23 -11.28
CA GLU N 167 35.04 -12.37 -10.75
C GLU N 167 34.94 -12.31 -9.23
N ARG N 168 35.89 -11.64 -8.58
CA ARG N 168 35.91 -11.52 -7.14
C ARG N 168 35.07 -10.32 -6.71
N ASP N 169 34.20 -10.53 -5.72
CA ASP N 169 33.35 -9.45 -5.19
C ASP N 169 34.04 -8.88 -3.96
N ARG N 170 34.75 -7.76 -4.15
CA ARG N 170 35.49 -7.13 -3.07
C ARG N 170 35.83 -5.71 -3.49
N TYR N 171 36.17 -4.90 -2.49
CA TYR N 171 36.54 -3.50 -2.69
C TYR N 171 38.05 -3.35 -2.61
N MET N 172 38.61 -2.63 -3.58
CA MET N 172 40.04 -2.34 -3.57
C MET N 172 40.32 -1.03 -2.87
N SER N 173 41.45 -0.96 -2.19
CA SER N 173 41.87 0.26 -1.53
C SER N 173 42.51 1.20 -2.55
N PRO N 174 42.66 2.48 -2.20
CA PRO N 174 43.30 3.40 -3.16
C PRO N 174 44.67 2.95 -3.61
N MET N 175 45.50 2.45 -2.68
CA MET N 175 46.82 1.96 -3.07
C MET N 175 46.70 0.71 -3.93
N GLU N 176 45.81 -0.22 -3.55
CA GLU N 176 45.62 -1.43 -4.34
C GLU N 176 45.12 -1.09 -5.74
N ALA N 177 44.12 -0.20 -5.83
CA ALA N 177 43.63 0.23 -7.13
C ALA N 177 44.70 0.94 -7.94
N GLN N 178 45.62 1.65 -7.29
CA GLN N 178 46.73 2.27 -8.00
C GLN N 178 47.69 1.21 -8.55
N GLU N 179 47.99 0.18 -7.76
CA GLU N 179 48.84 -0.90 -8.25
C GLU N 179 48.16 -1.65 -9.39
N PHE N 180 46.86 -1.88 -9.29
CA PHE N 180 46.12 -2.58 -10.32
C PHE N 180 45.98 -1.78 -11.61
N GLY N 181 46.32 -0.49 -11.59
CA GLY N 181 46.21 0.35 -12.75
C GLY N 181 44.95 1.17 -12.83
N ILE N 182 44.06 1.08 -11.84
CA ILE N 182 42.83 1.87 -11.86
C ILE N 182 43.11 3.31 -11.47
N LEU N 183 44.13 3.55 -10.64
CA LEU N 183 44.47 4.88 -10.16
C LEU N 183 45.91 5.21 -10.52
N ASP N 184 46.20 6.50 -10.58
CA ASP N 184 47.55 6.98 -10.85
C ASP N 184 48.17 7.65 -9.63
N LYS N 185 47.36 8.26 -8.77
CA LYS N 185 47.84 8.93 -7.57
C LYS N 185 46.83 8.75 -6.45
N VAL N 186 47.33 8.79 -5.22
CA VAL N 186 46.50 8.73 -4.01
C VAL N 186 46.93 9.92 -3.16
N LEU N 187 46.24 11.05 -3.30
CA LEU N 187 46.60 12.27 -2.59
C LEU N 187 45.95 12.31 -1.22
N VAL N 188 46.72 12.76 -0.24
CA VAL N 188 46.23 13.00 1.12
C VAL N 188 46.00 14.48 1.37
N HIS N 189 46.85 15.34 0.83
CA HIS N 189 46.74 16.78 0.95
C HIS N 189 47.25 17.41 -0.33
N PRO N 190 46.83 18.63 -0.66
CA PRO N 190 47.34 19.28 -1.86
C PRO N 190 48.85 19.42 -1.82
N PRO N 191 49.58 18.75 -2.72
CA PRO N 191 51.05 18.80 -2.66
C PRO N 191 51.61 20.19 -2.89
N GLN N 192 52.22 20.77 -1.86
CA GLN N 192 52.87 22.07 -1.98
C GLN N 192 54.22 22.05 -1.28
#